data_5ZRH
# 
_entry.id   5ZRH 
# 
_audit_conform.dict_name       mmcif_pdbx.dic 
_audit_conform.dict_version    5.380 
_audit_conform.dict_location   http://mmcif.pdb.org/dictionaries/ascii/mmcif_pdbx.dic 
# 
loop_
_database_2.database_id 
_database_2.database_code 
_database_2.pdbx_database_accession 
_database_2.pdbx_DOI 
PDB   5ZRH         pdb_00005zrh 10.2210/pdb5zrh/pdb 
WWPDB D_1300007535 ?            ?                   
# 
loop_
_pdbx_database_related.db_name 
_pdbx_database_related.details 
_pdbx_database_related.db_id 
_pdbx_database_related.content_type 
PDB . 5ZRC unspecified 
PDB . 5ZRG unspecified 
# 
_pdbx_database_status.status_code                     REL 
_pdbx_database_status.status_code_sf                  REL 
_pdbx_database_status.status_code_mr                  ? 
_pdbx_database_status.entry_id                        5ZRH 
_pdbx_database_status.recvd_initial_deposition_date   2018-04-24 
_pdbx_database_status.SG_entry                        N 
_pdbx_database_status.deposit_site                    PDBJ 
_pdbx_database_status.process_site                    PDBJ 
_pdbx_database_status.status_code_cs                  ? 
_pdbx_database_status.methods_development_category    ? 
_pdbx_database_status.pdb_format_compatible           Y 
_pdbx_database_status.status_code_nmr_data            ? 
# 
loop_
_audit_author.name 
_audit_author.pdbx_ordinal 
_audit_author.identifier_ORCID 
'Singh, A.'    1 ? 
'Arif, S.M.'   2 ? 
'Sang, P.B.'   3 ? 
'Varshney, U.' 4 ? 
'Vijayan, M.'  5 ? 
# 
_citation.abstract                  ? 
_citation.abstract_id_CAS           ? 
_citation.book_id_ISBN              ? 
_citation.book_publisher            ? 
_citation.book_publisher_city       ? 
_citation.book_title                ? 
_citation.coordinate_linkage        ? 
_citation.country                   US 
_citation.database_id_Medline       ? 
_citation.details                   ? 
_citation.id                        primary 
_citation.journal_abbrev            J.Struct.Biol. 
_citation.journal_id_ASTM           JSBIEM 
_citation.journal_id_CSD            0803 
_citation.journal_id_ISSN           1095-8657 
_citation.journal_full              ? 
_citation.journal_issue             ? 
_citation.journal_volume            204 
_citation.language                  ? 
_citation.page_first                449 
_citation.page_last                 456 
_citation.title                     
'Structural insights into the specificity and catalytic mechanism of mycobacterial nucleotide pool sanitizing enzyme MutT2.' 
_citation.year                      2018 
_citation.database_id_CSD           ? 
_citation.pdbx_database_id_DOI      10.1016/j.jsb.2018.10.002 
_citation.pdbx_database_id_PubMed   30312643 
_citation.unpublished_flag          ? 
# 
loop_
_citation_author.citation_id 
_citation_author.name 
_citation_author.ordinal 
_citation_author.identifier_ORCID 
primary 'Singh, A.'         1 ? 
primary 'Mohammad Arif, S.' 2 ? 
primary 'Biak Sang, P.'     3 ? 
primary 'Varshney, U.'      4 ? 
primary 'Vijayan, M.'       5 ? 
# 
_cell.angle_alpha                  90.00 
_cell.angle_alpha_esd              ? 
_cell.angle_beta                   90.00 
_cell.angle_beta_esd               ? 
_cell.angle_gamma                  90.00 
_cell.angle_gamma_esd              ? 
_cell.entry_id                     5ZRH 
_cell.details                      ? 
_cell.formula_units_Z              ? 
_cell.length_a                     65.640 
_cell.length_a_esd                 ? 
_cell.length_b                     59.550 
_cell.length_b_esd                 ? 
_cell.length_c                     31.290 
_cell.length_c_esd                 ? 
_cell.volume                       ? 
_cell.volume_esd                   ? 
_cell.Z_PDB                        4 
_cell.reciprocal_angle_alpha       ? 
_cell.reciprocal_angle_beta        ? 
_cell.reciprocal_angle_gamma       ? 
_cell.reciprocal_angle_alpha_esd   ? 
_cell.reciprocal_angle_beta_esd    ? 
_cell.reciprocal_angle_gamma_esd   ? 
_cell.reciprocal_length_a          ? 
_cell.reciprocal_length_b          ? 
_cell.reciprocal_length_c          ? 
_cell.reciprocal_length_a_esd      ? 
_cell.reciprocal_length_b_esd      ? 
_cell.reciprocal_length_c_esd      ? 
_cell.pdbx_unique_axis             ? 
# 
_symmetry.entry_id                         5ZRH 
_symmetry.cell_setting                     ? 
_symmetry.Int_Tables_number                18 
_symmetry.space_group_name_Hall            ? 
_symmetry.space_group_name_H-M             'P 21 21 2' 
_symmetry.pdbx_full_space_group_name_H-M   ? 
# 
loop_
_entity.id 
_entity.type 
_entity.src_method 
_entity.pdbx_description 
_entity.formula_weight 
_entity.pdbx_number_of_molecules 
_entity.pdbx_ec 
_entity.pdbx_mutation 
_entity.pdbx_fragment 
_entity.details 
1 polymer     man 'Putative mutator protein MutT2/NUDIX hydrolase' 16081.142 1   ? ? ? ? 
2 non-polymer man 1,2-ETHANEDIOL                                   62.068    1   ? ? ? ? 
3 non-polymer syn "CYTIDINE-5'-MONOPHOSPHATE"                      323.197   1   ? ? ? ? 
4 water       nat water                                            18.015    179 ? ? ? ? 
# 
_entity_name_com.entity_id   1 
_entity_name_com.name        'M. smegmatis antimutator protein MutT2 i' 
# 
_entity_poly.entity_id                      1 
_entity_poly.type                           'polypeptide(L)' 
_entity_poly.nstd_linkage                   no 
_entity_poly.nstd_monomer                   no 
_entity_poly.pdbx_seq_one_letter_code       
;MGSSHHHHHHSSGLVPRGSHMTKQIVVAGALISRGTLLVAQRDRPAELAGLWELPGGKVTPGESDADALARELREELGVD
VAVGERLGADVALNDAMTLRAYRVTLRSGSPHPHDHRALRWVGADEIDGLAWVPADRAWVPDLVAALSGR
;
_entity_poly.pdbx_seq_one_letter_code_can   
;MGSSHHHHHHSSGLVPRGSHMTKQIVVAGALISRGTLLVAQRDRPAELAGLWELPGGKVTPGESDADALARELREELGVD
VAVGERLGADVALNDAMTLRAYRVTLRSGSPHPHDHRALRWVGADEIDGLAWVPADRAWVPDLVAALSGR
;
_entity_poly.pdbx_strand_id                 A 
_entity_poly.pdbx_target_identifier         ? 
# 
loop_
_entity_poly_seq.entity_id 
_entity_poly_seq.num 
_entity_poly_seq.mon_id 
_entity_poly_seq.hetero 
1 1   MET n 
1 2   GLY n 
1 3   SER n 
1 4   SER n 
1 5   HIS n 
1 6   HIS n 
1 7   HIS n 
1 8   HIS n 
1 9   HIS n 
1 10  HIS n 
1 11  SER n 
1 12  SER n 
1 13  GLY n 
1 14  LEU n 
1 15  VAL n 
1 16  PRO n 
1 17  ARG n 
1 18  GLY n 
1 19  SER n 
1 20  HIS n 
1 21  MET n 
1 22  THR n 
1 23  LYS n 
1 24  GLN n 
1 25  ILE n 
1 26  VAL n 
1 27  VAL n 
1 28  ALA n 
1 29  GLY n 
1 30  ALA n 
1 31  LEU n 
1 32  ILE n 
1 33  SER n 
1 34  ARG n 
1 35  GLY n 
1 36  THR n 
1 37  LEU n 
1 38  LEU n 
1 39  VAL n 
1 40  ALA n 
1 41  GLN n 
1 42  ARG n 
1 43  ASP n 
1 44  ARG n 
1 45  PRO n 
1 46  ALA n 
1 47  GLU n 
1 48  LEU n 
1 49  ALA n 
1 50  GLY n 
1 51  LEU n 
1 52  TRP n 
1 53  GLU n 
1 54  LEU n 
1 55  PRO n 
1 56  GLY n 
1 57  GLY n 
1 58  LYS n 
1 59  VAL n 
1 60  THR n 
1 61  PRO n 
1 62  GLY n 
1 63  GLU n 
1 64  SER n 
1 65  ASP n 
1 66  ALA n 
1 67  ASP n 
1 68  ALA n 
1 69  LEU n 
1 70  ALA n 
1 71  ARG n 
1 72  GLU n 
1 73  LEU n 
1 74  ARG n 
1 75  GLU n 
1 76  GLU n 
1 77  LEU n 
1 78  GLY n 
1 79  VAL n 
1 80  ASP n 
1 81  VAL n 
1 82  ALA n 
1 83  VAL n 
1 84  GLY n 
1 85  GLU n 
1 86  ARG n 
1 87  LEU n 
1 88  GLY n 
1 89  ALA n 
1 90  ASP n 
1 91  VAL n 
1 92  ALA n 
1 93  LEU n 
1 94  ASN n 
1 95  ASP n 
1 96  ALA n 
1 97  MET n 
1 98  THR n 
1 99  LEU n 
1 100 ARG n 
1 101 ALA n 
1 102 TYR n 
1 103 ARG n 
1 104 VAL n 
1 105 THR n 
1 106 LEU n 
1 107 ARG n 
1 108 SER n 
1 109 GLY n 
1 110 SER n 
1 111 PRO n 
1 112 HIS n 
1 113 PRO n 
1 114 HIS n 
1 115 ASP n 
1 116 HIS n 
1 117 ARG n 
1 118 ALA n 
1 119 LEU n 
1 120 ARG n 
1 121 TRP n 
1 122 VAL n 
1 123 GLY n 
1 124 ALA n 
1 125 ASP n 
1 126 GLU n 
1 127 ILE n 
1 128 ASP n 
1 129 GLY n 
1 130 LEU n 
1 131 ALA n 
1 132 TRP n 
1 133 VAL n 
1 134 PRO n 
1 135 ALA n 
1 136 ASP n 
1 137 ARG n 
1 138 ALA n 
1 139 TRP n 
1 140 VAL n 
1 141 PRO n 
1 142 ASP n 
1 143 LEU n 
1 144 VAL n 
1 145 ALA n 
1 146 ALA n 
1 147 LEU n 
1 148 SER n 
1 149 GLY n 
1 150 ARG n 
# 
_entity_src_gen.entity_id                          1 
_entity_src_gen.pdbx_src_id                        1 
_entity_src_gen.pdbx_alt_source_flag               sample 
_entity_src_gen.pdbx_seq_type                      'Biological sequence' 
_entity_src_gen.pdbx_beg_seq_num                   1 
_entity_src_gen.pdbx_end_seq_num                   150 
_entity_src_gen.gene_src_common_name               ? 
_entity_src_gen.gene_src_genus                     ? 
_entity_src_gen.pdbx_gene_src_gene                 'mutT2, MSMEI_5016' 
_entity_src_gen.gene_src_species                   ? 
_entity_src_gen.gene_src_strain                    'ATCC 700084 / mc(2)155' 
_entity_src_gen.gene_src_tissue                    ? 
_entity_src_gen.gene_src_tissue_fraction           ? 
_entity_src_gen.gene_src_details                   ? 
_entity_src_gen.pdbx_gene_src_fragment             ? 
_entity_src_gen.pdbx_gene_src_scientific_name      'Mycobacterium smegmatis (strain ATCC 700084 / mc(2)155)' 
_entity_src_gen.pdbx_gene_src_ncbi_taxonomy_id     246196 
_entity_src_gen.pdbx_gene_src_variant              ? 
_entity_src_gen.pdbx_gene_src_cell_line            ? 
_entity_src_gen.pdbx_gene_src_atcc                 ? 
_entity_src_gen.pdbx_gene_src_organ                ? 
_entity_src_gen.pdbx_gene_src_organelle            ? 
_entity_src_gen.pdbx_gene_src_cell                 ? 
_entity_src_gen.pdbx_gene_src_cellular_location    ? 
_entity_src_gen.host_org_common_name               ? 
_entity_src_gen.pdbx_host_org_scientific_name      'Escherichia coli BL21' 
_entity_src_gen.pdbx_host_org_ncbi_taxonomy_id     511693 
_entity_src_gen.host_org_genus                     ? 
_entity_src_gen.pdbx_host_org_gene                 ? 
_entity_src_gen.pdbx_host_org_organ                ? 
_entity_src_gen.host_org_species                   ? 
_entity_src_gen.pdbx_host_org_tissue               ? 
_entity_src_gen.pdbx_host_org_tissue_fraction      ? 
_entity_src_gen.pdbx_host_org_strain               BL21 
_entity_src_gen.pdbx_host_org_variant              ? 
_entity_src_gen.pdbx_host_org_cell_line            ? 
_entity_src_gen.pdbx_host_org_atcc                 ? 
_entity_src_gen.pdbx_host_org_culture_collection   ? 
_entity_src_gen.pdbx_host_org_cell                 ? 
_entity_src_gen.pdbx_host_org_organelle            ? 
_entity_src_gen.pdbx_host_org_cellular_location    ? 
_entity_src_gen.pdbx_host_org_vector_type          ? 
_entity_src_gen.pdbx_host_org_vector               ? 
_entity_src_gen.host_org_details                   ? 
_entity_src_gen.expression_system_id               ? 
_entity_src_gen.plasmid_name                       ? 
_entity_src_gen.plasmid_details                    ? 
_entity_src_gen.pdbx_description                   ? 
# 
_struct_ref.id                         1 
_struct_ref.db_name                    UNP 
_struct_ref.db_code                    I7FJF7_MYCS2 
_struct_ref.pdbx_db_accession          I7FJF7 
_struct_ref.pdbx_db_isoform            ? 
_struct_ref.entity_id                  1 
_struct_ref.pdbx_seq_one_letter_code   
;MTKQIVVAGALISRGTLLVAQRDRPAELAGLWELPGGKVTPGESDADALARELREELGVDVAVGERLGADVALNDAMTLR
AYRVTLRSGSPHPHDHRALRWVGADEIDGLAWVPADRAWVPDLVAALSGR
;
_struct_ref.pdbx_align_begin           1 
# 
_struct_ref_seq.align_id                      1 
_struct_ref_seq.ref_id                        1 
_struct_ref_seq.pdbx_PDB_id_code              5ZRH 
_struct_ref_seq.pdbx_strand_id                A 
_struct_ref_seq.seq_align_beg                 21 
_struct_ref_seq.pdbx_seq_align_beg_ins_code   ? 
_struct_ref_seq.seq_align_end                 150 
_struct_ref_seq.pdbx_seq_align_end_ins_code   ? 
_struct_ref_seq.pdbx_db_accession             I7FJF7 
_struct_ref_seq.db_align_beg                  1 
_struct_ref_seq.pdbx_db_align_beg_ins_code    ? 
_struct_ref_seq.db_align_end                  130 
_struct_ref_seq.pdbx_db_align_end_ins_code    ? 
_struct_ref_seq.pdbx_auth_seq_align_beg       1 
_struct_ref_seq.pdbx_auth_seq_align_end       130 
# 
loop_
_struct_ref_seq_dif.align_id 
_struct_ref_seq_dif.pdbx_pdb_id_code 
_struct_ref_seq_dif.mon_id 
_struct_ref_seq_dif.pdbx_pdb_strand_id 
_struct_ref_seq_dif.seq_num 
_struct_ref_seq_dif.pdbx_pdb_ins_code 
_struct_ref_seq_dif.pdbx_seq_db_name 
_struct_ref_seq_dif.pdbx_seq_db_accession_code 
_struct_ref_seq_dif.db_mon_id 
_struct_ref_seq_dif.pdbx_seq_db_seq_num 
_struct_ref_seq_dif.details 
_struct_ref_seq_dif.pdbx_auth_seq_num 
_struct_ref_seq_dif.pdbx_ordinal 
1 5ZRH MET A 1  ? UNP I7FJF7 ? ? 'initiating methionine' -19 1  
1 5ZRH GLY A 2  ? UNP I7FJF7 ? ? 'expression tag'        -18 2  
1 5ZRH SER A 3  ? UNP I7FJF7 ? ? 'expression tag'        -17 3  
1 5ZRH SER A 4  ? UNP I7FJF7 ? ? 'expression tag'        -16 4  
1 5ZRH HIS A 5  ? UNP I7FJF7 ? ? 'expression tag'        -15 5  
1 5ZRH HIS A 6  ? UNP I7FJF7 ? ? 'expression tag'        -14 6  
1 5ZRH HIS A 7  ? UNP I7FJF7 ? ? 'expression tag'        -13 7  
1 5ZRH HIS A 8  ? UNP I7FJF7 ? ? 'expression tag'        -12 8  
1 5ZRH HIS A 9  ? UNP I7FJF7 ? ? 'expression tag'        -11 9  
1 5ZRH HIS A 10 ? UNP I7FJF7 ? ? 'expression tag'        -10 10 
1 5ZRH SER A 11 ? UNP I7FJF7 ? ? 'expression tag'        -9  11 
1 5ZRH SER A 12 ? UNP I7FJF7 ? ? 'expression tag'        -8  12 
1 5ZRH GLY A 13 ? UNP I7FJF7 ? ? 'expression tag'        -7  13 
1 5ZRH LEU A 14 ? UNP I7FJF7 ? ? 'expression tag'        -6  14 
1 5ZRH VAL A 15 ? UNP I7FJF7 ? ? 'expression tag'        -5  15 
1 5ZRH PRO A 16 ? UNP I7FJF7 ? ? 'expression tag'        -4  16 
1 5ZRH ARG A 17 ? UNP I7FJF7 ? ? 'expression tag'        -3  17 
1 5ZRH GLY A 18 ? UNP I7FJF7 ? ? 'expression tag'        -2  18 
1 5ZRH SER A 19 ? UNP I7FJF7 ? ? 'expression tag'        -1  19 
1 5ZRH HIS A 20 ? UNP I7FJF7 ? ? 'expression tag'        0   20 
# 
loop_
_chem_comp.id 
_chem_comp.type 
_chem_comp.mon_nstd_flag 
_chem_comp.name 
_chem_comp.pdbx_synonyms 
_chem_comp.formula 
_chem_comp.formula_weight 
ALA 'L-peptide linking' y ALANINE                     ?                 'C3 H7 N O2'     89.093  
ARG 'L-peptide linking' y ARGININE                    ?                 'C6 H15 N4 O2 1' 175.209 
ASN 'L-peptide linking' y ASPARAGINE                  ?                 'C4 H8 N2 O3'    132.118 
ASP 'L-peptide linking' y 'ASPARTIC ACID'             ?                 'C4 H7 N O4'     133.103 
C5P non-polymer         . "CYTIDINE-5'-MONOPHOSPHATE" ?                 'C9 H14 N3 O8 P' 323.197 
EDO non-polymer         . 1,2-ETHANEDIOL              'ETHYLENE GLYCOL' 'C2 H6 O2'       62.068  
GLN 'L-peptide linking' y GLUTAMINE                   ?                 'C5 H10 N2 O3'   146.144 
GLU 'L-peptide linking' y 'GLUTAMIC ACID'             ?                 'C5 H9 N O4'     147.129 
GLY 'peptide linking'   y GLYCINE                     ?                 'C2 H5 N O2'     75.067  
HIS 'L-peptide linking' y HISTIDINE                   ?                 'C6 H10 N3 O2 1' 156.162 
HOH non-polymer         . WATER                       ?                 'H2 O'           18.015  
ILE 'L-peptide linking' y ISOLEUCINE                  ?                 'C6 H13 N O2'    131.173 
LEU 'L-peptide linking' y LEUCINE                     ?                 'C6 H13 N O2'    131.173 
LYS 'L-peptide linking' y LYSINE                      ?                 'C6 H15 N2 O2 1' 147.195 
MET 'L-peptide linking' y METHIONINE                  ?                 'C5 H11 N O2 S'  149.211 
PRO 'L-peptide linking' y PROLINE                     ?                 'C5 H9 N O2'     115.130 
SER 'L-peptide linking' y SERINE                      ?                 'C3 H7 N O3'     105.093 
THR 'L-peptide linking' y THREONINE                   ?                 'C4 H9 N O3'     119.119 
TRP 'L-peptide linking' y TRYPTOPHAN                  ?                 'C11 H12 N2 O2'  204.225 
TYR 'L-peptide linking' y TYROSINE                    ?                 'C9 H11 N O3'    181.189 
VAL 'L-peptide linking' y VALINE                      ?                 'C5 H11 N O2'    117.146 
# 
_exptl.absorpt_coefficient_mu     ? 
_exptl.absorpt_correction_T_max   ? 
_exptl.absorpt_correction_T_min   ? 
_exptl.absorpt_correction_type    ? 
_exptl.absorpt_process_details    ? 
_exptl.entry_id                   5ZRH 
_exptl.crystals_number            1 
_exptl.details                    ? 
_exptl.method                     'X-RAY DIFFRACTION' 
_exptl.method_details             ? 
# 
_exptl_crystal.colour                      ? 
_exptl_crystal.density_diffrn              ? 
_exptl_crystal.density_Matthews            1.95 
_exptl_crystal.density_method              ? 
_exptl_crystal.density_percent_sol         35.31 
_exptl_crystal.description                 ? 
_exptl_crystal.F_000                       ? 
_exptl_crystal.id                          1 
_exptl_crystal.preparation                 ? 
_exptl_crystal.size_max                    ? 
_exptl_crystal.size_mid                    ? 
_exptl_crystal.size_min                    ? 
_exptl_crystal.size_rad                    ? 
_exptl_crystal.colour_lustre               ? 
_exptl_crystal.colour_modifier             ? 
_exptl_crystal.colour_primary              ? 
_exptl_crystal.density_meas                ? 
_exptl_crystal.density_meas_esd            ? 
_exptl_crystal.density_meas_gt             ? 
_exptl_crystal.density_meas_lt             ? 
_exptl_crystal.density_meas_temp           ? 
_exptl_crystal.density_meas_temp_esd       ? 
_exptl_crystal.density_meas_temp_gt        ? 
_exptl_crystal.density_meas_temp_lt        ? 
_exptl_crystal.pdbx_crystal_image_url      ? 
_exptl_crystal.pdbx_crystal_image_format   ? 
_exptl_crystal.pdbx_mosaicity              ? 
_exptl_crystal.pdbx_mosaicity_esd          ? 
# 
_exptl_crystal_grow.apparatus       ? 
_exptl_crystal_grow.atmosphere      ? 
_exptl_crystal_grow.crystal_id      1 
_exptl_crystal_grow.details         ? 
_exptl_crystal_grow.method          MICROBATCH 
_exptl_crystal_grow.method_ref      ? 
_exptl_crystal_grow.pH              ? 
_exptl_crystal_grow.pressure        ? 
_exptl_crystal_grow.pressure_esd    ? 
_exptl_crystal_grow.seeding         ? 
_exptl_crystal_grow.seeding_ref     ? 
_exptl_crystal_grow.temp            292 
_exptl_crystal_grow.temp_details    ? 
_exptl_crystal_grow.temp_esd        ? 
_exptl_crystal_grow.time            ? 
_exptl_crystal_grow.pdbx_details    '0.1 M Imidazole pH 6.5, 1.0 M Sodium acetate trihydrate' 
_exptl_crystal_grow.pdbx_pH_range   ? 
# 
_diffrn.ambient_environment    ? 
_diffrn.ambient_temp           100 
_diffrn.ambient_temp_details   ? 
_diffrn.ambient_temp_esd       ? 
_diffrn.crystal_id             1 
_diffrn.crystal_support        ? 
_diffrn.crystal_treatment      ? 
_diffrn.details                ? 
_diffrn.id                     1 
_diffrn.ambient_pressure       ? 
_diffrn.ambient_pressure_esd   ? 
_diffrn.ambient_pressure_gt    ? 
_diffrn.ambient_pressure_lt    ? 
_diffrn.ambient_temp_gt        ? 
_diffrn.ambient_temp_lt        ? 
# 
_diffrn_detector.details                      ? 
_diffrn_detector.detector                     'IMAGE PLATE' 
_diffrn_detector.diffrn_id                    1 
_diffrn_detector.type                         'MAR scanner 345 mm plate' 
_diffrn_detector.area_resol_mean              ? 
_diffrn_detector.dtime                        ? 
_diffrn_detector.pdbx_frames_total            ? 
_diffrn_detector.pdbx_collection_time_total   ? 
_diffrn_detector.pdbx_collection_date         2014-09-14 
# 
_diffrn_radiation.collimation                      ? 
_diffrn_radiation.diffrn_id                        1 
_diffrn_radiation.filter_edge                      ? 
_diffrn_radiation.inhomogeneity                    ? 
_diffrn_radiation.monochromator                    ? 
_diffrn_radiation.polarisn_norm                    ? 
_diffrn_radiation.polarisn_ratio                   ? 
_diffrn_radiation.probe                            ? 
_diffrn_radiation.type                             ? 
_diffrn_radiation.xray_symbol                      ? 
_diffrn_radiation.wavelength_id                    1 
_diffrn_radiation.pdbx_monochromatic_or_laue_m_l   M 
_diffrn_radiation.pdbx_wavelength_list             ? 
_diffrn_radiation.pdbx_wavelength                  ? 
_diffrn_radiation.pdbx_diffrn_protocol             'SINGLE WAVELENGTH' 
_diffrn_radiation.pdbx_analyzer                    ? 
_diffrn_radiation.pdbx_scattering_type             x-ray 
# 
_diffrn_radiation_wavelength.id           1 
_diffrn_radiation_wavelength.wavelength   1.541790 
_diffrn_radiation_wavelength.wt           1.0 
# 
_diffrn_source.current                     ? 
_diffrn_source.details                     ? 
_diffrn_source.diffrn_id                   1 
_diffrn_source.power                       ? 
_diffrn_source.size                        ? 
_diffrn_source.source                      'ROTATING ANODE' 
_diffrn_source.target                      ? 
_diffrn_source.type                        'BRUKER AXS MICROSTAR' 
_diffrn_source.voltage                     ? 
_diffrn_source.take-off_angle              ? 
_diffrn_source.pdbx_wavelength_list        1.541790 
_diffrn_source.pdbx_wavelength             ? 
_diffrn_source.pdbx_synchrotron_beamline   ? 
_diffrn_source.pdbx_synchrotron_site       ? 
# 
_reflns.B_iso_Wilson_estimate            ? 
_reflns.entry_id                         5ZRH 
_reflns.data_reduction_details           ? 
_reflns.data_reduction_method            ? 
_reflns.d_resolution_high                1.54 
_reflns.d_resolution_low                 28.74 
_reflns.details                          ? 
_reflns.limit_h_max                      ? 
_reflns.limit_h_min                      ? 
_reflns.limit_k_max                      ? 
_reflns.limit_k_min                      ? 
_reflns.limit_l_max                      ? 
_reflns.limit_l_min                      ? 
_reflns.number_all                       ? 
_reflns.number_obs                       18346 
_reflns.observed_criterion               ? 
_reflns.observed_criterion_F_max         ? 
_reflns.observed_criterion_F_min         ? 
_reflns.observed_criterion_I_max         ? 
_reflns.observed_criterion_I_min         ? 
_reflns.observed_criterion_sigma_F       ? 
_reflns.observed_criterion_sigma_I       ? 
_reflns.percent_possible_obs             98.3 
_reflns.R_free_details                   ? 
_reflns.Rmerge_F_all                     ? 
_reflns.Rmerge_F_obs                     ? 
_reflns.Friedel_coverage                 ? 
_reflns.number_gt                        ? 
_reflns.threshold_expression             ? 
_reflns.pdbx_redundancy                  13.1 
_reflns.pdbx_Rmerge_I_obs                0.075 
_reflns.pdbx_Rmerge_I_all                ? 
_reflns.pdbx_Rsym_value                  ? 
_reflns.pdbx_netI_over_av_sigmaI         ? 
_reflns.pdbx_netI_over_sigmaI            24.6 
_reflns.pdbx_res_netI_over_av_sigmaI_2   ? 
_reflns.pdbx_res_netI_over_sigmaI_2      ? 
_reflns.pdbx_chi_squared                 ? 
_reflns.pdbx_scaling_rejects             ? 
_reflns.pdbx_d_res_high_opt              ? 
_reflns.pdbx_d_res_low_opt               ? 
_reflns.pdbx_d_res_opt_method            ? 
_reflns.phase_calculation_details        ? 
_reflns.pdbx_Rrim_I_all                  ? 
_reflns.pdbx_Rpim_I_all                  ? 
_reflns.pdbx_d_opt                       ? 
_reflns.pdbx_number_measured_all         ? 
_reflns.pdbx_diffrn_id                   1 
_reflns.pdbx_ordinal                     1 
_reflns.pdbx_CC_half                     ? 
_reflns.pdbx_R_split                     ? 
# 
_reflns_shell.d_res_high                  1.54 
_reflns_shell.d_res_low                   1.63 
_reflns_shell.meanI_over_sigI_all         ? 
_reflns_shell.meanI_over_sigI_obs         4.6 
_reflns_shell.number_measured_all         ? 
_reflns_shell.number_measured_obs         ? 
_reflns_shell.number_possible             ? 
_reflns_shell.number_unique_all           ? 
_reflns_shell.number_unique_obs           2429 
_reflns_shell.percent_possible_all        91.9 
_reflns_shell.percent_possible_obs        ? 
_reflns_shell.Rmerge_F_all                ? 
_reflns_shell.Rmerge_F_obs                ? 
_reflns_shell.Rmerge_I_all                ? 
_reflns_shell.Rmerge_I_obs                0.586 
_reflns_shell.meanI_over_sigI_gt          ? 
_reflns_shell.meanI_over_uI_all           ? 
_reflns_shell.meanI_over_uI_gt            ? 
_reflns_shell.number_measured_gt          ? 
_reflns_shell.number_unique_gt            ? 
_reflns_shell.percent_possible_gt         ? 
_reflns_shell.Rmerge_F_gt                 ? 
_reflns_shell.Rmerge_I_gt                 ? 
_reflns_shell.pdbx_redundancy             12.1 
_reflns_shell.pdbx_Rsym_value             ? 
_reflns_shell.pdbx_chi_squared            ? 
_reflns_shell.pdbx_netI_over_sigmaI_all   ? 
_reflns_shell.pdbx_netI_over_sigmaI_obs   ? 
_reflns_shell.pdbx_Rrim_I_all             ? 
_reflns_shell.pdbx_Rpim_I_all             ? 
_reflns_shell.pdbx_rejects                ? 
_reflns_shell.pdbx_ordinal                1 
_reflns_shell.pdbx_diffrn_id              1 
_reflns_shell.pdbx_CC_half                ? 
_reflns_shell.pdbx_R_split                ? 
# 
_refine.aniso_B[1][1]                            -0.09 
_refine.aniso_B[1][2]                            -0.00 
_refine.aniso_B[1][3]                            0.00 
_refine.aniso_B[2][2]                            -0.35 
_refine.aniso_B[2][3]                            0.00 
_refine.aniso_B[3][3]                            0.44 
_refine.B_iso_max                                ? 
_refine.B_iso_mean                               15.926 
_refine.B_iso_min                                ? 
_refine.correlation_coeff_Fo_to_Fc               0.963 
_refine.correlation_coeff_Fo_to_Fc_free          0.944 
_refine.details                                  'HYDROGENS HAVE BEEN ADDED IN THE RIDING POSITIONS' 
_refine.diff_density_max                         ? 
_refine.diff_density_max_esd                     ? 
_refine.diff_density_min                         ? 
_refine.diff_density_min_esd                     ? 
_refine.diff_density_rms                         ? 
_refine.diff_density_rms_esd                     ? 
_refine.entry_id                                 5ZRH 
_refine.pdbx_refine_id                           'X-RAY DIFFRACTION' 
_refine.ls_abs_structure_details                 ? 
_refine.ls_abs_structure_Flack                   ? 
_refine.ls_abs_structure_Flack_esd               ? 
_refine.ls_abs_structure_Rogers                  ? 
_refine.ls_abs_structure_Rogers_esd              ? 
_refine.ls_d_res_high                            1.54 
_refine.ls_d_res_low                             28.74 
_refine.ls_extinction_coef                       ? 
_refine.ls_extinction_coef_esd                   ? 
_refine.ls_extinction_expression                 ? 
_refine.ls_extinction_method                     ? 
_refine.ls_goodness_of_fit_all                   ? 
_refine.ls_goodness_of_fit_all_esd               ? 
_refine.ls_goodness_of_fit_obs                   ? 
_refine.ls_goodness_of_fit_obs_esd               ? 
_refine.ls_hydrogen_treatment                    ? 
_refine.ls_matrix_type                           ? 
_refine.ls_number_constraints                    ? 
_refine.ls_number_parameters                     ? 
_refine.ls_number_reflns_all                     ? 
_refine.ls_number_reflns_obs                     17376 
_refine.ls_number_reflns_R_free                  938 
_refine.ls_number_reflns_R_work                  ? 
_refine.ls_number_restraints                     ? 
_refine.ls_percent_reflns_obs                    98.64 
_refine.ls_percent_reflns_R_free                 5.1 
_refine.ls_R_factor_all                          ? 
_refine.ls_R_factor_obs                          0.16899 
_refine.ls_R_factor_R_free                       0.20469 
_refine.ls_R_factor_R_free_error                 ? 
_refine.ls_R_factor_R_free_error_details         ? 
_refine.ls_R_factor_R_work                       0.16704 
_refine.ls_R_Fsqd_factor_obs                     ? 
_refine.ls_R_I_factor_obs                        ? 
_refine.ls_redundancy_reflns_all                 ? 
_refine.ls_redundancy_reflns_obs                 ? 
_refine.ls_restrained_S_all                      ? 
_refine.ls_restrained_S_obs                      ? 
_refine.ls_shift_over_esd_max                    ? 
_refine.ls_shift_over_esd_mean                   ? 
_refine.ls_structure_factor_coef                 ? 
_refine.ls_weighting_details                     ? 
_refine.ls_weighting_scheme                      ? 
_refine.ls_wR_factor_all                         ? 
_refine.ls_wR_factor_obs                         ? 
_refine.ls_wR_factor_R_free                      ? 
_refine.ls_wR_factor_R_work                      ? 
_refine.occupancy_max                            ? 
_refine.occupancy_min                            ? 
_refine.solvent_model_details                    ? 
_refine.solvent_model_param_bsol                 ? 
_refine.solvent_model_param_ksol                 ? 
_refine.ls_R_factor_gt                           ? 
_refine.ls_goodness_of_fit_gt                    ? 
_refine.ls_goodness_of_fit_ref                   ? 
_refine.ls_shift_over_su_max                     ? 
_refine.ls_shift_over_su_max_lt                  ? 
_refine.ls_shift_over_su_mean                    ? 
_refine.ls_shift_over_su_mean_lt                 ? 
_refine.pdbx_ls_sigma_I                          ? 
_refine.pdbx_ls_sigma_F                          ? 
_refine.pdbx_ls_sigma_Fsqd                       ? 
_refine.pdbx_data_cutoff_high_absF               ? 
_refine.pdbx_data_cutoff_high_rms_absF           ? 
_refine.pdbx_data_cutoff_low_absF                ? 
_refine.pdbx_isotropic_thermal_model             ? 
_refine.pdbx_ls_cross_valid_method               THROUGHOUT 
_refine.pdbx_method_to_determine_struct          'MOLECULAR REPLACEMENT' 
_refine.pdbx_starting_model                      5ZRC 
_refine.pdbx_stereochemistry_target_values       ? 
_refine.pdbx_R_Free_selection_details            RANDOM 
_refine.pdbx_stereochem_target_val_spec_case     ? 
_refine.pdbx_overall_ESU_R                       0.082 
_refine.pdbx_overall_ESU_R_Free                  0.086 
_refine.pdbx_solvent_vdw_probe_radii             1.20 
_refine.pdbx_solvent_ion_probe_radii             0.80 
_refine.pdbx_solvent_shrinkage_radii             0.80 
_refine.pdbx_real_space_R                        ? 
_refine.pdbx_density_correlation                 ? 
_refine.pdbx_pd_number_of_powder_patterns        ? 
_refine.pdbx_pd_number_of_points                 ? 
_refine.pdbx_pd_meas_number_of_points            ? 
_refine.pdbx_pd_proc_ls_prof_R_factor            ? 
_refine.pdbx_pd_proc_ls_prof_wR_factor           ? 
_refine.pdbx_pd_Marquardt_correlation_coeff      ? 
_refine.pdbx_pd_Fsqrd_R_factor                   ? 
_refine.pdbx_pd_ls_matrix_band_width             ? 
_refine.pdbx_overall_phase_error                 ? 
_refine.pdbx_overall_SU_R_free_Cruickshank_DPI   ? 
_refine.pdbx_overall_SU_R_free_Blow_DPI          ? 
_refine.pdbx_overall_SU_R_Blow_DPI               ? 
_refine.pdbx_TLS_residual_ADP_flag               ? 
_refine.pdbx_diffrn_id                           1 
_refine.overall_SU_B                             1.408 
_refine.overall_SU_ML                            0.052 
_refine.overall_SU_R_Cruickshank_DPI             ? 
_refine.overall_SU_R_free                        ? 
_refine.overall_FOM_free_R_set                   ? 
_refine.overall_FOM_work_R_set                   ? 
_refine.pdbx_average_fsc_overall                 ? 
_refine.pdbx_average_fsc_work                    ? 
_refine.pdbx_average_fsc_free                    ? 
# 
_refine_hist.pdbx_refine_id                   'X-RAY DIFFRACTION' 
_refine_hist.cycle_id                         1 
_refine_hist.pdbx_number_atoms_protein        940 
_refine_hist.pdbx_number_atoms_nucleic_acid   0 
_refine_hist.pdbx_number_atoms_ligand         25 
_refine_hist.number_atoms_solvent             179 
_refine_hist.number_atoms_total               1144 
_refine_hist.d_res_high                       1.54 
_refine_hist.d_res_low                        28.74 
# 
loop_
_refine_ls_restr.pdbx_refine_id 
_refine_ls_restr.criterion 
_refine_ls_restr.dev_ideal 
_refine_ls_restr.dev_ideal_target 
_refine_ls_restr.number 
_refine_ls_restr.rejects 
_refine_ls_restr.type 
_refine_ls_restr.weight 
_refine_ls_restr.pdbx_restraint_function 
'X-RAY DIFFRACTION' ? 0.006  0.019  1061 ? r_bond_refined_d             ? ? 
'X-RAY DIFFRACTION' ? 0.000  0.020  1016 ? r_bond_other_d               ? ? 
'X-RAY DIFFRACTION' ? 1.294  2.016  1459 ? r_angle_refined_deg          ? ? 
'X-RAY DIFFRACTION' ? 0.603  3.000  2323 ? r_angle_other_deg            ? ? 
'X-RAY DIFFRACTION' ? 7.938  5.000  137  ? r_dihedral_angle_1_deg       ? ? 
'X-RAY DIFFRACTION' ? 33.122 21.707 41   ? r_dihedral_angle_2_deg       ? ? 
'X-RAY DIFFRACTION' ? 12.777 15.000 157  ? r_dihedral_angle_3_deg       ? ? 
'X-RAY DIFFRACTION' ? 14.491 15.000 13   ? r_dihedral_angle_4_deg       ? ? 
'X-RAY DIFFRACTION' ? 0.082  0.200  167  ? r_chiral_restr               ? ? 
'X-RAY DIFFRACTION' ? 0.008  0.021  1206 ? r_gen_planes_refined         ? ? 
'X-RAY DIFFRACTION' ? 0.002  0.020  239  ? r_gen_planes_other           ? ? 
'X-RAY DIFFRACTION' ? ?      ?      ?    ? r_nbd_refined                ? ? 
'X-RAY DIFFRACTION' ? ?      ?      ?    ? r_nbd_other                  ? ? 
'X-RAY DIFFRACTION' ? ?      ?      ?    ? r_nbtor_refined              ? ? 
'X-RAY DIFFRACTION' ? ?      ?      ?    ? r_nbtor_other                ? ? 
'X-RAY DIFFRACTION' ? ?      ?      ?    ? r_xyhbond_nbd_refined        ? ? 
'X-RAY DIFFRACTION' ? ?      ?      ?    ? r_xyhbond_nbd_other          ? ? 
'X-RAY DIFFRACTION' ? ?      ?      ?    ? r_metal_ion_refined          ? ? 
'X-RAY DIFFRACTION' ? ?      ?      ?    ? r_metal_ion_other            ? ? 
'X-RAY DIFFRACTION' ? ?      ?      ?    ? r_symmetry_vdw_refined       ? ? 
'X-RAY DIFFRACTION' ? ?      ?      ?    ? r_symmetry_vdw_other         ? ? 
'X-RAY DIFFRACTION' ? ?      ?      ?    ? r_symmetry_hbond_refined     ? ? 
'X-RAY DIFFRACTION' ? ?      ?      ?    ? r_symmetry_hbond_other       ? ? 
'X-RAY DIFFRACTION' ? ?      ?      ?    ? r_symmetry_metal_ion_refined ? ? 
'X-RAY DIFFRACTION' ? ?      ?      ?    ? r_symmetry_metal_ion_other   ? ? 
'X-RAY DIFFRACTION' ? 1.989  1.320  536  ? r_mcbond_it                  ? ? 
'X-RAY DIFFRACTION' ? 1.976  1.311  535  ? r_mcbond_other               ? ? 
'X-RAY DIFFRACTION' ? 3.043  1.968  677  ? r_mcangle_it                 ? ? 
'X-RAY DIFFRACTION' ? 3.080  1.976  678  ? r_mcangle_other              ? ? 
'X-RAY DIFFRACTION' ? 2.784  1.593  525  ? r_scbond_it                  ? ? 
'X-RAY DIFFRACTION' ? 2.784  1.586  517  ? r_scbond_other               ? ? 
'X-RAY DIFFRACTION' ? ?      ?      ?    ? r_scangle_it                 ? ? 
'X-RAY DIFFRACTION' ? 3.971  2.271  771  ? r_scangle_other              ? ? 
'X-RAY DIFFRACTION' ? 6.618  13.042 1279 ? r_long_range_B_refined       ? ? 
'X-RAY DIFFRACTION' ? 6.616  13.044 1280 ? r_long_range_B_other         ? ? 
'X-RAY DIFFRACTION' ? ?      ?      ?    ? r_rigid_bond_restr           ? ? 
'X-RAY DIFFRACTION' ? ?      ?      ?    ? r_sphericity_free            ? ? 
'X-RAY DIFFRACTION' ? ?      ?      ?    ? r_sphericity_bonded          ? ? 
# 
_refine_ls_shell.pdbx_refine_id                   'X-RAY DIFFRACTION' 
_refine_ls_shell.d_res_high                       1.547 
_refine_ls_shell.d_res_low                        1.587 
_refine_ls_shell.number_reflns_all                ? 
_refine_ls_shell.number_reflns_obs                ? 
_refine_ls_shell.number_reflns_R_free             68 
_refine_ls_shell.number_reflns_R_work             1196 
_refine_ls_shell.percent_reflns_obs               94.19 
_refine_ls_shell.percent_reflns_R_free            ? 
_refine_ls_shell.R_factor_all                     ? 
_refine_ls_shell.R_factor_obs                     ? 
_refine_ls_shell.R_factor_R_free                  0.343 
_refine_ls_shell.R_factor_R_free_error            ? 
_refine_ls_shell.R_factor_R_work                  0.283 
_refine_ls_shell.redundancy_reflns_all            ? 
_refine_ls_shell.redundancy_reflns_obs            ? 
_refine_ls_shell.wR_factor_all                    ? 
_refine_ls_shell.wR_factor_obs                    ? 
_refine_ls_shell.wR_factor_R_free                 ? 
_refine_ls_shell.wR_factor_R_work                 ? 
_refine_ls_shell.pdbx_total_number_of_bins_used   20 
_refine_ls_shell.pdbx_phase_error                 ? 
_refine_ls_shell.pdbx_fsc_work                    ? 
_refine_ls_shell.pdbx_fsc_free                    ? 
# 
_struct.entry_id                     5ZRH 
_struct.title                        'M. smegmatis antimutator protein MutT2 in complex with CMP' 
_struct.pdbx_model_details           ? 
_struct.pdbx_formula_weight          ? 
_struct.pdbx_formula_weight_method   ? 
_struct.pdbx_model_type_details      ? 
_struct.pdbx_CASP_flag               N 
# 
_struct_keywords.entry_id        5ZRH 
_struct_keywords.text            'Nudix hydrolase, MutT, antimutator, CTP pyrophosphorylase, CMP, HYDROLASE' 
_struct_keywords.pdbx_keywords   HYDROLASE 
# 
loop_
_struct_asym.id 
_struct_asym.pdbx_blank_PDB_chainid_flag 
_struct_asym.pdbx_modified 
_struct_asym.entity_id 
_struct_asym.details 
A N N 1 ? 
B N N 2 ? 
C N N 3 ? 
D N N 4 ? 
# 
loop_
_struct_conf.conf_type_id 
_struct_conf.id 
_struct_conf.pdbx_PDB_helix_id 
_struct_conf.beg_label_comp_id 
_struct_conf.beg_label_asym_id 
_struct_conf.beg_label_seq_id 
_struct_conf.pdbx_beg_PDB_ins_code 
_struct_conf.end_label_comp_id 
_struct_conf.end_label_asym_id 
_struct_conf.end_label_seq_id 
_struct_conf.pdbx_end_PDB_ins_code 
_struct_conf.beg_auth_comp_id 
_struct_conf.beg_auth_asym_id 
_struct_conf.beg_auth_seq_id 
_struct_conf.end_auth_comp_id 
_struct_conf.end_auth_asym_id 
_struct_conf.end_auth_seq_id 
_struct_conf.pdbx_PDB_helix_class 
_struct_conf.details 
_struct_conf.pdbx_PDB_helix_length 
HELX_P HELX_P1 AA1 SER A 64  ? GLY A 78  ? SER A 44  GLY A 58  1 ? 15 
HELX_P HELX_P2 AA2 GLY A 123 ? ILE A 127 ? GLY A 103 ILE A 107 5 ? 5  
HELX_P HELX_P3 AA3 ALA A 135 ? ALA A 138 ? ALA A 115 ALA A 118 5 ? 4  
HELX_P HELX_P4 AA4 TRP A 139 ? LEU A 147 ? TRP A 119 LEU A 127 1 ? 9  
# 
_struct_conf_type.id          HELX_P 
_struct_conf_type.criteria    ? 
_struct_conf_type.reference   ? 
# 
_struct_mon_prot_cis.pdbx_id                1 
_struct_mon_prot_cis.label_comp_id          ARG 
_struct_mon_prot_cis.label_seq_id           44 
_struct_mon_prot_cis.label_asym_id          A 
_struct_mon_prot_cis.label_alt_id           . 
_struct_mon_prot_cis.pdbx_PDB_ins_code      ? 
_struct_mon_prot_cis.auth_comp_id           ARG 
_struct_mon_prot_cis.auth_seq_id            24 
_struct_mon_prot_cis.auth_asym_id           A 
_struct_mon_prot_cis.pdbx_label_comp_id_2   PRO 
_struct_mon_prot_cis.pdbx_label_seq_id_2    45 
_struct_mon_prot_cis.pdbx_label_asym_id_2   A 
_struct_mon_prot_cis.pdbx_PDB_ins_code_2    ? 
_struct_mon_prot_cis.pdbx_auth_comp_id_2    PRO 
_struct_mon_prot_cis.pdbx_auth_seq_id_2     25 
_struct_mon_prot_cis.pdbx_auth_asym_id_2    A 
_struct_mon_prot_cis.pdbx_PDB_model_num     1 
_struct_mon_prot_cis.pdbx_omega_angle       -18.75 
# 
loop_
_struct_sheet.id 
_struct_sheet.type 
_struct_sheet.number_strands 
_struct_sheet.details 
AA1 ? 3 ? 
AA2 ? 4 ? 
AA3 ? 4 ? 
AA4 ? 4 ? 
# 
loop_
_struct_sheet_order.sheet_id 
_struct_sheet_order.range_id_1 
_struct_sheet_order.range_id_2 
_struct_sheet_order.offset 
_struct_sheet_order.sense 
AA1 1 2 ? anti-parallel 
AA1 2 3 ? anti-parallel 
AA2 1 2 ? anti-parallel 
AA2 2 3 ? anti-parallel 
AA2 3 4 ? anti-parallel 
AA3 1 2 ? anti-parallel 
AA3 2 3 ? parallel      
AA3 3 4 ? anti-parallel 
AA4 1 2 ? anti-parallel 
AA4 2 3 ? parallel      
AA4 3 4 ? anti-parallel 
# 
loop_
_struct_sheet_range.sheet_id 
_struct_sheet_range.id 
_struct_sheet_range.beg_label_comp_id 
_struct_sheet_range.beg_label_asym_id 
_struct_sheet_range.beg_label_seq_id 
_struct_sheet_range.pdbx_beg_PDB_ins_code 
_struct_sheet_range.end_label_comp_id 
_struct_sheet_range.end_label_asym_id 
_struct_sheet_range.end_label_seq_id 
_struct_sheet_range.pdbx_end_PDB_ins_code 
_struct_sheet_range.beg_auth_comp_id 
_struct_sheet_range.beg_auth_asym_id 
_struct_sheet_range.beg_auth_seq_id 
_struct_sheet_range.end_auth_comp_id 
_struct_sheet_range.end_auth_asym_id 
_struct_sheet_range.end_auth_seq_id 
AA1 1 ALA A 118 ? VAL A 122 ? ALA A 98 VAL A 102 
AA1 2 THR A 36  ? GLN A 41  ? THR A 16 GLN A 21  
AA1 3 TRP A 52  ? GLU A 53  ? TRP A 32 GLU A 33  
AA2 1 TRP A 52  ? GLU A 53  ? TRP A 32 GLU A 33  
AA2 2 THR A 36  ? GLN A 41  ? THR A 16 GLN A 21  
AA2 3 GLN A 24  ? SER A 33  ? GLN A 4  SER A 13  
AA2 4 GLY A 56  ? LYS A 58  ? GLY A 36 LYS A 38  
AA3 1 GLY A 56  ? LYS A 58  ? GLY A 36 LYS A 38  
AA3 2 GLN A 24  ? SER A 33  ? GLN A 4  SER A 13  
AA3 3 MET A 97  ? SER A 108 ? MET A 77 SER A 88  
AA3 4 ASP A 80  ? ARG A 86  ? ASP A 60 ARG A 66  
AA4 1 GLY A 56  ? LYS A 58  ? GLY A 36 LYS A 38  
AA4 2 GLN A 24  ? SER A 33  ? GLN A 4  SER A 13  
AA4 3 MET A 97  ? SER A 108 ? MET A 77 SER A 88  
AA4 4 VAL A 91  ? ALA A 92  ? VAL A 71 ALA A 72  
# 
loop_
_pdbx_struct_sheet_hbond.sheet_id 
_pdbx_struct_sheet_hbond.range_id_1 
_pdbx_struct_sheet_hbond.range_id_2 
_pdbx_struct_sheet_hbond.range_1_label_atom_id 
_pdbx_struct_sheet_hbond.range_1_label_comp_id 
_pdbx_struct_sheet_hbond.range_1_label_asym_id 
_pdbx_struct_sheet_hbond.range_1_label_seq_id 
_pdbx_struct_sheet_hbond.range_1_PDB_ins_code 
_pdbx_struct_sheet_hbond.range_1_auth_atom_id 
_pdbx_struct_sheet_hbond.range_1_auth_comp_id 
_pdbx_struct_sheet_hbond.range_1_auth_asym_id 
_pdbx_struct_sheet_hbond.range_1_auth_seq_id 
_pdbx_struct_sheet_hbond.range_2_label_atom_id 
_pdbx_struct_sheet_hbond.range_2_label_comp_id 
_pdbx_struct_sheet_hbond.range_2_label_asym_id 
_pdbx_struct_sheet_hbond.range_2_label_seq_id 
_pdbx_struct_sheet_hbond.range_2_PDB_ins_code 
_pdbx_struct_sheet_hbond.range_2_auth_atom_id 
_pdbx_struct_sheet_hbond.range_2_auth_comp_id 
_pdbx_struct_sheet_hbond.range_2_auth_asym_id 
_pdbx_struct_sheet_hbond.range_2_auth_seq_id 
AA1 1 2 O ALA A 118 ? O ALA A 98 N GLN A 41  ? N GLN A 21 
AA1 2 3 N ALA A 40  ? N ALA A 20 O GLU A 53  ? O GLU A 33 
AA2 1 2 O GLU A 53  ? O GLU A 33 N ALA A 40  ? N ALA A 20 
AA2 2 3 O THR A 36  ? O THR A 16 N SER A 33  ? N SER A 13 
AA2 3 4 N VAL A 27  ? N VAL A 7  O GLY A 57  ? O GLY A 37 
AA3 1 2 O GLY A 57  ? O GLY A 37 N VAL A 27  ? N VAL A 7  
AA3 2 3 N VAL A 26  ? N VAL A 6  O ARG A 100 ? O ARG A 80 
AA3 3 4 O ARG A 107 ? O ARG A 87 N ASP A 80  ? N ASP A 60 
AA4 1 2 O GLY A 57  ? O GLY A 37 N VAL A 27  ? N VAL A 7  
AA4 2 3 N VAL A 26  ? N VAL A 6  O ARG A 100 ? O ARG A 80 
AA4 3 4 O LEU A 99  ? O LEU A 79 N VAL A 91  ? N VAL A 71 
# 
loop_
_struct_site.id 
_struct_site.pdbx_evidence_code 
_struct_site.pdbx_auth_asym_id 
_struct_site.pdbx_auth_comp_id 
_struct_site.pdbx_auth_seq_id 
_struct_site.pdbx_auth_ins_code 
_struct_site.pdbx_num_residues 
_struct_site.details 
AC1 Software A EDO 201 ? 7  'binding site for residue EDO A 201' 
AC2 Software A C5P 202 ? 20 'binding site for residue C5P A 202' 
# 
loop_
_struct_site_gen.id 
_struct_site_gen.site_id 
_struct_site_gen.pdbx_num_res 
_struct_site_gen.label_comp_id 
_struct_site_gen.label_asym_id 
_struct_site_gen.label_seq_id 
_struct_site_gen.pdbx_auth_ins_code 
_struct_site_gen.auth_comp_id 
_struct_site_gen.auth_asym_id 
_struct_site_gen.auth_seq_id 
_struct_site_gen.label_atom_id 
_struct_site_gen.label_alt_id 
_struct_site_gen.symmetry 
_struct_site_gen.details 
1  AC1 7  GLY A 78  ? GLY A 58  . ? 1_555 ? 
2  AC1 7  GLY A 109 ? GLY A 89  . ? 1_555 ? 
3  AC1 7  SER A 110 ? SER A 90  . ? 1_555 ? 
4  AC1 7  ASP A 128 ? ASP A 108 . ? 1_554 ? 
5  AC1 7  VAL A 140 ? VAL A 120 . ? 1_554 ? 
6  AC1 7  HOH D .   ? HOH A 305 . ? 1_555 ? 
7  AC1 7  HOH D .   ? HOH A 330 . ? 1_555 ? 
8  AC2 20 VAL A 26  ? VAL A 6   . ? 1_555 ? 
9  AC2 20 ARG A 42  ? ARG A 22  . ? 1_555 ? 
10 AC2 20 LEU A 48  ? LEU A 28  . ? 1_555 ? 
11 AC2 20 GLU A 53  ? GLU A 33  . ? 1_555 ? 
12 AC2 20 LEU A 54  ? LEU A 34  . ? 1_555 ? 
13 AC2 20 LEU A 93  ? LEU A 73  . ? 1_555 ? 
14 AC2 20 LEU A 99  ? LEU A 79  . ? 1_555 ? 
15 AC2 20 ALA A 135 ? ALA A 115 . ? 1_555 ? 
16 AC2 20 ASP A 136 ? ASP A 116 . ? 1_555 ? 
17 AC2 20 HOH D .   ? HOH A 301 . ? 1_555 ? 
18 AC2 20 HOH D .   ? HOH A 303 . ? 1_555 ? 
19 AC2 20 HOH D .   ? HOH A 311 . ? 1_555 ? 
20 AC2 20 HOH D .   ? HOH A 319 . ? 1_555 ? 
21 AC2 20 HOH D .   ? HOH A 342 . ? 1_555 ? 
22 AC2 20 HOH D .   ? HOH A 345 . ? 1_555 ? 
23 AC2 20 HOH D .   ? HOH A 361 . ? 1_555 ? 
24 AC2 20 HOH D .   ? HOH A 368 . ? 1_555 ? 
25 AC2 20 HOH D .   ? HOH A 409 . ? 1_555 ? 
26 AC2 20 HOH D .   ? HOH A 414 . ? 1_555 ? 
27 AC2 20 HOH D .   ? HOH A 418 . ? 1_555 ? 
# 
_atom_sites.entry_id                    5ZRH 
_atom_sites.fract_transf_matrix[1][1]   0.01449486 
_atom_sites.fract_transf_matrix[1][2]   -0.00362384 
_atom_sites.fract_transf_matrix[1][3]   -0.00297859 
_atom_sites.fract_transf_matrix[2][1]   -0.00121998 
_atom_sites.fract_transf_matrix[2][2]   -0.01327436 
_atom_sites.fract_transf_matrix[2][3]   0.01021312 
_atom_sites.fract_transf_matrix[3][1]   -0.00956236 
_atom_sites.fract_transf_matrix[3][2]   -0.01803855 
_atom_sites.fract_transf_matrix[3][3]   -0.02458759 
_atom_sites.fract_transf_vector[1]      -0.147074 
_atom_sites.fract_transf_vector[2]      0.171766 
_atom_sites.fract_transf_vector[3]      0.018799 
# 
loop_
_atom_type.symbol 
C 
N 
O 
P 
S 
# 
loop_
_atom_site.group_PDB 
_atom_site.id 
_atom_site.type_symbol 
_atom_site.label_atom_id 
_atom_site.label_alt_id 
_atom_site.label_comp_id 
_atom_site.label_asym_id 
_atom_site.label_entity_id 
_atom_site.label_seq_id 
_atom_site.pdbx_PDB_ins_code 
_atom_site.Cartn_x 
_atom_site.Cartn_y 
_atom_site.Cartn_z 
_atom_site.occupancy 
_atom_site.B_iso_or_equiv 
_atom_site.pdbx_formal_charge 
_atom_site.auth_seq_id 
_atom_site.auth_comp_id 
_atom_site.auth_asym_id 
_atom_site.auth_atom_id 
_atom_site.pdbx_PDB_model_num 
ATOM   1    N N     . LYS A 1 23  ? -17.174 9.644   -5.304  1.00 36.92 ? 3   LYS A N     1 
ATOM   2    C CA    . LYS A 1 23  ? -16.526 8.530   -4.546  1.00 30.58 ? 3   LYS A CA    1 
ATOM   3    C C     . LYS A 1 23  ? -15.536 9.059   -3.502  1.00 28.37 ? 3   LYS A C     1 
ATOM   4    O O     . LYS A 1 23  ? -14.841 10.051  -3.720  1.00 29.93 ? 3   LYS A O     1 
ATOM   5    C CB    . LYS A 1 23  ? -15.812 7.570   -5.502  1.00 34.85 ? 3   LYS A CB    1 
ATOM   6    C CG    . LYS A 1 23  ? -16.714 6.934   -6.551  1.00 37.06 ? 3   LYS A CG    1 
ATOM   7    C CD    . LYS A 1 23  ? -17.327 5.639   -6.047  1.00 36.28 ? 3   LYS A CD    1 
ATOM   8    N N     . GLN A 1 24  ? -15.515 8.401   -2.351  1.00 23.15 ? 4   GLN A N     1 
ATOM   9    C CA    . GLN A 1 24  ? -14.431 8.524   -1.390  1.00 22.09 ? 4   GLN A CA    1 
ATOM   10   C C     . GLN A 1 24  ? -13.182 7.826   -1.942  1.00 18.75 ? 4   GLN A C     1 
ATOM   11   O O     . GLN A 1 24  ? -13.251 6.703   -2.452  1.00 19.48 ? 4   GLN A O     1 
ATOM   12   C CB    . GLN A 1 24  ? -14.862 7.890   -0.059  1.00 24.83 ? 4   GLN A CB    1 
ATOM   13   C CG    . GLN A 1 24  ? -13.739 7.587   0.922   1.00 28.69 ? 4   GLN A CG    1 
ATOM   14   C CD    . GLN A 1 24  ? -13.250 8.819   1.657   1.00 31.34 ? 4   GLN A CD    1 
ATOM   15   O OE1   . GLN A 1 24  ? -13.918 9.323   2.564   1.00 33.72 ? 4   GLN A OE1   1 
ATOM   16   N NE2   . GLN A 1 24  ? -12.064 9.294   1.293   1.00 32.20 ? 4   GLN A NE2   1 
ATOM   17   N N     . ILE A 1 25  ? -12.054 8.532   -1.896  1.00 16.23 ? 5   ILE A N     1 
ATOM   18   C CA    . ILE A 1 25  ? -10.794 7.992   -2.378  1.00 16.26 ? 5   ILE A CA    1 
ATOM   19   C C     . ILE A 1 25  ? -10.033 7.396   -1.198  1.00 11.71 ? 5   ILE A C     1 
ATOM   20   O O     . ILE A 1 25  ? -9.979  7.973   -0.118  1.00 13.54 ? 5   ILE A O     1 
ATOM   21   C CB    . ILE A 1 25  ? -9.928  9.080   -3.054  1.00 17.30 ? 5   ILE A CB    1 
ATOM   22   C CG1   . ILE A 1 25  ? -10.729 9.799   -4.149  1.00 20.09 ? 5   ILE A CG1   1 
ATOM   23   C CG2   . ILE A 1 25  ? -8.660  8.470   -3.629  1.00 20.64 ? 5   ILE A CG2   1 
ATOM   24   C CD1   . ILE A 1 25  ? -11.256 8.880   -5.230  1.00 19.81 ? 5   ILE A CD1   1 
ATOM   25   N N     . VAL A 1 26  ? -9.518  6.190   -1.399  1.00 11.73 ? 6   VAL A N     1 
ATOM   26   C CA    . VAL A 1 26  ? -8.612  5.563   -0.458  1.00 11.31 ? 6   VAL A CA    1 
ATOM   27   C C     . VAL A 1 26  ? -7.269  5.470   -1.178  1.00 11.70 ? 6   VAL A C     1 
ATOM   28   O O     . VAL A 1 26  ? -7.197  4.955   -2.294  1.00 12.48 ? 6   VAL A O     1 
ATOM   29   C CB    . VAL A 1 26  ? -9.062  4.131   -0.087  1.00 11.45 ? 6   VAL A CB    1 
ATOM   30   C CG1   . VAL A 1 26  ? -8.077  3.474   0.872   1.00 11.47 ? 6   VAL A CG1   1 
ATOM   31   C CG2   . VAL A 1 26  ? -10.449 4.164   0.532   1.00 12.46 ? 6   VAL A CG2   1 
ATOM   32   N N     . VAL A 1 27  ? -6.223  6.005   -0.555  1.00 10.12 ? 7   VAL A N     1 
ATOM   33   C CA    . VAL A 1 27  ? -4.906  5.988   -1.162  1.00 10.73 ? 7   VAL A CA    1 
ATOM   34   C C     . VAL A 1 27  ? -4.038  4.923   -0.495  1.00 10.02 ? 7   VAL A C     1 
ATOM   35   O O     . VAL A 1 27  ? -4.184  4.648   0.704   1.00 11.46 ? 7   VAL A O     1 
ATOM   36   C CB    . VAL A 1 27  ? -4.199  7.366   -1.087  1.00 11.06 ? 7   VAL A CB    1 
ATOM   37   C CG1   . VAL A 1 27  ? -4.852  8.362   -2.036  1.00 13.70 ? 7   VAL A CG1   1 
ATOM   38   C CG2   . VAL A 1 27  ? -4.169  7.909   0.335   1.00 10.70 ? 7   VAL A CG2   1 
ATOM   39   N N     . ALA A 1 28  ? -3.140  4.332   -1.282  1.00 8.45  ? 8   ALA A N     1 
ATOM   40   C CA    . ALA A 1 28  ? -2.270  3.276   -0.796  1.00 7.75  ? 8   ALA A CA    1 
ATOM   41   C C     . ALA A 1 28  ? -0.881  3.480   -1.360  1.00 8.45  ? 8   ALA A C     1 
ATOM   42   O O     . ALA A 1 28  ? -0.723  4.070   -2.426  1.00 8.86  ? 8   ALA A O     1 
ATOM   43   C CB    . ALA A 1 28  ? -2.820  1.917   -1.195  1.00 9.58  ? 8   ALA A CB    1 
ATOM   44   N N     . GLY A 1 29  ? 0.131   2.997   -0.633  1.00 7.50  ? 9   GLY A N     1 
ATOM   45   C CA    . GLY A 1 29  ? 1.513   3.299   -0.973  1.00 8.22  ? 9   GLY A CA    1 
ATOM   46   C C     . GLY A 1 29  ? 2.289   2.052   -1.337  1.00 8.26  ? 9   GLY A C     1 
ATOM   47   O O     . GLY A 1 29  ? 2.257   1.077   -0.587  1.00 9.25  ? 9   GLY A O     1 
ATOM   48   N N     . ALA A 1 30  ? 2.991   2.103   -2.466  1.00 6.77  ? 10  ALA A N     1 
ATOM   49   C CA    . ALA A 1 30  ? 3.966   1.086   -2.849  1.00 7.25  ? 10  ALA A CA    1 
ATOM   50   C C     . ALA A 1 30  ? 5.354   1.604   -2.531  1.00 7.84  ? 10  ALA A C     1 
ATOM   51   O O     . ALA A 1 30  ? 5.960   2.317   -3.327  1.00 6.60  ? 10  ALA A O     1 
ATOM   52   C CB    . ALA A 1 30  ? 3.837   0.739   -4.336  1.00 8.96  ? 10  ALA A CB    1 
ATOM   53   N N     . LEU A 1 31  ? 5.812   1.281   -1.326  1.00 6.79  ? 11  LEU A N     1 
ATOM   54   C CA    . LEU A 1 31  ? 7.105   1.740   -0.815  1.00 8.35  ? 11  LEU A CA    1 
ATOM   55   C C     . LEU A 1 31  ? 8.172   0.757   -1.255  1.00 7.89  ? 11  LEU A C     1 
ATOM   56   O O     . LEU A 1 31  ? 8.180   -0.401  -0.821  1.00 8.02  ? 11  LEU A O     1 
ATOM   57   C CB    . LEU A 1 31  ? 7.077   1.803   0.716   1.00 9.31  ? 11  LEU A CB    1 
ATOM   58   C CG    . LEU A 1 31  ? 8.415   2.148   1.394   1.00 11.48 ? 11  LEU A CG    1 
ATOM   59   C CD1   . LEU A 1 31  ? 8.976   3.435   0.826   1.00 15.22 ? 11  LEU A CD1   1 
ATOM   60   C CD2   . LEU A 1 31  ? 8.219   2.272   2.906   1.00 12.18 ? 11  LEU A CD2   1 
ATOM   61   N N     . ILE A 1 32  ? 9.015   1.194   -2.185  1.00 8.21  ? 12  ILE A N     1 
ATOM   62   C CA    . ILE A 1 32  ? 10.149  0.382   -2.651  1.00 8.38  ? 12  ILE A CA    1 
ATOM   63   C C     . ILE A 1 32  ? 11.458  0.948   -2.092  1.00 9.28  ? 12  ILE A C     1 
ATOM   64   O O     . ILE A 1 32  ? 11.715  2.157   -2.184  1.00 10.07 ? 12  ILE A O     1 
ATOM   65   C CB    . ILE A 1 32  ? 10.207  0.325   -4.191  1.00 11.49 ? 12  ILE A CB    1 
ATOM   66   C CG1   . ILE A 1 32  ? 8.938   -0.342  -4.717  1.00 12.38 ? 12  ILE A CG1   1 
ATOM   67   C CG2   . ILE A 1 32  ? 11.457  -0.417  -4.653  1.00 11.89 ? 12  ILE A CG2   1 
ATOM   68   C CD1   . ILE A 1 32  ? 8.735   -0.201  -6.204  1.00 12.17 ? 12  ILE A CD1   1 
ATOM   69   N N     . SER A 1 33  ? 12.232  0.091   -1.432  1.00 11.36 ? 13  SER A N     1 
ATOM   70   C CA    . SER A 1 33  ? 13.469  0.487   -0.765  1.00 14.74 ? 13  SER A CA    1 
ATOM   71   C C     . SER A 1 33  ? 14.489  -0.627  -0.944  1.00 17.59 ? 13  SER A C     1 
ATOM   72   O O     . SER A 1 33  ? 14.186  -1.814  -0.738  1.00 16.27 ? 13  SER A O     1 
ATOM   73   C CB    . SER A 1 33  ? 13.258  0.702   0.732   1.00 14.43 ? 13  SER A CB    1 
ATOM   74   O OG    . SER A 1 33  ? 14.484  1.083   1.383   1.00 16.81 ? 13  SER A OG    1 
ATOM   75   N N     . ARG A 1 34  ? 15.700  -0.229  -1.332  1.00 16.28 ? 14  ARG A N     1 
ATOM   76   C CA    . ARG A 1 34  ? 16.808  -1.168  -1.537  1.00 18.64 ? 14  ARG A CA    1 
ATOM   77   C C     . ARG A 1 34  ? 16.360  -2.374  -2.342  1.00 15.38 ? 14  ARG A C     1 
ATOM   78   O O     . ARG A 1 34  ? 16.704  -3.519  -2.032  1.00 18.36 ? 14  ARG A O     1 
ATOM   79   C CB    . ARG A 1 34  ? 17.410  -1.599  -0.203  1.00 20.04 ? 14  ARG A CB    1 
ATOM   80   C CG    . ARG A 1 34  ? 17.833  -0.442  0.685   1.00 20.54 ? 14  ARG A CG    1 
ATOM   81   C CD    . ARG A 1 34  ? 18.263  -0.929  2.050   1.00 22.75 ? 14  ARG A CD    1 
ATOM   82   N NE    . ARG A 1 34  ? 19.458  -1.758  1.944   1.00 26.23 ? 14  ARG A NE    1 
ATOM   83   C CZ    . ARG A 1 34  ? 20.696  -1.277  1.978   1.00 27.21 ? 14  ARG A CZ    1 
ATOM   84   N NH1   . ARG A 1 34  ? 21.729  -2.100  1.855   1.00 33.66 ? 14  ARG A NH1   1 
ATOM   85   N NH2   . ARG A 1 34  ? 20.898  0.027   2.126   1.00 26.07 ? 14  ARG A NH2   1 
ATOM   86   N N     . GLY A 1 35  ? 15.513  -2.111  -3.333  1.00 15.31 ? 15  GLY A N     1 
ATOM   87   C CA    . GLY A 1 35  ? 15.090  -3.133  -4.272  1.00 12.49 ? 15  GLY A CA    1 
ATOM   88   C C     . GLY A 1 35  ? 13.942  -4.032  -3.827  1.00 14.88 ? 15  GLY A C     1 
ATOM   89   O O     . GLY A 1 35  ? 13.606  -5.000  -4.504  1.00 17.56 ? 15  GLY A O     1 
ATOM   90   N N     . THR A 1 36  ? 13.327  -3.728  -2.689  1.00 13.50 ? 16  THR A N     1 
ATOM   91   C CA    . THR A 1 36  ? 12.213  -4.542  -2.215  1.00 12.31 ? 16  THR A CA    1 
ATOM   92   C C     . THR A 1 36  ? 10.979  -3.694  -1.939  1.00 10.66 ? 16  THR A C     1 
ATOM   93   O O     . THR A 1 36  ? 11.098  -2.515  -1.666  1.00 12.11 ? 16  THR A O     1 
ATOM   94   C CB    . THR A 1 36  ? 12.559  -5.299  -0.920  1.00 11.67 ? 16  THR A CB    1 
ATOM   95   O OG1   . THR A 1 36  ? 13.008  -4.384  0.085   1.00 12.61 ? 16  THR A OG1   1 
ATOM   96   C CG2   . THR A 1 36  ? 13.641  -6.339  -1.198  1.00 14.70 ? 16  THR A CG2   1 
ATOM   97   N N     . LEU A 1 37  ? 9.808   -4.321  -2.013  1.00 8.95  ? 17  LEU A N     1 
ATOM   98   C CA    . LEU A 1 37  ? 8.522   -3.658  -1.734  1.00 8.63  ? 17  LEU A CA    1 
ATOM   99   C C     . LEU A 1 37  ? 8.057   -3.966  -0.298  1.00 8.38  ? 17  LEU A C     1 
ATOM   100  O O     . LEU A 1 37  ? 8.041   -5.129  0.122   1.00 8.82  ? 17  LEU A O     1 
ATOM   101  C CB    . LEU A 1 37  ? 7.458   -4.175  -2.703  1.00 10.51 ? 17  LEU A CB    1 
ATOM   102  C CG    . LEU A 1 37  ? 6.004   -3.766  -2.472  1.00 10.19 ? 17  LEU A CG    1 
ATOM   103  C CD1   . LEU A 1 37  ? 5.781   -2.305  -2.790  1.00 9.79  ? 17  LEU A CD1   1 
ATOM   104  C CD2   . LEU A 1 37  ? 5.054   -4.640  -3.277  1.00 11.03 ? 17  LEU A CD2   1 
ATOM   105  N N     . LEU A 1 38  ? 7.569   -2.947  0.396   1.00 7.66  ? 18  LEU A N     1 
ATOM   106  C CA    . LEU A 1 38  ? 6.941   -3.163  1.689   1.00 8.52  ? 18  LEU A CA    1 
ATOM   107  C C     . LEU A 1 38  ? 5.502   -3.625  1.513   1.00 8.37  ? 18  LEU A C     1 
ATOM   108  O O     . LEU A 1 38  ? 4.708   -2.947  0.849   1.00 9.08  ? 18  LEU A O     1 
ATOM   109  C CB    . LEU A 1 38  ? 6.955   -1.874  2.513   1.00 8.62  ? 18  LEU A CB    1 
ATOM   110  C CG    . LEU A 1 38  ? 6.556   -2.099  3.970   1.00 10.07 ? 18  LEU A CG    1 
ATOM   111  C CD1   . LEU A 1 38  ? 7.611   -2.876  4.738   1.00 11.03 ? 18  LEU A CD1   1 
ATOM   112  C CD2   . LEU A 1 38  ? 6.255   -0.794  4.645   1.00 11.43 ? 18  LEU A CD2   1 
ATOM   113  N N     . VAL A 1 39  ? 5.145   -4.726  2.171   1.00 7.76  ? 19  VAL A N     1 
ATOM   114  C CA    . VAL A 1 39  ? 3.744   -5.124  2.243   1.00 8.11  ? 19  VAL A CA    1 
ATOM   115  C C     . VAL A 1 39  ? 3.329   -5.253  3.706   1.00 8.42  ? 19  VAL A C     1 
ATOM   116  O O     . VAL A 1 39  ? 4.168   -5.461  4.571   1.00 8.20  ? 19  VAL A O     1 
ATOM   117  C CB    . VAL A 1 39  ? 3.465   -6.422  1.442   1.00 8.48  ? 19  VAL A CB    1 
ATOM   118  C CG1   . VAL A 1 39  ? 3.658   -6.159  -0.034  1.00 8.98  ? 19  VAL A CG1   1 
ATOM   119  C CG2   . VAL A 1 39  ? 4.342   -7.570  1.924   1.00 8.51  ? 19  VAL A CG2   1 
ATOM   120  N N     . ALA A 1 40  ? 2.040   -5.063  3.980   1.00 9.57  ? 20  ALA A N     1 
ATOM   121  C CA    . ALA A 1 40  ? 1.553   -4.923  5.337   1.00 9.04  ? 20  ALA A CA    1 
ATOM   122  C C     . ALA A 1 40  ? 0.394   -5.874  5.536   1.00 8.84  ? 20  ALA A C     1 
ATOM   123  O O     . ALA A 1 40  ? -0.509  -5.934  4.706   1.00 10.11 ? 20  ALA A O     1 
ATOM   124  C CB    . ALA A 1 40  ? 1.111   -3.490  5.590   1.00 8.68  ? 20  ALA A CB    1 
ATOM   125  N N     . GLN A 1 41  ? 0.433   -6.633  6.623   1.00 8.95  ? 21  GLN A N     1 
ATOM   126  C CA    . GLN A 1 41  ? -0.589  -7.651  6.883   1.00 9.11  ? 21  GLN A CA    1 
ATOM   127  C C     . GLN A 1 41  ? -1.670  -7.062  7.757   1.00 9.63  ? 21  GLN A C     1 
ATOM   128  O O     . GLN A 1 41  ? -1.408  -6.639  8.881   1.00 10.61 ? 21  GLN A O     1 
ATOM   129  C CB    . GLN A 1 41  ? 0.032   -8.877  7.536   1.00 10.37 ? 21  GLN A CB    1 
ATOM   130  C CG    . GLN A 1 41  ? -0.911  -10.065 7.623   1.00 10.75 ? 21  GLN A CG    1 
ATOM   131  C CD    . GLN A 1 41  ? -0.254  -11.253 8.284   1.00 10.74 ? 21  GLN A CD    1 
ATOM   132  O OE1   . GLN A 1 41  ? 0.528   -11.089 9.214   1.00 12.74 ? 21  GLN A OE1   1 
ATOM   133  N NE2   . GLN A 1 41  ? -0.555  -12.440 7.813   1.00 12.64 ? 21  GLN A NE2   1 
ATOM   134  N N     . ARG A 1 42  ? -2.878  -6.994  7.217   1.00 9.75  ? 22  ARG A N     1 
ATOM   135  C CA    . ARG A 1 42  ? -3.988  -6.422  7.978   1.00 10.35 ? 22  ARG A CA    1 
ATOM   136  C C     . ARG A 1 42  ? -4.309  -7.255  9.214   1.00 10.33 ? 22  ARG A C     1 
ATOM   137  O O     . ARG A 1 42  ? -4.088  -8.462  9.251   1.00 11.00 ? 22  ARG A O     1 
ATOM   138  C CB    . ARG A 1 42  ? -5.243  -6.285  7.127   1.00 12.63 ? 22  ARG A CB    1 
ATOM   139  C CG    . ARG A 1 42  ? -5.131  -5.273  6.011   1.00 11.46 ? 22  ARG A CG    1 
ATOM   140  C CD    . ARG A 1 42  ? -6.476  -4.964  5.377   1.00 12.86 ? 22  ARG A CD    1 
ATOM   141  N NE    . ARG A 1 42  ? -7.390  -4.267  6.278   1.00 13.37 ? 22  ARG A NE    1 
ATOM   142  C CZ    . ARG A 1 42  ? -7.662  -2.964  6.263   1.00 14.19 ? 22  ARG A CZ    1 
ATOM   143  N NH1   . ARG A 1 42  ? -7.016  -2.116  5.464   1.00 12.86 ? 22  ARG A NH1   1 
ATOM   144  N NH2   . ARG A 1 42  ? -8.528  -2.492  7.142   1.00 14.30 ? 22  ARG A NH2   1 
ATOM   145  N N     . ASP A 1 43  ? -4.870  -6.574  10.207  1.00 10.41 ? 23  ASP A N     1 
ATOM   146  C CA    . ASP A 1 43  ? -5.269  -7.190  11.463  1.00 11.69 ? 23  ASP A CA    1 
ATOM   147  C C     . ASP A 1 43  ? -6.778  -7.083  11.692  1.00 12.34 ? 23  ASP A C     1 
ATOM   148  O O     . ASP A 1 43  ? -7.277  -7.577  12.701  1.00 12.18 ? 23  ASP A O     1 
ATOM   149  C CB    . ASP A 1 43  ? -4.517  -6.505  12.601  1.00 15.83 ? 23  ASP A CB    1 
ATOM   150  C CG    . ASP A 1 43  ? -4.571  -7.281  13.869  1.00 19.43 ? 23  ASP A CG    1 
ATOM   151  O OD1   . ASP A 1 43  ? -4.182  -8.464  13.845  1.00 19.96 ? 23  ASP A OD1   1 
ATOM   152  O OD2   . ASP A 1 43  ? -5.003  -6.689  14.888  1.00 23.61 ? 23  ASP A OD2   1 
ATOM   153  N N     . ARG A 1 44  ? -7.491  -6.453  10.759  1.00 10.27 ? 24  ARG A N     1 
ATOM   154  C CA    . ARG A 1 44  ? -8.929  -6.162  10.887  1.00 11.57 ? 24  ARG A CA    1 
ATOM   155  C C     . ARG A 1 44  ? -9.474  -5.742  9.524   1.00 12.31 ? 24  ARG A C     1 
ATOM   156  O O     . ARG A 1 44  ? -8.699  -5.354  8.643   1.00 10.84 ? 24  ARG A O     1 
ATOM   157  C CB    . ARG A 1 44  ? -9.151  -5.033  11.889  1.00 12.29 ? 24  ARG A CB    1 
ATOM   158  C CG    . ARG A 1 44  ? -8.573  -3.702  11.440  1.00 15.84 ? 24  ARG A CG    1 
ATOM   159  C CD    . ARG A 1 44  ? -8.871  -2.609  12.453  1.00 20.12 ? 24  ARG A CD    1 
ATOM   160  N NE    . ARG A 1 44  ? -7.755  -1.677  12.588  1.00 32.36 ? 24  ARG A NE    1 
ATOM   161  N N     . PRO A 1 45  ? -10.801 -5.840  9.320   1.00 10.54 ? 25  PRO A N     1 
ATOM   162  C CA    . PRO A 1 45  ? -11.746 -6.639  10.089  1.00 8.33  ? 25  PRO A CA    1 
ATOM   163  C C     . PRO A 1 45  ? -11.489 -8.134  9.868   1.00 9.32  ? 25  PRO A C     1 
ATOM   164  O O     . PRO A 1 45  ? -10.529 -8.512  9.226   1.00 10.17 ? 25  PRO A O     1 
ATOM   165  C CB    . PRO A 1 45  ? -13.092 -6.243  9.475   1.00 10.65 ? 25  PRO A CB    1 
ATOM   166  C CG    . PRO A 1 45  ? -12.747 -6.019  8.038   1.00 10.28 ? 25  PRO A CG    1 
ATOM   167  C CD    . PRO A 1 45  ? -11.364 -5.454  8.019   1.00 12.07 ? 25  PRO A CD    1 
ATOM   168  N N     . ALA A 1 46  ? -12.340 -8.991  10.420  1.00 8.84  ? 26  ALA A N     1 
ATOM   169  C CA    . ALA A 1 46  ? -12.052 -10.424 10.385  1.00 8.96  ? 26  ALA A CA    1 
ATOM   170  C C     . ALA A 1 46  ? -11.823 -10.928 8.962   1.00 8.87  ? 26  ALA A C     1 
ATOM   171  O O     . ALA A 1 46  ? -10.999 -11.809 8.738   1.00 9.94  ? 26  ALA A O     1 
ATOM   172  C CB    . ALA A 1 46  ? -13.203 -11.189 11.023  1.00 10.14 ? 26  ALA A CB    1 
ATOM   173  N N     . GLU A 1 47  ? -12.570 -10.372 8.014   1.00 10.00 ? 27  GLU A N     1 
ATOM   174  C CA    . GLU A 1 47  ? -12.537 -10.839 6.632   1.00 11.58 ? 27  GLU A CA    1 
ATOM   175  C C     . GLU A 1 47  ? -11.180 -10.598 5.975   1.00 10.19 ? 27  GLU A C     1 
ATOM   176  O O     . GLU A 1 47  ? -10.846 -11.267 4.998   1.00 11.52 ? 27  GLU A O     1 
ATOM   177  C CB    . GLU A 1 47  ? -13.632 -10.155 5.809   1.00 14.53 ? 27  GLU A CB    1 
ATOM   178  C CG    . GLU A 1 47  ? -15.040 -10.640 6.115   1.00 17.79 ? 27  GLU A CG    1 
ATOM   179  C CD    . GLU A 1 47  ? -15.734 -9.850  7.221   1.00 19.05 ? 27  GLU A CD    1 
ATOM   180  O OE1   . GLU A 1 47  ? -15.072 -9.088  7.985   1.00 13.20 ? 27  GLU A OE1   1 
ATOM   181  O OE2   . GLU A 1 47  ? -16.970 -10.002 7.324   1.00 17.04 ? 27  GLU A OE2   1 
ATOM   182  N N     . LEU A 1 48  ? -10.420 -9.624  6.480   1.00 9.03  ? 28  LEU A N     1 
ATOM   183  C CA    . LEU A 1 48  ? -9.150  -9.251  5.856   1.00 9.40  ? 28  LEU A CA    1 
ATOM   184  C C     . LEU A 1 48  ? -7.968  -9.500  6.775   1.00 10.10 ? 28  LEU A C     1 
ATOM   185  O O     . LEU A 1 48  ? -6.812  -9.401  6.376   1.00 8.71  ? 28  LEU A O     1 
ATOM   186  C CB    . LEU A 1 48  ? -9.188  -7.772  5.475   1.00 10.11 ? 28  LEU A CB    1 
ATOM   187  C CG    . LEU A 1 48  ? -10.240 -7.343  4.457   1.00 11.32 ? 28  LEU A CG    1 
ATOM   188  C CD1   . LEU A 1 48  ? -10.039 -5.870  4.148   1.00 13.23 ? 28  LEU A CD1   1 
ATOM   189  C CD2   . LEU A 1 48  ? -10.210 -8.159  3.169   1.00 12.36 ? 28  LEU A CD2   1 
ATOM   190  N N     . ALA A 1 49  ? -8.254  -9.803  8.030   1.00 9.28  ? 29  ALA A N     1 
ATOM   191  C CA    . ALA A 1 49  ? -7.198  -10.012 9.014   1.00 9.83  ? 29  ALA A CA    1 
ATOM   192  C C     . ALA A 1 49  ? -6.380  -11.223 8.598   1.00 10.21 ? 29  ALA A C     1 
ATOM   193  O O     . ALA A 1 49  ? -6.943  -12.297 8.365   1.00 11.55 ? 29  ALA A O     1 
ATOM   194  C CB    . ALA A 1 49  ? -7.814  -10.234 10.392  1.00 10.78 ? 29  ALA A CB    1 
ATOM   195  N N     . GLY A 1 50  ? -5.059  -11.050 8.488   1.00 8.91  ? 30  GLY A N     1 
ATOM   196  C CA    . GLY A 1 50  ? -4.171  -12.079 7.962   1.00 9.72  ? 30  GLY A CA    1 
ATOM   197  C C     . GLY A 1 50  ? -3.774  -11.925 6.501   1.00 9.62  ? 30  GLY A C     1 
ATOM   198  O O     . GLY A 1 50  ? -2.868  -12.629 6.020   1.00 11.56 ? 30  GLY A O     1 
ATOM   199  N N     . LEU A 1 51  ? -4.492  -11.070 5.786   1.00 9.20  ? 31  LEU A N     1 
ATOM   200  C CA    . LEU A 1 51  ? -4.225  -10.814 4.371   1.00 9.71  ? 31  LEU A CA    1 
ATOM   201  C C     . LEU A 1 51  ? -3.420  -9.551  4.169   1.00 10.50 ? 31  LEU A C     1 
ATOM   202  O O     . LEU A 1 51  ? -3.385  -8.678  5.043   1.00 11.26 ? 31  LEU A O     1 
ATOM   203  C CB    . LEU A 1 51  ? -5.533  -10.703 3.590   1.00 10.51 ? 31  LEU A CB    1 
ATOM   204  C CG    . LEU A 1 51  ? -6.498  -11.868 3.792   1.00 10.58 ? 31  LEU A CG    1 
ATOM   205  C CD1   . LEU A 1 51  ? -7.705  -11.690 2.897   1.00 10.12 ? 31  LEU A CD1   1 
ATOM   206  C CD2   . LEU A 1 51  ? -5.783  -13.184 3.527   1.00 11.50 ? 31  LEU A CD2   1 
ATOM   207  N N     . TRP A 1 52  ? -2.745  -9.475  3.021   1.00 9.14  ? 32  TRP A N     1 
ATOM   208  C CA    . TRP A 1 52  ? -1.689  -8.489  2.793   1.00 9.16  ? 32  TRP A CA    1 
ATOM   209  C C     . TRP A 1 52  ? -2.155  -7.363  1.871   1.00 9.25  ? 32  TRP A C     1 
ATOM   210  O O     . TRP A 1 52  ? -2.943  -7.571  0.944   1.00 9.29  ? 32  TRP A O     1 
ATOM   211  C CB    . TRP A 1 52  ? -0.442  -9.163  2.227   1.00 9.74  ? 32  TRP A CB    1 
ATOM   212  C CG    . TRP A 1 52  ? 0.172   -10.128 3.182   1.00 9.70  ? 32  TRP A CG    1 
ATOM   213  C CD1   . TRP A 1 52  ? -0.202  -11.427 3.388   1.00 10.78 ? 32  TRP A CD1   1 
ATOM   214  C CD2   . TRP A 1 52  ? 1.248   -9.868  4.094   1.00 9.68  ? 32  TRP A CD2   1 
ATOM   215  N NE1   . TRP A 1 52  ? 0.595   -11.999 4.358   1.00 12.26 ? 32  TRP A NE1   1 
ATOM   216  C CE2   . TRP A 1 52  ? 1.466   -11.051 4.834   1.00 11.16 ? 32  TRP A CE2   1 
ATOM   217  C CE3   . TRP A 1 52  ? 2.016   -8.737  4.395   1.00 10.61 ? 32  TRP A CE3   1 
ATOM   218  C CZ2   . TRP A 1 52  ? 2.483   -11.153 5.788   1.00 12.40 ? 32  TRP A CZ2   1 
ATOM   219  C CZ3   . TRP A 1 52  ? 3.003   -8.834  5.362   1.00 10.44 ? 32  TRP A CZ3   1 
ATOM   220  C CH2   . TRP A 1 52  ? 3.233   -10.037 6.040   1.00 13.13 ? 32  TRP A CH2   1 
ATOM   221  N N     . GLU A 1 53  ? -1.637  -6.165  2.126   1.00 8.53  ? 33  GLU A N     1 
ATOM   222  C CA    . GLU A 1 53  ? -2.057  -4.977  1.404   1.00 8.97  ? 33  GLU A CA    1 
ATOM   223  C C     . GLU A 1 53  ? -0.881  -4.008  1.237   1.00 9.27  ? 33  GLU A C     1 
ATOM   224  O O     . GLU A 1 53  ? 0.129   -4.099  1.945   1.00 9.24  ? 33  GLU A O     1 
ATOM   225  C CB    . GLU A 1 53  ? -3.220  -4.270  2.125   1.00 9.69  ? 33  GLU A CB    1 
ATOM   226  C CG    . GLU A 1 53  ? -2.851  -3.635  3.465   1.00 10.25 ? 33  GLU A CG    1 
ATOM   227  C CD    . GLU A 1 53  ? -3.962  -2.792  4.083   1.00 11.07 ? 33  GLU A CD    1 
ATOM   228  O OE1   . GLU A 1 53  ? -5.086  -2.785  3.534   1.00 11.98 ? 33  GLU A OE1   1 
ATOM   229  O OE2   . GLU A 1 53  ? -3.688  -2.138  5.124   1.00 13.85 ? 33  GLU A OE2   1 
ATOM   230  N N     . LEU A 1 54  ? -1.062  -3.053  0.333   1.00 8.79  ? 34  LEU A N     1 
ATOM   231  C CA    . LEU A 1 54  ? -0.340  -1.800  0.387   1.00 8.48  ? 34  LEU A CA    1 
ATOM   232  C C     . LEU A 1 54  ? -0.973  -0.870  1.413   1.00 9.63  ? 34  LEU A C     1 
ATOM   233  O O     . LEU A 1 54  ? -2.173  -0.603  1.367   1.00 11.95 ? 34  LEU A O     1 
ATOM   234  C CB    . LEU A 1 54  ? -0.319  -1.122  -0.987  1.00 9.20  ? 34  LEU A CB    1 
ATOM   235  C CG    . LEU A 1 54  ? 0.266   -1.949  -2.136  1.00 9.38  ? 34  LEU A CG    1 
ATOM   236  C CD1   . LEU A 1 54  ? 0.314   -1.055  -3.370  1.00 9.10  ? 34  LEU A CD1   1 
ATOM   237  C CD2   . LEU A 1 54  ? 1.653   -2.507  -1.827  1.00 10.50 ? 34  LEU A CD2   1 
ATOM   238  N N     . PRO A 1 55  ? -0.163  -0.391  2.360   1.00 9.65  ? 35  PRO A N     1 
ATOM   239  C CA    . PRO A 1 55  ? -0.756  0.395   3.432   1.00 11.87 ? 35  PRO A CA    1 
ATOM   240  C C     . PRO A 1 55  ? -1.241  1.761   2.965   1.00 10.12 ? 35  PRO A C     1 
ATOM   241  O O     . PRO A 1 55  ? -0.738  2.314   1.978   1.00 11.62 ? 35  PRO A O     1 
ATOM   242  C CB    . PRO A 1 55  ? 0.384   0.529   4.436   1.00 13.52 ? 35  PRO A CB    1 
ATOM   243  C CG    . PRO A 1 55  ? 1.625   0.409   3.628   1.00 12.58 ? 35  PRO A CG    1 
ATOM   244  C CD    . PRO A 1 55  ? 1.295   -0.544  2.510   1.00 11.07 ? 35  PRO A CD    1 
ATOM   245  N N     . GLY A 1 56  ? -2.268  2.281   3.624   1.00 9.44  ? 36  GLY A N     1 
ATOM   246  C CA    . GLY A 1 56  ? -2.796  3.594   3.293   1.00 9.74  ? 36  GLY A CA    1 
ATOM   247  C C     . GLY A 1 56  ? -4.087  3.862   4.036   1.00 10.73 ? 36  GLY A C     1 
ATOM   248  O O     . GLY A 1 56  ? -4.255  3.426   5.170   1.00 13.58 ? 36  GLY A O     1 
ATOM   249  N N     . GLY A 1 57  ? -5.003  4.586   3.397   1.00 9.17  ? 37  GLY A N     1 
ATOM   250  C CA    . GLY A 1 57  ? -6.267  4.938   4.039   1.00 11.91 ? 37  GLY A CA    1 
ATOM   251  C C     . GLY A 1 57  ? -7.024  6.041   3.325   1.00 10.52 ? 37  GLY A C     1 
ATOM   252  O O     . GLY A 1 57  ? -6.628  6.520   2.261   1.00 11.30 ? 37  GLY A O     1 
ATOM   253  N N     . LYS A 1 58  ? -8.163  6.396   3.896   1.00 12.26 ? 38  LYS A N     1 
ATOM   254  C CA    . LYS A 1 58  ? -9.066  7.368   3.295   1.00 13.53 ? 38  LYS A CA    1 
ATOM   255  C C     . LYS A 1 58  ? -8.481  8.767   3.250   1.00 13.40 ? 38  LYS A C     1 
ATOM   256  O O     . LYS A 1 58  ? -7.910  9.254   4.234   1.00 14.13 ? 38  LYS A O     1 
ATOM   257  C CB    . LYS A 1 58  ? -10.368 7.397   4.091   1.00 16.66 ? 38  LYS A CB    1 
ATOM   258  C CG    . LYS A 1 58  ? -11.193 6.141   3.926   1.00 18.75 ? 38  LYS A CG    1 
ATOM   259  C CD    . LYS A 1 58  ? -12.420 6.160   4.825   1.00 24.95 ? 38  LYS A CD    1 
ATOM   260  C CE    . LYS A 1 58  ? -13.218 4.873   4.674   1.00 34.28 ? 38  LYS A CE    1 
ATOM   261  N NZ    . LYS A 1 58  ? -14.249 4.735   5.739   1.00 42.12 ? 38  LYS A NZ    1 
ATOM   262  N N     . VAL A 1 59  ? -8.688  9.433   2.122   1.00 14.77 ? 39  VAL A N     1 
ATOM   263  C CA    . VAL A 1 59  ? -8.493  10.874  2.003   1.00 15.63 ? 39  VAL A CA    1 
ATOM   264  C C     . VAL A 1 59  ? -9.606  11.614  2.742   1.00 19.29 ? 39  VAL A C     1 
ATOM   265  O O     . VAL A 1 59  ? -10.774 11.220  2.692   1.00 23.91 ? 39  VAL A O     1 
ATOM   266  C CB    . VAL A 1 59  ? -8.497  11.292  0.520   1.00 17.40 ? 39  VAL A CB    1 
ATOM   267  C CG1   . VAL A 1 59  ? -8.316  12.795  0.372   1.00 21.54 ? 39  VAL A CG1   1 
ATOM   268  C CG2   . VAL A 1 59  ? -7.424  10.546  -0.254  1.00 14.94 ? 39  VAL A CG2   1 
ATOM   269  N N     . THR A 1 60  ? -9.227  12.662  3.458   1.00 18.47 ? 40  THR A N     1 
ATOM   270  C CA    . THR A 1 60  ? -10.196 13.510  4.138   1.00 21.57 ? 40  THR A CA    1 
ATOM   271  C C     . THR A 1 60  ? -10.497 14.726  3.258   1.00 23.09 ? 40  THR A C     1 
ATOM   272  O O     . THR A 1 60  ? -9.636  15.186  2.524   1.00 19.56 ? 40  THR A O     1 
ATOM   273  C CB    . THR A 1 60  ? -9.660  13.962  5.504   1.00 23.80 ? 40  THR A CB    1 
ATOM   274  O OG1   . THR A 1 60  ? -8.439  14.686  5.336   1.00 34.42 ? 40  THR A OG1   1 
ATOM   275  C CG2   . THR A 1 60  ? -9.405  12.777  6.403   1.00 24.34 ? 40  THR A CG2   1 
ATOM   276  N N     . PRO A 1 61  ? -11.737 15.234  3.310   1.00 28.43 ? 41  PRO A N     1 
ATOM   277  C CA    . PRO A 1 61  ? -12.084 16.434  2.543   1.00 26.27 ? 41  PRO A CA    1 
ATOM   278  C C     . PRO A 1 61  ? -11.039 17.533  2.718   1.00 20.97 ? 41  PRO A C     1 
ATOM   279  O O     . PRO A 1 61  ? -10.623 17.810  3.838   1.00 22.77 ? 41  PRO A O     1 
ATOM   280  C CB    . PRO A 1 61  ? -13.425 16.866  3.154   1.00 30.65 ? 41  PRO A CB    1 
ATOM   281  C CG    . PRO A 1 61  ? -13.989 15.627  3.768   1.00 32.49 ? 41  PRO A CG    1 
ATOM   282  C CD    . PRO A 1 61  ? -12.807 14.837  4.245   1.00 32.28 ? 41  PRO A CD    1 
ATOM   283  N N     . GLY A 1 62  ? -10.558 18.089  1.607   1.00 21.02 ? 42  GLY A N     1 
ATOM   284  C CA    . GLY A 1 62  ? -9.583  19.166  1.654   1.00 20.02 ? 42  GLY A CA    1 
ATOM   285  C C     . GLY A 1 62  ? -8.134  18.734  1.538   1.00 19.09 ? 42  GLY A C     1 
ATOM   286  O O     . GLY A 1 62  ? -7.258  19.565  1.336   1.00 20.35 ? 42  GLY A O     1 
ATOM   287  N N     . GLU A 1 63  ? -7.875  17.436  1.694   1.00 15.77 ? 43  GLU A N     1 
ATOM   288  C CA    . GLU A 1 63  ? -6.520  16.881  1.578   1.00 13.39 ? 43  GLU A CA    1 
ATOM   289  C C     . GLU A 1 63  ? -6.254  16.524  0.131   1.00 10.64 ? 43  GLU A C     1 
ATOM   290  O O     . GLU A 1 63  ? -7.120  15.973  -0.541  1.00 13.22 ? 43  GLU A O     1 
ATOM   291  C CB    . GLU A 1 63  ? -6.395  15.580  2.377   1.00 16.37 ? 43  GLU A CB    1 
ATOM   292  C CG    . GLU A 1 63  ? -5.802  15.724  3.759   1.00 19.65 ? 43  GLU A CG    1 
ATOM   293  C CD    . GLU A 1 63  ? -5.567  14.387  4.415   1.00 16.49 ? 43  GLU A CD    1 
ATOM   294  O OE1   . GLU A 1 63  ? -6.329  13.419  4.122   1.00 14.34 ? 43  GLU A OE1   1 
ATOM   295  O OE2   . GLU A 1 63  ? -4.620  14.322  5.217   1.00 21.12 ? 43  GLU A OE2   1 
ATOM   296  N N     . SER A 1 64  ? -5.027  16.760  -0.318  1.00 10.83 ? 44  SER A N     1 
ATOM   297  C CA    . SER A 1 64  ? -4.529  16.110  -1.526  1.00 10.30 ? 44  SER A CA    1 
ATOM   298  C C     . SER A 1 64  ? -4.255  14.611  -1.298  1.00 10.26 ? 44  SER A C     1 
ATOM   299  O O     . SER A 1 64  ? -4.060  14.142  -0.162  1.00 9.98  ? 44  SER A O     1 
ATOM   300  C CB    . SER A 1 64  ? -3.252  16.792  -1.995  1.00 11.36 ? 44  SER A CB    1 
ATOM   301  O OG    . SER A 1 64  ? -2.155  16.499  -1.130  1.00 11.15 ? 44  SER A OG    1 
ATOM   302  N N     . ASP A 1 65  ? -4.186  13.860  -2.390  1.00 9.04  ? 45  ASP A N     1 
ATOM   303  C CA    . ASP A 1 65  ? -3.819  12.453  -2.272  1.00 9.17  ? 45  ASP A CA    1 
ATOM   304  C C     . ASP A 1 65  ? -2.456  12.346  -1.567  1.00 7.88  ? 45  ASP A C     1 
ATOM   305  O O     . ASP A 1 65  ? -2.257  11.468  -0.732  1.00 9.44  ? 45  ASP A O     1 
ATOM   306  C CB    . ASP A 1 65  ? -3.712  11.791  -3.642  1.00 9.64  ? 45  ASP A CB    1 
ATOM   307  C CG    . ASP A 1 65  ? -5.056  11.482  -4.270  1.00 10.68 ? 45  ASP A CG    1 
ATOM   308  O OD1   . ASP A 1 65  ? -6.112  11.932  -3.751  1.00 10.91 ? 45  ASP A OD1   1 
ATOM   309  O OD2   . ASP A 1 65  ? -5.050  10.764  -5.297  1.00 10.45 ? 45  ASP A OD2   1 
ATOM   310  N N     . ALA A 1 66  ? -1.506  13.205  -1.938  1.00 8.10  ? 46  ALA A N     1 
ATOM   311  C CA    . ALA A 1 66  ? -0.175  13.168  -1.330  1.00 9.56  ? 46  ALA A CA    1 
ATOM   312  C C     . ALA A 1 66  ? -0.226  13.429  0.169   1.00 9.57  ? 46  ALA A C     1 
ATOM   313  O O     . ALA A 1 66  ? 0.436   12.725  0.942   1.00 9.89  ? 46  ALA A O     1 
ATOM   314  C CB    . ALA A 1 66  ? 0.776   14.137  -2.007  1.00 9.77  ? 46  ALA A CB    1 
ATOM   315  N N     . ASP A 1 67  ? -0.993  14.439  0.582   1.00 10.09 ? 47  ASP A N     1 
ATOM   316  C CA    . ASP A 1 67  ? -1.144  14.754  2.003   1.00 11.68 ? 47  ASP A CA    1 
ATOM   317  C C     . ASP A 1 67  ? -1.649  13.507  2.728   1.00 10.31 ? 47  ASP A C     1 
ATOM   318  O O     . ASP A 1 67  ? -1.133  13.101  3.784   1.00 10.65 ? 47  ASP A O     1 
ATOM   319  C CB    . ASP A 1 67  ? -2.210  15.850  2.240   1.00 15.69 ? 47  ASP A CB    1 
ATOM   320  C CG    . ASP A 1 67  ? -1.815  17.229  1.740   1.00 25.06 ? 47  ASP A CG    1 
ATOM   321  O OD1   . ASP A 1 67  ? -0.610  17.543  1.739   1.00 18.30 ? 47  ASP A OD1   1 
ATOM   322  O OD2   . ASP A 1 67  ? -2.760  18.029  1.438   1.00 23.26 ? 47  ASP A OD2   1 
ATOM   323  N N     . ALA A 1 68  ? -2.720  12.935  2.190   1.00 9.49  ? 48  ALA A N     1 
ATOM   324  C CA    . ALA A 1 68  ? -3.404  11.842  2.845   1.00 9.00  ? 48  ALA A CA    1 
ATOM   325  C C     . ALA A 1 68  ? -2.486  10.627  2.991   1.00 9.13  ? 48  ALA A C     1 
ATOM   326  O O     . ALA A 1 68  ? -2.418  10.011  4.054   1.00 9.19  ? 48  ALA A O     1 
ATOM   327  C CB    . ALA A 1 68  ? -4.672  11.460  2.085   1.00 10.04 ? 48  ALA A CB    1 
ATOM   328  N N     . LEU A 1 69  ? -1.803  10.257  1.908   1.00 8.69  ? 49  LEU A N     1 
ATOM   329  C CA    . LEU A 1 69  ? -0.994  9.054   1.923   1.00 8.55  ? 49  LEU A CA    1 
ATOM   330  C C     . LEU A 1 69  ? 0.205   9.215   2.865   1.00 8.87  ? 49  LEU A C     1 
ATOM   331  O O     . LEU A 1 69  ? 0.518   8.314   3.651   1.00 9.06  ? 49  LEU A O     1 
ATOM   332  C CB    . LEU A 1 69  ? -0.532  8.703   0.503   1.00 8.56  ? 49  LEU A CB    1 
ATOM   333  C CG    . LEU A 1 69  ? 0.217   7.377   0.363   1.00 9.65  ? 49  LEU A CG    1 
ATOM   334  C CD1   . LEU A 1 69  ? -0.558  6.237   0.992   1.00 9.71  ? 49  LEU A CD1   1 
ATOM   335  C CD2   . LEU A 1 69  ? 0.509   7.083   -1.097  1.00 8.60  ? 49  LEU A CD2   1 
ATOM   336  N N     . ALA A 1 70  ? 0.856   10.368  2.809   1.00 9.08  ? 50  ALA A N     1 
ATOM   337  C CA    . ALA A 1 70  ? 1.956   10.649  3.732   1.00 9.90  ? 50  ALA A CA    1 
ATOM   338  C C     . ALA A 1 70  ? 1.471   10.592  5.191   1.00 11.57 ? 50  ALA A C     1 
ATOM   339  O O     . ALA A 1 70  ? 2.143   10.026  6.042   1.00 11.06 ? 50  ALA A O     1 
ATOM   340  C CB    . ALA A 1 70  ? 2.589   11.998  3.419   1.00 10.32 ? 50  ALA A CB    1 
ATOM   341  N N     . ARG A 1 71  ? 0.296   11.151  5.464   1.00 9.51  ? 51  ARG A N     1 
ATOM   342  C CA    . ARG A 1 71  ? -0.278  11.111  6.814   1.00 11.27 ? 51  ARG A CA    1 
ATOM   343  C C     . ARG A 1 71  ? -0.494  9.670   7.259   1.00 12.04 ? 51  ARG A C     1 
ATOM   344  O O     . ARG A 1 71  ? -0.123  9.290   8.368   1.00 11.44 ? 51  ARG A O     1 
ATOM   345  C CB    . ARG A 1 71  ? -1.615  11.869  6.850   1.00 11.44 ? 51  ARG A CB    1 
ATOM   346  C CG    . ARG A 1 71  ? -2.367  11.728  8.174   1.00 15.75 ? 51  ARG A CG    1 
ATOM   347  C CD    . ARG A 1 71  ? -3.671  12.510  8.200   1.00 14.33 ? 51  ARG A CD    1 
ATOM   348  N NE    . ARG A 1 71  ? -4.531  12.279  7.033   1.00 14.12 ? 51  ARG A NE    1 
ATOM   349  C CZ    . ARG A 1 71  ? -5.181  11.153  6.761   1.00 15.37 ? 51  ARG A CZ    1 
ATOM   350  N NH1   . ARG A 1 71  ? -5.126  10.107  7.591   1.00 18.92 ? 51  ARG A NH1   1 
ATOM   351  N NH2   . ARG A 1 71  ? -5.918  11.079  5.665   1.00 15.01 ? 51  ARG A NH2   1 
ATOM   352  N N     . GLU A 1 72  ? -1.106  8.866   6.396   1.00 10.18 ? 52  GLU A N     1 
ATOM   353  C CA    . GLU A 1 72  ? -1.467  7.504   6.760   1.00 11.97 ? 52  GLU A CA    1 
ATOM   354  C C     . GLU A 1 72  ? -0.240  6.659   7.013   1.00 11.15 ? 52  GLU A C     1 
ATOM   355  O O     . GLU A 1 72  ? -0.201  5.873   7.954   1.00 12.32 ? 52  GLU A O     1 
ATOM   356  C CB    . GLU A 1 72  ? -2.311  6.867   5.658   1.00 13.01 ? 52  GLU A CB    1 
ATOM   357  C CG    . GLU A 1 72  ? -3.721  7.431   5.586   1.00 14.47 ? 52  GLU A CG    1 
ATOM   358  C CD    . GLU A 1 72  ? -4.609  6.904   6.689   1.00 19.75 ? 52  GLU A CD    1 
ATOM   359  O OE1   . GLU A 1 72  ? -4.164  5.992   7.409   1.00 19.58 ? 52  GLU A OE1   1 
ATOM   360  O OE2   . GLU A 1 72  ? -5.752  7.403   6.833   1.00 23.51 ? 52  GLU A OE2   1 
ATOM   361  N N     . LEU A 1 73  ? 0.792   6.835   6.193   1.00 9.95  ? 53  LEU A N     1 
ATOM   362  C CA    . LEU A 1 73  ? 1.990   6.033   6.378   1.00 9.93  ? 53  LEU A CA    1 
ATOM   363  C C     . LEU A 1 73  ? 2.830   6.481   7.577   1.00 9.34  ? 53  LEU A C     1 
ATOM   364  O O     . LEU A 1 73  ? 3.489   5.655   8.213   1.00 12.19 ? 53  LEU A O     1 
ATOM   365  C CB    . LEU A 1 73  ? 2.828   6.021   5.103   1.00 10.27 ? 53  LEU A CB    1 
ATOM   366  C CG    . LEU A 1 73  ? 2.102   5.426   3.891   1.00 12.47 ? 53  LEU A CG    1 
ATOM   367  C CD1   . LEU A 1 73  ? 3.060   5.220   2.728   1.00 13.26 ? 53  LEU A CD1   1 
ATOM   368  C CD2   . LEU A 1 73  ? 1.401   4.136   4.253   1.00 12.21 ? 53  LEU A CD2   1 
ATOM   369  N N     . ARG A 1 74  ? 2.786   7.766   7.915   1.00 10.25 ? 54  ARG A N     1 
ATOM   370  C CA    . ARG A 1 74  ? 3.393   8.235   9.157   1.00 10.75 ? 54  ARG A CA    1 
ATOM   371  C C     . ARG A 1 74  ? 2.669   7.606   10.356  1.00 11.07 ? 54  ARG A C     1 
ATOM   372  O O     . ARG A 1 74  ? 3.308   7.041   11.242  1.00 11.97 ? 54  ARG A O     1 
ATOM   373  C CB    . ARG A 1 74  ? 3.312   9.749   9.230   1.00 13.00 ? 54  ARG A CB    1 
ATOM   374  C CG    . ARG A 1 74  ? 3.976   10.334  10.469  1.00 14.63 ? 54  ARG A CG    1 
ATOM   375  C CD    . ARG A 1 74  ? 3.947   11.845  10.435  1.00 16.70 ? 54  ARG A CD    1 
ATOM   376  N NE    . ARG A 1 74  ? 4.860   12.416  9.441   1.00 17.40 ? 54  ARG A NE    1 
ATOM   377  C CZ    . ARG A 1 74  ? 6.076   12.875  9.723   1.00 15.99 ? 54  ARG A CZ    1 
ATOM   378  N NH1   . ARG A 1 74  ? 6.525   12.818  10.964  1.00 13.53 ? 54  ARG A NH1   1 
ATOM   379  N NH2   . ARG A 1 74  ? 6.836   13.412  8.782   1.00 19.77 ? 54  ARG A NH2   1 
ATOM   380  N N     . GLU A 1 75  ? 1.341   7.615   10.319  1.00 11.03 ? 55  GLU A N     1 
ATOM   381  C CA    . GLU A 1 75  ? 0.556   7.029   11.410  1.00 13.58 ? 55  GLU A CA    1 
ATOM   382  C C     . GLU A 1 75  ? 0.733   5.511   11.485  1.00 12.24 ? 55  GLU A C     1 
ATOM   383  O O     . GLU A 1 75  ? 0.999   4.957   12.566  1.00 17.56 ? 55  GLU A O     1 
ATOM   384  C CB    . GLU A 1 75  ? -0.924  7.392   11.239  1.00 14.43 ? 55  GLU A CB    1 
ATOM   385  C CG    . GLU A 1 75  ? -1.210  8.864   11.453  1.00 22.20 ? 55  GLU A CG    1 
ATOM   386  C CD    . GLU A 1 75  ? -2.617  9.265   11.043  1.00 28.24 ? 55  GLU A CD    1 
ATOM   387  N N     . GLU A 1 76  ? 0.591   4.834   10.355  1.00 12.94 ? 56  GLU A N     1 
ATOM   388  C CA    . GLU A 1 76  ? 0.575   3.362   10.344  1.00 11.67 ? 56  GLU A CA    1 
ATOM   389  C C     . GLU A 1 76  ? 1.977   2.761   10.535  1.00 12.22 ? 56  GLU A C     1 
ATOM   390  O O     . GLU A 1 76  ? 2.118   1.676   11.126  1.00 12.98 ? 56  GLU A O     1 
ATOM   391  C CB    . GLU A 1 76  ? 0.003   2.831   9.028   1.00 14.30 ? 56  GLU A CB    1 
ATOM   392  C CG    . GLU A 1 76  ? -1.494  3.039   8.838   1.00 16.75 ? 56  GLU A CG    1 
ATOM   393  C CD    . GLU A 1 76  ? -2.018  2.340   7.598   1.00 22.68 ? 56  GLU A CD    1 
ATOM   394  O OE1   . GLU A 1 76  ? -3.183  1.884   7.607   1.00 25.97 ? 56  GLU A OE1   1 
ATOM   395  O OE2   . GLU A 1 76  ? -1.257  2.206   6.618   1.00 21.92 ? 56  GLU A OE2   1 
ATOM   396  N N     . LEU A 1 77  ? 2.997   3.410   9.964   1.00 10.38 ? 57  LEU A N     1 
ATOM   397  C CA    . LEU A 1 77  ? 4.329   2.803   9.850   1.00 10.81 ? 57  LEU A CA    1 
ATOM   398  C C     . LEU A 1 77  ? 5.439   3.548   10.583  1.00 9.33  ? 57  LEU A C     1 
ATOM   399  O O     . LEU A 1 77  ? 6.518   3.016   10.765  1.00 10.61 ? 57  LEU A O     1 
ATOM   400  C CB    . LEU A 1 77  ? 4.761   2.683   8.387   1.00 10.45 ? 57  LEU A CB    1 
ATOM   401  C CG    . LEU A 1 77  ? 3.809   2.002   7.391   1.00 10.94 ? 57  LEU A CG    1 
ATOM   402  C CD1   . LEU A 1 77  ? 4.439   2.025   6.016   1.00 11.78 ? 57  LEU A CD1   1 
ATOM   403  C CD2   . LEU A 1 77  ? 3.583   0.560   7.826   1.00 13.14 ? 57  LEU A CD2   1 
ATOM   404  N N     . GLY A 1 78  ? 5.185   4.786   10.980  1.00 10.73 ? 58  GLY A N     1 
ATOM   405  C CA    . GLY A 1 78  ? 6.207   5.594   11.627  1.00 11.56 ? 58  GLY A CA    1 
ATOM   406  C C     . GLY A 1 78  ? 7.285   6.087   10.692  1.00 10.84 ? 58  GLY A C     1 
ATOM   407  O O     . GLY A 1 78  ? 8.407   6.325   11.117  1.00 11.75 ? 58  GLY A O     1 
ATOM   408  N N     . VAL A 1 79  ? 6.941   6.277   9.416   1.00 9.66  ? 59  VAL A N     1 
ATOM   409  C CA    . VAL A 1 79  ? 7.890   6.795   8.431   1.00 10.09 ? 59  VAL A CA    1 
ATOM   410  C C     . VAL A 1 79  ? 7.387   8.043   7.726   1.00 9.48  ? 59  VAL A C     1 
ATOM   411  O O     . VAL A 1 79  ? 6.177   8.242   7.561   1.00 11.75 ? 59  VAL A O     1 
ATOM   412  C CB    . VAL A 1 79  ? 8.263   5.739   7.367   1.00 11.13 ? 59  VAL A CB    1 
ATOM   413  C CG1   . VAL A 1 79  ? 8.873   4.525   8.034   1.00 10.78 ? 59  VAL A CG1   1 
ATOM   414  C CG2   . VAL A 1 79  ? 7.057   5.370   6.518   1.00 12.84 ? 59  VAL A CG2   1 
ATOM   415  N N     . ASP A 1 80  ? 8.340   8.862   7.297   1.00 8.35  ? 60  ASP A N     1 
ATOM   416  C CA    . ASP A 1 80  ? 8.095   10.014  6.439   1.00 9.26  ? 60  ASP A CA    1 
ATOM   417  C C     . ASP A 1 80  ? 8.424   9.595   5.007   1.00 9.58  ? 60  ASP A C     1 
ATOM   418  O O     . ASP A 1 80  ? 9.536   9.155   4.742   1.00 10.22 ? 60  ASP A O     1 
ATOM   419  C CB    . ASP A 1 80  ? 9.002   11.162  6.878   1.00 10.78 ? 60  ASP A CB    1 
ATOM   420  C CG    . ASP A 1 80  ? 8.777   12.445  6.109   1.00 14.35 ? 60  ASP A CG    1 
ATOM   421  O OD1   . ASP A 1 80  ? 7.784   12.569  5.356   1.00 16.43 ? 60  ASP A OD1   1 
ATOM   422  O OD2   . ASP A 1 80  ? 9.616   13.370  6.275   1.00 14.46 ? 60  ASP A OD2   1 
ATOM   423  N N     . VAL A 1 81  ? 7.438   9.653   4.114   1.00 10.59 ? 61  VAL A N     1 
ATOM   424  C CA    . VAL A 1 81  ? 7.656   9.266   2.713   1.00 9.87  ? 61  VAL A CA    1 
ATOM   425  C C     . VAL A 1 81  ? 7.363   10.427  1.778   1.00 9.18  ? 61  VAL A C     1 
ATOM   426  O O     . VAL A 1 81  ? 6.566   11.323  2.092   1.00 10.88 ? 61  VAL A O     1 
ATOM   427  C CB    . VAL A 1 81  ? 6.790   8.064   2.254   1.00 9.54  ? 61  VAL A CB    1 
ATOM   428  C CG1   . VAL A 1 81  ? 7.062   6.810   3.085   1.00 10.53 ? 61  VAL A CG1   1 
ATOM   429  C CG2   . VAL A 1 81  ? 5.317   8.436   2.226   1.00 11.58 ? 61  VAL A CG2   1 
ATOM   430  N N     . ALA A 1 82  ? 7.969   10.361  0.596   1.00 8.37  ? 62  ALA A N     1 
ATOM   431  C CA    . ALA A 1 82  ? 7.622   11.226  -0.517  1.00 8.98  ? 62  ALA A CA    1 
ATOM   432  C C     . ALA A 1 82  ? 6.712   10.450  -1.450  1.00 8.39  ? 62  ALA A C     1 
ATOM   433  O O     . ALA A 1 82  ? 7.000   9.287   -1.774  1.00 8.72  ? 62  ALA A O     1 
ATOM   434  C CB    . ALA A 1 82  ? 8.880   11.639  -1.263  1.00 10.80 ? 62  ALA A CB    1 
ATOM   435  N N     . VAL A 1 83  ? 5.639   11.103  -1.887  1.00 8.42  ? 63  VAL A N     1 
ATOM   436  C CA    . VAL A 1 83  ? 4.644   10.480  -2.761  1.00 8.86  ? 63  VAL A CA    1 
ATOM   437  C C     . VAL A 1 83  ? 4.916   10.822  -4.223  1.00 9.97  ? 63  VAL A C     1 
ATOM   438  O O     . VAL A 1 83  ? 4.981   11.998  -4.600  1.00 12.44 ? 63  VAL A O     1 
ATOM   439  C CB    . VAL A 1 83  ? 3.222   10.895  -2.371  1.00 8.62  ? 63  VAL A CB    1 
ATOM   440  C CG1   . VAL A 1 83  ? 2.212   10.198  -3.257  1.00 9.95  ? 63  VAL A CG1   1 
ATOM   441  C CG2   . VAL A 1 83  ? 2.964   10.551  -0.914  1.00 7.62  ? 63  VAL A CG2   1 
ATOM   442  N N     . GLY A 1 84  ? 5.088   9.787   -5.042  1.00 8.42  ? 64  GLY A N     1 
ATOM   443  C CA    . GLY A 1 84  ? 5.447   9.940   -6.452  1.00 9.25  ? 64  GLY A CA    1 
ATOM   444  C C     . GLY A 1 84  ? 4.348   9.545   -7.420  1.00 9.08  ? 64  GLY A C     1 
ATOM   445  O O     . GLY A 1 84  ? 3.179   9.846   -7.190  1.00 10.18 ? 64  GLY A O     1 
ATOM   446  N N     . GLU A 1 85  ? 4.742   8.907   -8.520  1.00 8.34  ? 65  GLU A N     1 
ATOM   447  C CA    . GLU A 1 85  ? 3.809   8.547   -9.577  1.00 9.03  ? 65  GLU A CA    1 
ATOM   448  C C     . GLU A 1 85  ? 2.824   7.477   -9.148  1.00 9.36  ? 65  GLU A C     1 
ATOM   449  O O     . GLU A 1 85  ? 3.108   6.673   -8.257  1.00 9.52  ? 65  GLU A O     1 
ATOM   450  C CB    . GLU A 1 85  ? 4.586   8.048   -10.794 1.00 10.88 ? 65  GLU A CB    1 
ATOM   451  C CG    . GLU A 1 85  ? 5.463   9.106   -11.427 1.00 12.98 ? 65  GLU A CG    1 
ATOM   452  C CD    . GLU A 1 85  ? 4.635   10.250  -11.962 1.00 15.12 ? 65  GLU A CD    1 
ATOM   453  O OE1   . GLU A 1 85  ? 3.951   10.047  -12.994 1.00 17.51 ? 65  GLU A OE1   1 
ATOM   454  O OE2   . GLU A 1 85  ? 4.610   11.307  -11.322 1.00 14.47 ? 65  GLU A OE2   1 
ATOM   455  N N     . ARG A 1 86  ? 1.667   7.445   -9.808  1.00 9.39  ? 66  ARG A N     1 
ATOM   456  C CA    . ARG A 1 86  ? 0.721   6.346   -9.619  1.00 9.89  ? 66  ARG A CA    1 
ATOM   457  C C     . ARG A 1 86  ? 1.385   5.002   -9.902  1.00 11.07 ? 66  ARG A C     1 
ATOM   458  O O     . ARG A 1 86  ? 2.269   4.896   -10.756 1.00 12.77 ? 66  ARG A O     1 
ATOM   459  C CB    . ARG A 1 86  ? -0.486  6.530   -10.543 1.00 11.46 ? 66  ARG A CB    1 
ATOM   460  C CG    . ARG A 1 86  ? -1.354  7.703   -10.144 1.00 12.99 ? 66  ARG A CG    1 
ATOM   461  C CD    . ARG A 1 86  ? -2.092  7.391   -8.865  1.00 14.94 ? 66  ARG A CD    1 
ATOM   462  N NE    . ARG A 1 86  ? -2.853  6.163   -9.024  0.50 10.60 ? 66  ARG A NE    1 
ATOM   463  C CZ    . ARG A 1 86  ? -4.040  6.104   -9.617  0.50 11.42 ? 66  ARG A CZ    1 
ATOM   464  N NH1   . ARG A 1 86  ? -4.606  7.208   -10.085 0.50 13.65 ? 66  ARG A NH1   1 
ATOM   465  N NH2   . ARG A 1 86  ? -4.639  4.934   -9.774  0.50 10.35 ? 66  ARG A NH2   1 
ATOM   466  N N     . LEU A 1 87  ? 0.915   3.984   -9.190  1.00 11.21 ? 67  LEU A N     1 
ATOM   467  C CA    . LEU A 1 87  ? 1.264   2.593   -9.433  1.00 11.51 ? 67  LEU A CA    1 
ATOM   468  C C     . LEU A 1 87  ? -0.046  1.898   -9.812  1.00 12.35 ? 67  LEU A C     1 
ATOM   469  O O     . LEU A 1 87  ? -0.959  1.805   -8.980  1.00 12.94 ? 67  LEU A O     1 
ATOM   470  C CB    . LEU A 1 87  ? 1.836   1.986   -8.142  1.00 12.86 ? 67  LEU A CB    1 
ATOM   471  C CG    . LEU A 1 87  ? 2.318   0.520   -8.101  1.00 15.62 ? 67  LEU A CG    1 
ATOM   472  C CD1   . LEU A 1 87  ? 1.202   -0.503  -8.217  1.00 15.55 ? 67  LEU A CD1   1 
ATOM   473  C CD2   . LEU A 1 87  ? 3.367   0.290   -9.165  1.00 16.21 ? 67  LEU A CD2   1 
ATOM   474  N N     . GLY A 1 88  ? -0.138  1.445   -11.060 1.00 13.97 ? 68  GLY A N     1 
ATOM   475  C CA    . GLY A 1 88  ? -1.326  0.766   -11.565 1.00 14.62 ? 68  GLY A CA    1 
ATOM   476  C C     . GLY A 1 88  ? -2.543  1.666   -11.717 1.00 14.51 ? 68  GLY A C     1 
ATOM   477  O O     . GLY A 1 88  ? -2.432  2.902   -11.731 1.00 15.48 ? 68  GLY A O     1 
ATOM   478  N N     . ALA A 1 89  ? -3.711  1.025   -11.768 1.00 16.57 ? 69  ALA A N     1 
ATOM   479  C CA    . ALA A 1 89  ? -4.973  1.699   -12.053 1.00 17.20 ? 69  ALA A CA    1 
ATOM   480  C C     . ALA A 1 89  ? -5.848  1.775   -10.802 1.00 15.30 ? 69  ALA A C     1 
ATOM   481  O O     . ALA A 1 89  ? -5.562  1.128   -9.790  1.00 14.10 ? 69  ALA A O     1 
ATOM   482  C CB    . ALA A 1 89  ? -5.710  0.962   -13.166 1.00 18.43 ? 69  ALA A CB    1 
ATOM   483  N N     . ASP A 1 90  ? -6.884  2.609   -10.859 1.00 13.32 ? 70  ASP A N     1 
ATOM   484  C CA    . ASP A 1 90  ? -7.842  2.725   -9.766  1.00 15.36 ? 70  ASP A CA    1 
ATOM   485  C C     . ASP A 1 90  ? -8.533  1.382   -9.620  1.00 14.17 ? 70  ASP A C     1 
ATOM   486  O O     . ASP A 1 90  ? -8.761  0.676   -10.619 1.00 15.13 ? 70  ASP A O     1 
ATOM   487  C CB    . ASP A 1 90  ? -8.903  3.782   -10.065 1.00 14.56 ? 70  ASP A CB    1 
ATOM   488  C CG    . ASP A 1 90  ? -8.398  5.214   -9.911  1.00 16.86 ? 70  ASP A CG    1 
ATOM   489  O OD1   . ASP A 1 90  ? -7.278  5.430   -9.397  1.00 20.00 ? 70  ASP A OD1   1 
ATOM   490  O OD2   . ASP A 1 90  ? -9.162  6.130   -10.279 1.00 20.50 ? 70  ASP A OD2   1 
ATOM   491  N N     . VAL A 1 91  ? -8.910  1.061   -8.389  1.00 14.65 ? 71  VAL A N     1 
ATOM   492  C CA    . VAL A 1 91  ? -9.706  -0.128  -8.088  1.00 14.15 ? 71  VAL A CA    1 
ATOM   493  C C     . VAL A 1 91  ? -11.039 0.268   -7.468  1.00 15.21 ? 71  VAL A C     1 
ATOM   494  O O     . VAL A 1 91  ? -11.089 1.043   -6.511  1.00 16.03 ? 71  VAL A O     1 
ATOM   495  C CB    . VAL A 1 91  ? -8.963  -1.040  -7.094  1.00 15.72 ? 71  VAL A CB    1 
ATOM   496  C CG1   . VAL A 1 91  ? -9.866  -2.176  -6.610  1.00 16.63 ? 71  VAL A CG1   1 
ATOM   497  C CG2   . VAL A 1 91  ? -7.682  -1.571  -7.714  1.00 16.81 ? 71  VAL A CG2   1 
ATOM   498  N N     . ALA A 1 92  ? -12.136 -0.248  -8.029  1.00 18.08 ? 72  ALA A N     1 
ATOM   499  C CA    . ALA A 1 92  ? -13.467 -0.022  -7.470  1.00 22.00 ? 72  ALA A CA    1 
ATOM   500  C C     . ALA A 1 92  ? -13.666 -0.876  -6.225  1.00 24.68 ? 72  ALA A C     1 
ATOM   501  O O     . ALA A 1 92  ? -13.873 -2.079  -6.320  1.00 30.25 ? 72  ALA A O     1 
ATOM   502  C CB    . ALA A 1 92  ? -14.535 -0.361  -8.506  1.00 26.89 ? 72  ALA A CB    1 
ATOM   503  N N     . LEU A 1 93  ? -13.618 -0.249  -5.061  1.00 23.14 ? 73  LEU A N     1 
ATOM   504  C CA    . LEU A 1 93  ? -13.717 -0.980  -3.805  1.00 29.85 ? 73  LEU A CA    1 
ATOM   505  C C     . LEU A 1 93  ? -15.142 -1.445  -3.597  1.00 36.06 ? 73  LEU A C     1 
ATOM   506  O O     . LEU A 1 93  ? -15.414 -2.634  -3.416  1.00 41.31 ? 73  LEU A O     1 
ATOM   507  C CB    . LEU A 1 93  ? -13.336 -0.074  -2.642  1.00 32.04 ? 73  LEU A CB    1 
ATOM   508  C CG    . LEU A 1 93  ? -11.930 -0.241  -2.099  1.00 29.90 ? 73  LEU A CG    1 
ATOM   509  C CD1   . LEU A 1 93  ? -11.808 0.560   -0.818  1.00 29.25 ? 73  LEU A CD1   1 
ATOM   510  C CD2   . LEU A 1 93  ? -11.618 -1.713  -1.859  1.00 28.74 ? 73  LEU A CD2   1 
ATOM   511  N N     . ASN A 1 94  ? -16.040 -0.472  -3.581  1.00 36.67 ? 74  ASN A N     1 
ATOM   512  C CA    . ASN A 1 94  ? -17.459 -0.722  -3.445  1.00 44.62 ? 74  ASN A CA    1 
ATOM   513  C C     . ASN A 1 94  ? -18.209 0.419   -4.121  1.00 44.71 ? 74  ASN A C     1 
ATOM   514  O O     . ASN A 1 94  ? -17.620 1.185   -4.892  1.00 38.98 ? 74  ASN A O     1 
ATOM   515  C CB    . ASN A 1 94  ? -17.842 -0.823  -1.963  1.00 43.08 ? 74  ASN A CB    1 
ATOM   516  C CG    . ASN A 1 94  ? -16.993 0.072   -1.077  1.00 43.84 ? 74  ASN A CG    1 
ATOM   517  O OD1   . ASN A 1 94  ? -16.160 -0.403  -0.303  1.00 54.03 ? 74  ASN A OD1   1 
ATOM   518  N ND2   . ASN A 1 94  ? -17.207 1.373   -1.181  1.00 40.22 ? 74  ASN A ND2   1 
ATOM   519  N N     . ASP A 1 95  ? -19.499 0.528   -3.822  1.00 44.01 ? 75  ASP A N     1 
ATOM   520  C CA    . ASP A 1 95  ? -20.327 1.612   -4.334  1.00 42.97 ? 75  ASP A CA    1 
ATOM   521  C C     . ASP A 1 95  ? -19.695 2.968   -4.040  1.00 36.15 ? 75  ASP A C     1 
ATOM   522  O O     . ASP A 1 95  ? -19.763 3.887   -4.858  1.00 32.48 ? 75  ASP A O     1 
ATOM   523  C CB    . ASP A 1 95  ? -21.722 1.551   -3.700  1.00 43.42 ? 75  ASP A CB    1 
ATOM   524  N N     . ALA A 1 96  ? -19.087 3.081   -2.863  1.00 31.75 ? 76  ALA A N     1 
ATOM   525  C CA    . ALA A 1 96  ? -18.820 4.382   -2.262  1.00 28.91 ? 76  ALA A CA    1 
ATOM   526  C C     . ALA A 1 96  ? -17.358 4.804   -2.435  1.00 22.61 ? 76  ALA A C     1 
ATOM   527  O O     . ALA A 1 96  ? -17.027 5.975   -2.245  1.00 25.07 ? 76  ALA A O     1 
ATOM   528  C CB    . ALA A 1 96  ? -19.190 4.361   -0.786  1.00 30.60 ? 76  ALA A CB    1 
ATOM   529  N N     . MET A 1 97  ? -16.482 3.853   -2.759  1.00 21.70 ? 77  MET A N     1 
ATOM   530  C CA    . MET A 1 97  ? -15.046 4.072   -2.600  1.00 18.73 ? 77  MET A CA    1 
ATOM   531  C C     . MET A 1 97  ? -14.230 3.615   -3.800  1.00 18.00 ? 77  MET A C     1 
ATOM   532  O O     . MET A 1 97  ? -14.498 2.576   -4.389  1.00 17.41 ? 77  MET A O     1 
ATOM   533  C CB    . MET A 1 97  ? -14.514 3.361   -1.356  1.00 24.24 ? 77  MET A CB    1 
ATOM   534  C CG    . MET A 1 97  ? -15.137 3.829   -0.055  1.00 29.87 ? 77  MET A CG    1 
ATOM   535  S SD    . MET A 1 97  ? -14.216 3.180   1.350   1.00 30.50 ? 77  MET A SD    1 
ATOM   536  C CE    . MET A 1 97  ? -15.036 1.613   1.640   1.00 40.38 ? 77  MET A CE    1 
ATOM   537  N N     . THR A 1 98  ? -13.183 4.379   -4.100  1.00 15.63 ? 78  THR A N     1 
ATOM   538  C CA    . THR A 1 98  ? -12.183 3.998   -5.081  1.00 14.43 ? 78  THR A CA    1 
ATOM   539  C C     . THR A 1 98  ? -10.803 3.990   -4.421  1.00 14.05 ? 78  THR A C     1 
ATOM   540  O O     . THR A 1 98  ? -10.471 4.892   -3.651  1.00 15.39 ? 78  THR A O     1 
ATOM   541  C CB    . THR A 1 98  ? -12.141 5.000   -6.247  1.00 18.41 ? 78  THR A CB    1 
ATOM   542  O OG1   . THR A 1 98  ? -13.428 5.071   -6.863  1.00 19.14 ? 78  THR A OG1   1 
ATOM   543  C CG2   . THR A 1 98  ? -11.116 4.592   -7.286  1.00 17.26 ? 78  THR A CG2   1 
ATOM   544  N N     . LEU A 1 99  ? -10.026 2.959   -4.738  1.00 13.76 ? 79  LEU A N     1 
ATOM   545  C CA    . LEU A 1 99  ? -8.715  2.747   -4.151  1.00 13.32 ? 79  LEU A CA    1 
ATOM   546  C C     . LEU A 1 99  ? -7.643  3.044   -5.208  1.00 13.36 ? 79  LEU A C     1 
ATOM   547  O O     . LEU A 1 99  ? -7.719  2.552   -6.328  1.00 14.59 ? 79  LEU A O     1 
ATOM   548  C CB    . LEU A 1 99  ? -8.631  1.287   -3.680  1.00 14.33 ? 79  LEU A CB    1 
ATOM   549  C CG    . LEU A 1 99  ? -7.320  0.745   -3.128  1.00 14.89 ? 79  LEU A CG    1 
ATOM   550  C CD1   . LEU A 1 99  ? -7.003  1.374   -1.790  1.00 13.46 ? 79  LEU A CD1   1 
ATOM   551  C CD2   . LEU A 1 99  ? -7.458  -0.772  -2.980  1.00 15.52 ? 79  LEU A CD2   1 
ATOM   552  N N     A ARG A 1 100 ? -6.670  3.874   -4.832  0.50 13.18 ? 80  ARG A N     1 
ATOM   553  N N     B ARG A 1 100 ? -6.635  3.828   -4.846  0.50 11.25 ? 80  ARG A N     1 
ATOM   554  C CA    A ARG A 1 100 ? -5.595  4.340   -5.722  0.50 13.36 ? 80  ARG A CA    1 
ATOM   555  C CA    B ARG A 1 100 ? -5.569  4.172   -5.782  0.50 10.82 ? 80  ARG A CA    1 
ATOM   556  C C     A ARG A 1 100 ? -4.250  3.979   -5.058  0.50 11.88 ? 80  ARG A C     1 
ATOM   557  C C     B ARG A 1 100 ? -4.208  4.128   -5.129  0.50 10.22 ? 80  ARG A C     1 
ATOM   558  O O     A ARG A 1 100 ? -4.134  4.069   -3.840  0.50 11.48 ? 80  ARG A O     1 
ATOM   559  O O     B ARG A 1 100 ? -3.996  4.721   -4.067  0.50 9.66  ? 80  ARG A O     1 
ATOM   560  C CB    A ARG A 1 100 ? -5.694  5.865   -5.916  0.50 15.01 ? 80  ARG A CB    1 
ATOM   561  C CB    B ARG A 1 100 ? -5.767  5.561   -6.354  0.50 10.13 ? 80  ARG A CB    1 
ATOM   562  C CG    A ARG A 1 100 ? -7.045  6.371   -6.430  0.50 19.18 ? 80  ARG A CG    1 
ATOM   563  C CG    B ARG A 1 100 ? -4.492  6.191   -6.904  0.50 10.88 ? 80  ARG A CG    1 
ATOM   564  C CD    A ARG A 1 100 ? -7.033  7.869   -6.733  0.50 18.41 ? 80  ARG A CD    1 
ATOM   565  C CD    B ARG A 1 100 ? -4.793  7.564   -7.457  0.50 10.55 ? 80  ARG A CD    1 
ATOM   566  N NE    A ARG A 1 100 ? -7.027  8.161   -8.165  0.50 18.04 ? 80  ARG A NE    1 
ATOM   567  N NE    B ARG A 1 100 ? -5.755  7.484   -8.543  0.50 10.52 ? 80  ARG A NE    1 
ATOM   568  C CZ    A ARG A 1 100 ? -6.534  9.274   -8.709  0.50 18.49 ? 80  ARG A CZ    1 
ATOM   569  C CZ    B ARG A 1 100 ? -6.086  8.512   -9.309  0.50 12.21 ? 80  ARG A CZ    1 
ATOM   570  N NH1   A ARG A 1 100 ? -6.004  10.214  -7.945  0.50 20.32 ? 80  ARG A NH1   1 
ATOM   571  N NH1   B ARG A 1 100 ? -5.514  9.700   -9.118  0.50 10.71 ? 80  ARG A NH1   1 
ATOM   572  N NH2   A ARG A 1 100 ? -6.566  9.446   -10.025 0.50 19.43 ? 80  ARG A NH2   1 
ATOM   573  N NH2   B ARG A 1 100 ? -6.995  8.345   -10.263 0.50 10.82 ? 80  ARG A NH2   1 
ATOM   574  N N     . ALA A 1 101 ? -3.276  3.501   -5.833  1.00 9.86  ? 81  ALA A N     1 
ATOM   575  C CA    . ALA A 1 101 ? -1.925  3.297   -5.317  1.00 9.39  ? 81  ALA A CA    1 
ATOM   576  C C     . ALA A 1 101 ? -0.951  4.278   -5.944  1.00 10.00 ? 81  ALA A C     1 
ATOM   577  O O     . ALA A 1 101 ? -1.053  4.612   -7.140  1.00 9.13  ? 81  ALA A O     1 
ATOM   578  C CB    . ALA A 1 101 ? -1.463  1.878   -5.581  1.00 10.75 ? 81  ALA A CB    1 
ATOM   579  N N     . TYR A 1 102 ? 0.007   4.725   -5.125  1.00 7.97  ? 82  TYR A N     1 
ATOM   580  C CA    . TYR A 1 102 ? 1.122   5.541   -5.585  1.00 7.57  ? 82  TYR A CA    1 
ATOM   581  C C     . TYR A 1 102 ? 2.447   4.897   -5.171  1.00 7.61  ? 82  TYR A C     1 
ATOM   582  O O     . TYR A 1 102 ? 2.564   4.385   -4.067  1.00 7.82  ? 82  TYR A O     1 
ATOM   583  C CB    . TYR A 1 102 ? 1.073   6.921   -4.938  1.00 7.17  ? 82  TYR A CB    1 
ATOM   584  C CG    . TYR A 1 102 ? -0.042  7.832   -5.430  1.00 7.65  ? 82  TYR A CG    1 
ATOM   585  C CD1   . TYR A 1 102 ? 0.162   8.686   -6.488  1.00 9.41  ? 82  TYR A CD1   1 
ATOM   586  C CD2   . TYR A 1 102 ? -1.270  7.872   -4.787  1.00 7.86  ? 82  TYR A CD2   1 
ATOM   587  C CE1   . TYR A 1 102 ? -0.838  9.527   -6.940  1.00 8.29  ? 82  TYR A CE1   1 
ATOM   588  C CE2   . TYR A 1 102 ? -2.295  8.692   -5.233  1.00 7.70  ? 82  TYR A CE2   1 
ATOM   589  C CZ    . TYR A 1 102 ? -2.064  9.546   -6.286  1.00 8.89  ? 82  TYR A CZ    1 
ATOM   590  O OH    . TYR A 1 102 ? -3.037  10.404  -6.766  1.00 10.41 ? 82  TYR A OH    1 
ATOM   591  N N     . ARG A 1 103 ? 3.462   5.031   -6.013  1.00 6.69  ? 83  ARG A N     1 
ATOM   592  C CA    . ARG A 1 103 ? 4.836   4.821   -5.559  1.00 7.50  ? 83  ARG A CA    1 
ATOM   593  C C     . ARG A 1 103 ? 5.116   5.822   -4.442  1.00 7.54  ? 83  ARG A C     1 
ATOM   594  O O     . ARG A 1 103 ? 4.756   6.993   -4.551  1.00 7.43  ? 83  ARG A O     1 
ATOM   595  C CB    . ARG A 1 103 ? 5.818   5.060   -6.699  1.00 8.14  ? 83  ARG A CB    1 
ATOM   596  C CG    . ARG A 1 103 ? 5.803   3.986   -7.773  1.00 8.71  ? 83  ARG A CG    1 
ATOM   597  C CD    . ARG A 1 103 ? 6.752   4.361   -8.899  1.00 9.92  ? 83  ARG A CD    1 
ATOM   598  N NE    . ARG A 1 103 ? 6.783   3.354   -9.954  1.00 11.37 ? 83  ARG A NE    1 
ATOM   599  C CZ    . ARG A 1 103 ? 7.802   2.526   -10.158 1.00 11.40 ? 83  ARG A CZ    1 
ATOM   600  N NH1   . ARG A 1 103 ? 7.744   1.665   -11.162 1.00 14.48 ? 83  ARG A NH1   1 
ATOM   601  N NH2   . ARG A 1 103 ? 8.867   2.549   -9.359  1.00 12.90 ? 83  ARG A NH2   1 
ATOM   602  N N     . VAL A 1 104 ? 5.786   5.360   -3.396  1.00 6.78  ? 84  VAL A N     1 
ATOM   603  C CA    . VAL A 1 104 ? 6.335   6.241   -2.377  1.00 7.82  ? 84  VAL A CA    1 
ATOM   604  C C     . VAL A 1 104 ? 7.774   5.833   -2.068  1.00 8.30  ? 84  VAL A C     1 
ATOM   605  O O     . VAL A 1 104 ? 8.165   4.678   -2.306  1.00 7.94  ? 84  VAL A O     1 
ATOM   606  C CB    . VAL A 1 104 ? 5.486   6.235   -1.082  1.00 8.70  ? 84  VAL A CB    1 
ATOM   607  C CG1   . VAL A 1 104 ? 4.027   6.543   -1.375  1.00 9.27  ? 84  VAL A CG1   1 
ATOM   608  C CG2   . VAL A 1 104 ? 5.609   4.938   -0.322  1.00 8.88  ? 84  VAL A CG2   1 
ATOM   609  N N     . THR A 1 105 ? 8.580   6.787   -1.590  1.00 8.57  ? 85  THR A N     1 
ATOM   610  C CA    . THR A 1 105 ? 9.957   6.478   -1.206  1.00 9.12  ? 85  THR A CA    1 
ATOM   611  C C     . THR A 1 105 ? 10.262  7.054   0.172   1.00 9.18  ? 85  THR A C     1 
ATOM   612  O O     . THR A 1 105 ? 9.625   8.019   0.616   1.00 9.58  ? 85  THR A O     1 
ATOM   613  C CB    . THR A 1 105 ? 10.981  6.985   -2.243  1.00 9.57  ? 85  THR A CB    1 
ATOM   614  O OG1   . THR A 1 105 ? 10.836  8.385   -2.446  1.00 9.85  ? 85  THR A OG1   1 
ATOM   615  C CG2   . THR A 1 105 ? 10.809  6.258   -3.587  1.00 11.08 ? 85  THR A CG2   1 
ATOM   616  N N     . LEU A 1 106 ? 11.195  6.421   0.862   1.00 10.39 ? 86  LEU A N     1 
ATOM   617  C CA    . LEU A 1 106 ? 11.487  6.763   2.253   1.00 9.75  ? 86  LEU A CA    1 
ATOM   618  C C     . LEU A 1 106 ? 12.254  8.081   2.326   1.00 10.78 ? 86  LEU A C     1 
ATOM   619  O O     . LEU A 1 106 ? 13.253  8.280   1.615   1.00 13.55 ? 86  LEU A O     1 
ATOM   620  C CB    . LEU A 1 106 ? 12.309  5.620   2.865   1.00 13.07 ? 86  LEU A CB    1 
ATOM   621  C CG    . LEU A 1 106 ? 12.165  5.249   4.336   1.00 22.54 ? 86  LEU A CG    1 
ATOM   622  C CD1   . LEU A 1 106 ? 10.712  5.064   4.760   1.00 19.06 ? 86  LEU A CD1   1 
ATOM   623  C CD2   . LEU A 1 106 ? 12.959  3.970   4.593   1.00 24.93 ? 86  LEU A CD2   1 
ATOM   624  N N     . ARG A 1 107 ? 11.819  8.973   3.215   1.00 9.60  ? 87  ARG A N     1 
ATOM   625  C CA    . ARG A 1 107 ? 12.615  10.142  3.589   1.00 10.96 ? 87  ARG A CA    1 
ATOM   626  C C     . ARG A 1 107 ? 13.301  9.948   4.923   1.00 11.23 ? 87  ARG A C     1 
ATOM   627  O O     . ARG A 1 107 ? 14.475  10.268  5.066   1.00 13.22 ? 87  ARG A O     1 
ATOM   628  C CB    . ARG A 1 107 ? 11.740  11.384  3.658   1.00 12.75 ? 87  ARG A CB    1 
ATOM   629  C CG    . ARG A 1 107 ? 11.223  11.816  2.298   1.00 15.60 ? 87  ARG A CG    1 
ATOM   630  C CD    . ARG A 1 107 ? 10.286  13.026  2.385   1.00 24.75 ? 87  ARG A CD    1 
ATOM   631  N NE    . ARG A 1 107 ? 10.794  14.077  3.267   1.00 31.43 ? 87  ARG A NE    1 
ATOM   632  C CZ    . ARG A 1 107 ? 11.514  15.120  2.860   1.00 41.57 ? 87  ARG A CZ    1 
ATOM   633  N NH1   . ARG A 1 107 ? 11.932  16.013  3.748   1.00 48.22 ? 87  ARG A NH1   1 
ATOM   634  N NH2   . ARG A 1 107 ? 11.814  15.273  1.570   1.00 32.49 ? 87  ARG A NH2   1 
ATOM   635  N N     A SER A 1 108 ? 12.556  9.460   5.909   0.50 9.89  ? 88  SER A N     1 
ATOM   636  N N     B SER A 1 108 ? 12.575  9.428   5.902   0.50 10.87 ? 88  SER A N     1 
ATOM   637  C CA    A SER A 1 108 ? 13.105  9.201   7.229   0.50 10.52 ? 88  SER A CA    1 
ATOM   638  C CA    B SER A 1 108 ? 13.161  9.152   7.197   0.50 12.19 ? 88  SER A CA    1 
ATOM   639  C C     A SER A 1 108 ? 12.305  8.123   7.951   0.50 11.34 ? 88  SER A C     1 
ATOM   640  C C     B SER A 1 108 ? 12.312  8.154   7.973   0.50 12.48 ? 88  SER A C     1 
ATOM   641  O O     A SER A 1 108 ? 11.105  7.976   7.727   0.50 10.38 ? 88  SER A O     1 
ATOM   642  O O     B SER A 1 108 ? 11.096  8.081   7.791   0.50 11.17 ? 88  SER A O     1 
ATOM   643  C CB    A SER A 1 108 ? 13.096  10.483  8.069   0.50 10.74 ? 88  SER A CB    1 
ATOM   644  C CB    B SER A 1 108 ? 13.314  10.451  7.993   0.50 14.21 ? 88  SER A CB    1 
ATOM   645  O OG    A SER A 1 108 ? 13.873  10.306  9.242   0.50 11.08 ? 88  SER A OG    1 
ATOM   646  O OG    B SER A 1 108 ? 12.056  10.958  8.389   0.50 15.62 ? 88  SER A OG    1 
ATOM   647  N N     . GLY A 1 109 ? 12.964  7.408   8.854   1.00 12.51 ? 89  GLY A N     1 
ATOM   648  C CA    . GLY A 1 109 ? 12.285  6.415   9.673   1.00 12.39 ? 89  GLY A CA    1 
ATOM   649  C C     . GLY A 1 109 ? 12.421  5.004   9.132   1.00 13.62 ? 89  GLY A C     1 
ATOM   650  O O     . GLY A 1 109 ? 12.789  4.800   7.974   1.00 16.58 ? 89  GLY A O     1 
ATOM   651  N N     . SER A 1 110 ? 12.098  4.045   9.987   1.00 13.46 ? 90  SER A N     1 
ATOM   652  C CA    . SER A 1 110 ? 12.041  2.635   9.633   1.00 14.95 ? 90  SER A CA    1 
ATOM   653  C C     . SER A 1 110 ? 10.632  2.118   9.921   1.00 12.67 ? 90  SER A C     1 
ATOM   654  O O     . SER A 1 110 ? 10.088  2.325   10.994  1.00 12.45 ? 90  SER A O     1 
ATOM   655  C CB    . SER A 1 110 ? 13.054  1.838   10.464  1.00 17.95 ? 90  SER A CB    1 
ATOM   656  O OG    . SER A 1 110 ? 14.345  2.420   10.404  1.00 28.17 ? 90  SER A OG    1 
ATOM   657  N N     . PRO A 1 111 ? 10.030  1.442   8.945   1.00 12.85 ? 91  PRO A N     1 
ATOM   658  C CA    . PRO A 1 111 ? 8.640   1.041   9.120   1.00 12.58 ? 91  PRO A CA    1 
ATOM   659  C C     . PRO A 1 111 ? 8.445   -0.008  10.210  1.00 13.31 ? 91  PRO A C     1 
ATOM   660  O O     . PRO A 1 111 ? 9.199   -0.995  10.265  1.00 14.84 ? 91  PRO A O     1 
ATOM   661  C CB    . PRO A 1 111 ? 8.266   0.441   7.759   1.00 14.25 ? 91  PRO A CB    1 
ATOM   662  C CG    . PRO A 1 111 ? 9.567   0.134   7.087   1.00 18.41 ? 91  PRO A CG    1 
ATOM   663  C CD    . PRO A 1 111 ? 10.562  1.121   7.610   1.00 14.83 ? 91  PRO A CD    1 
ATOM   664  N N     . HIS A 1 112 ? 7.412   0.177   11.028  1.00 13.57 ? 92  HIS A N     1 
ATOM   665  C CA    . HIS A 1 112 ? 7.006   -0.831  11.998  1.00 16.94 ? 92  HIS A CA    1 
ATOM   666  C C     . HIS A 1 112 ? 5.493   -0.927  12.008  1.00 15.22 ? 92  HIS A C     1 
ATOM   667  O O     . HIS A 1 112 ? 4.806   0.051   11.718  1.00 15.44 ? 92  HIS A O     1 
ATOM   668  C CB    . HIS A 1 112 ? 7.514   -0.471  13.397  1.00 20.86 ? 92  HIS A CB    1 
ATOM   669  C CG    . HIS A 1 112 ? 9.008   -0.445  13.504  1.00 21.83 ? 92  HIS A CG    1 
ATOM   670  N ND1   . HIS A 1 112 ? 9.761   -1.579  13.718  1.00 30.30 ? 92  HIS A ND1   1 
ATOM   671  C CD2   . HIS A 1 112 ? 9.891   0.576   13.385  1.00 22.66 ? 92  HIS A CD2   1 
ATOM   672  C CE1   . HIS A 1 112 ? 11.042  -1.254  13.747  1.00 27.99 ? 92  HIS A CE1   1 
ATOM   673  N NE2   . HIS A 1 112 ? 11.147  0.047   13.543  1.00 27.66 ? 92  HIS A NE2   1 
ATOM   674  N N     . PRO A 1 113 ? 4.966   -2.110  12.334  1.00 14.28 ? 93  PRO A N     1 
ATOM   675  C CA    . PRO A 1 113 ? 3.523   -2.384  12.245  1.00 14.28 ? 93  PRO A CA    1 
ATOM   676  C C     . PRO A 1 113 ? 2.690   -1.850  13.425  1.00 17.45 ? 93  PRO A C     1 
ATOM   677  O O     . PRO A 1 113 ? 2.207   -2.632  14.270  1.00 20.32 ? 93  PRO A O     1 
ATOM   678  C CB    . PRO A 1 113 ? 3.460   -3.910  12.199  1.00 15.69 ? 93  PRO A CB    1 
ATOM   679  C CG    . PRO A 1 113 ? 4.702   -4.367  12.873  1.00 16.82 ? 93  PRO A CG    1 
ATOM   680  C CD    . PRO A 1 113 ? 5.749   -3.342  12.540  1.00 16.94 ? 93  PRO A CD    1 
ATOM   681  N N     . HIS A 1 114 ? 2.452   -0.547  13.444  1.00 16.11 ? 94  HIS A N     1 
ATOM   682  C CA    . HIS A 1 114 ? 1.662   0.038   14.515  1.00 17.74 ? 94  HIS A CA    1 
ATOM   683  C C     . HIS A 1 114 ? 0.182   -0.354  14.460  1.00 21.34 ? 94  HIS A C     1 
ATOM   684  O O     . HIS A 1 114 ? -0.462  -0.458  15.502  1.00 25.19 ? 94  HIS A O     1 
ATOM   685  C CB    . HIS A 1 114 ? 1.836   1.555   14.541  1.00 18.42 ? 94  HIS A CB    1 
ATOM   686  C CG    . HIS A 1 114 ? 3.255   1.984   14.765  1.00 25.67 ? 94  HIS A CG    1 
ATOM   687  N ND1   . HIS A 1 114 ? 3.939   1.711   15.932  1.00 31.06 ? 94  HIS A ND1   1 
ATOM   688  C CD2   . HIS A 1 114 ? 4.138   2.607   13.949  1.00 30.61 ? 94  HIS A CD2   1 
ATOM   689  C CE1   . HIS A 1 114 ? 5.171   2.178   15.836  1.00 32.71 ? 94  HIS A CE1   1 
ATOM   690  N NE2   . HIS A 1 114 ? 5.317   2.726   14.642  1.00 32.76 ? 94  HIS A NE2   1 
ATOM   691  N N     . ASP A 1 115 ? -0.350  -0.612  13.265  1.00 19.23 ? 95  ASP A N     1 
ATOM   692  C CA    . ASP A 1 115 ? -1.765  -0.955  13.128  1.00 22.49 ? 95  ASP A CA    1 
ATOM   693  C C     . ASP A 1 115 ? -1.943  -2.344  12.504  1.00 22.21 ? 95  ASP A C     1 
ATOM   694  O O     . ASP A 1 115 ? -2.963  -3.027  12.696  1.00 27.15 ? 95  ASP A O     1 
ATOM   695  C CB    . ASP A 1 115 ? -2.491  0.100   12.285  1.00 25.37 ? 95  ASP A CB    1 
ATOM   696  C CG    . ASP A 1 115 ? -3.913  0.345   12.764  1.00 27.62 ? 95  ASP A CG    1 
ATOM   697  N N     . HIS A 1 116 ? -0.897  -2.795  11.838  1.00 14.24 ? 96  HIS A N     1 
ATOM   698  C CA    . HIS A 1 116 ? -0.921  -4.057  11.113  1.00 13.22 ? 96  HIS A CA    1 
ATOM   699  C C     . HIS A 1 116 ? -0.408  -5.213  11.974  1.00 12.34 ? 96  HIS A C     1 
ATOM   700  O O     . HIS A 1 116 ? 0.315   -5.017  12.952  1.00 15.22 ? 96  HIS A O     1 
ATOM   701  C CB    . HIS A 1 116 ? -0.052  -3.922  9.858   1.00 12.76 ? 96  HIS A CB    1 
ATOM   702  C CG    . HIS A 1 116 ? -0.697  -3.132  8.763   1.00 12.14 ? 96  HIS A CG    1 
ATOM   703  N ND1   . HIS A 1 116 ? -0.507  -1.773  8.602   1.00 14.07 ? 96  HIS A ND1   1 
ATOM   704  C CD2   . HIS A 1 116 ? -1.519  -3.516  7.757   1.00 11.23 ? 96  HIS A CD2   1 
ATOM   705  C CE1   . HIS A 1 116 ? -1.214  -1.353  7.568   1.00 13.74 ? 96  HIS A CE1   1 
ATOM   706  N NE2   . HIS A 1 116 ? -1.842  -2.391  7.042   1.00 11.64 ? 96  HIS A NE2   1 
ATOM   707  N N     . ARG A 1 117 ? -0.762  -6.428  11.581  1.00 11.43 ? 97  ARG A N     1 
ATOM   708  C CA    . ARG A 1 117 ? -0.264  -7.659  12.205  1.00 12.97 ? 97  ARG A CA    1 
ATOM   709  C C     . ARG A 1 117 ? 1.240   -7.845  11.981  1.00 14.15 ? 97  ARG A C     1 
ATOM   710  O O     . ARG A 1 117 ? 1.958   -8.354  12.844  1.00 15.54 ? 97  ARG A O     1 
ATOM   711  C CB    . ARG A 1 117 ? -1.031  -8.862  11.630  1.00 15.06 ? 97  ARG A CB    1 
ATOM   712  C CG    . ARG A 1 117 ? -0.633  -10.228 12.185  1.00 17.44 ? 97  ARG A CG    1 
ATOM   713  C CD    . ARG A 1 117 ? -1.724  -11.279 11.937  1.00 18.34 ? 97  ARG A CD    1 
ATOM   714  N NE    . ARG A 1 117 ? -3.015  -10.898 12.521  1.00 19.88 ? 97  ARG A NE    1 
ATOM   715  C CZ    . ARG A 1 117 ? -4.158  -11.553 12.312  1.00 18.43 ? 97  ARG A CZ    1 
ATOM   716  N NH1   . ARG A 1 117 ? -4.166  -12.625 11.546  1.00 22.74 ? 97  ARG A NH1   1 
ATOM   717  N NH2   . ARG A 1 117 ? -5.277  -11.150 12.896  1.00 22.19 ? 97  ARG A NH2   1 
ATOM   718  N N     . ALA A 1 118 ? 1.712   -7.450  10.800  1.00 11.29 ? 98  ALA A N     1 
ATOM   719  C CA    . ALA A 1 118 ? 3.074   -7.726  10.395  1.00 10.95 ? 98  ALA A CA    1 
ATOM   720  C C     . ALA A 1 118 ? 3.400   -6.875  9.176   1.00 9.76  ? 98  ALA A C     1 
ATOM   721  O O     . ALA A 1 118 ? 2.482   -6.424  8.473   1.00 10.17 ? 98  ALA A O     1 
ATOM   722  C CB    . ALA A 1 118 ? 3.250   -9.201  10.074  1.00 12.73 ? 98  ALA A CB    1 
ATOM   723  N N     . LEU A 1 119 ? 4.692   -6.626  8.969   1.00 11.43 ? 99  LEU A N     1 
ATOM   724  C CA    . LEU A 1 119 ? 5.207   -6.113  7.702   1.00 11.10 ? 99  LEU A CA    1 
ATOM   725  C C     . LEU A 1 119 ? 6.225   -7.079  7.109   1.00 11.07 ? 99  LEU A C     1 
ATOM   726  O O     . LEU A 1 119 ? 6.866   -7.882  7.819   1.00 13.13 ? 99  LEU A O     1 
ATOM   727  C CB    . LEU A 1 119 ? 5.898   -4.757  7.904   1.00 11.07 ? 99  LEU A CB    1 
ATOM   728  C CG    . LEU A 1 119 ? 5.156   -3.649  8.655   1.00 10.92 ? 99  LEU A CG    1 
ATOM   729  C CD1   . LEU A 1 119 ? 6.038   -2.418  8.833   1.00 12.37 ? 99  LEU A CD1   1 
ATOM   730  C CD2   . LEU A 1 119 ? 3.852   -3.255  7.967   1.00 12.68 ? 99  LEU A CD2   1 
ATOM   731  N N     . ARG A 1 120 ? 6.449   -6.943  5.807   1.00 9.95  ? 100 ARG A N     1 
ATOM   732  C CA    . ARG A 1 120 ? 7.445   -7.747  5.130   1.00 11.80 ? 100 ARG A CA    1 
ATOM   733  C C     . ARG A 1 120 ? 8.019   -6.940  3.966   1.00 9.71  ? 100 ARG A C     1 
ATOM   734  O O     . ARG A 1 120 ? 7.292   -6.178  3.324   1.00 9.63  ? 100 ARG A O     1 
ATOM   735  C CB    . ARG A 1 120 ? 6.788   -9.026  4.605   1.00 13.16 ? 100 ARG A CB    1 
ATOM   736  C CG    . ARG A 1 120 ? 7.751   -10.066 4.079   1.00 16.37 ? 100 ARG A CG    1 
ATOM   737  C CD    . ARG A 1 120 ? 7.016   -11.349 3.675   1.00 18.53 ? 100 ARG A CD    1 
ATOM   738  N NE    . ARG A 1 120 ? 6.386   -12.033 4.807   1.00 20.07 ? 100 ARG A NE    1 
ATOM   739  C CZ    . ARG A 1 120 ? 5.558   -13.071 4.678   1.00 21.82 ? 100 ARG A CZ    1 
ATOM   740  N NH1   . ARG A 1 120 ? 5.261   -13.536 3.469   1.00 20.85 ? 100 ARG A NH1   1 
ATOM   741  N NH2   . ARG A 1 120 ? 5.035   -13.655 5.756   1.00 20.32 ? 100 ARG A NH2   1 
ATOM   742  N N     . TRP A 1 121 ? 9.314   -7.109  3.716   1.00 10.43 ? 101 TRP A N     1 
ATOM   743  C CA    . TRP A 1 121 ? 9.939   -6.652  2.488   1.00 10.61 ? 101 TRP A CA    1 
ATOM   744  C C     . TRP A 1 121 ? 10.011  -7.804  1.502   1.00 11.88 ? 101 TRP A C     1 
ATOM   745  O O     . TRP A 1 121 ? 10.613  -8.845  1.797   1.00 12.43 ? 101 TRP A O     1 
ATOM   746  C CB    . TRP A 1 121 ? 11.344  -6.128  2.771   1.00 10.12 ? 101 TRP A CB    1 
ATOM   747  C CG    . TRP A 1 121 ? 11.423  -4.874  3.587   1.00 11.81 ? 101 TRP A CG    1 
ATOM   748  C CD1   . TRP A 1 121 ? 11.827  -4.768  4.885   1.00 13.73 ? 101 TRP A CD1   1 
ATOM   749  C CD2   . TRP A 1 121 ? 11.174  -3.538  3.136   1.00 10.57 ? 101 TRP A CD2   1 
ATOM   750  N NE1   . TRP A 1 121 ? 11.805  -3.452  5.288   1.00 15.86 ? 101 TRP A NE1   1 
ATOM   751  C CE2   . TRP A 1 121 ? 11.407  -2.674  4.234   1.00 12.75 ? 101 TRP A CE2   1 
ATOM   752  C CE3   . TRP A 1 121 ? 10.745  -2.988  1.924   1.00 11.75 ? 101 TRP A CE3   1 
ATOM   753  C CZ2   . TRP A 1 121 ? 11.258  -1.301  4.142   1.00 12.43 ? 101 TRP A CZ2   1 
ATOM   754  C CZ3   . TRP A 1 121 ? 10.586  -1.608  1.844   1.00 10.65 ? 101 TRP A CZ3   1 
ATOM   755  C CH2   . TRP A 1 121 ? 10.837  -0.786  2.944   1.00 10.83 ? 101 TRP A CH2   1 
ATOM   756  N N     . VAL A 1 122 ? 9.417   -7.624  0.326   1.00 10.60 ? 102 VAL A N     1 
ATOM   757  C CA    . VAL A 1 122 ? 9.340   -8.704  -0.660  1.00 11.06 ? 102 VAL A CA    1 
ATOM   758  C C     . VAL A 1 122 ? 9.956   -8.296  -1.991  1.00 12.23 ? 102 VAL A C     1 
ATOM   759  O O     . VAL A 1 122 ? 9.881   -7.146  -2.409  1.00 11.89 ? 102 VAL A O     1 
ATOM   760  C CB    . VAL A 1 122 ? 7.900   -9.181  -0.914  1.00 11.94 ? 102 VAL A CB    1 
ATOM   761  C CG1   . VAL A 1 122 ? 7.315   -9.820  0.335   1.00 13.39 ? 102 VAL A CG1   1 
ATOM   762  C CG2   . VAL A 1 122 ? 7.013   -8.044  -1.419  1.00 13.31 ? 102 VAL A CG2   1 
ATOM   763  N N     . GLY A 1 123 ? 10.537  -9.284  -2.661  1.00 12.75 ? 103 GLY A N     1 
ATOM   764  C CA    . GLY A 1 123 ? 10.983  -9.100  -4.034  1.00 13.06 ? 103 GLY A CA    1 
ATOM   765  C C     . GLY A 1 123 ? 9.966   -9.529  -5.070  1.00 13.29 ? 103 GLY A C     1 
ATOM   766  O O     . GLY A 1 123 ? 8.871   -9.990  -4.742  1.00 13.41 ? 103 GLY A O     1 
ATOM   767  N N     . ALA A 1 124 ? 10.322  -9.330  -6.340  1.00 14.62 ? 104 ALA A N     1 
ATOM   768  C CA    . ALA A 1 124 ? 9.394   -9.545  -7.436  1.00 14.05 ? 104 ALA A CA    1 
ATOM   769  C C     . ALA A 1 124 ? 8.812   -10.952 -7.402  1.00 14.41 ? 104 ALA A C     1 
ATOM   770  O O     . ALA A 1 124 ? 7.615   -11.151 -7.625  1.00 15.04 ? 104 ALA A O     1 
ATOM   771  C CB    . ALA A 1 124 ? 10.086  -9.290  -8.772  1.00 14.67 ? 104 ALA A CB    1 
ATOM   772  N N     . ASP A 1 125 ? 9.663   -11.940 -7.139  1.00 16.72 ? 105 ASP A N     1 
ATOM   773  C CA    . ASP A 1 125 ? 9.204   -13.316 -7.223  1.00 19.41 ? 105 ASP A CA    1 
ATOM   774  C C     . ASP A 1 125 ? 8.345   -13.759 -6.043  1.00 16.84 ? 105 ASP A C     1 
ATOM   775  O O     . ASP A 1 125 ? 7.772   -14.840 -6.083  1.00 21.37 ? 105 ASP A O     1 
ATOM   776  C CB    . ASP A 1 125 ? 10.365  -14.300 -7.473  1.00 21.71 ? 105 ASP A CB    1 
ATOM   777  C CG    . ASP A 1 125 ? 11.409  -14.290 -6.378  1.00 30.66 ? 105 ASP A CG    1 
ATOM   778  O OD1   . ASP A 1 125 ? 11.177  -13.695 -5.302  1.00 40.37 ? 105 ASP A OD1   1 
ATOM   779  O OD2   . ASP A 1 125 ? 12.483  -14.893 -6.603  1.00 41.95 ? 105 ASP A OD2   1 
ATOM   780  N N     . GLU A 1 126 ? 8.179   -12.898 -5.038  1.00 13.61 ? 106 GLU A N     1 
ATOM   781  C CA    . GLU A 1 126 ? 7.309   -13.201 -3.906  1.00 15.19 ? 106 GLU A CA    1 
ATOM   782  C C     . GLU A 1 126 ? 5.919   -12.575 -4.033  1.00 15.40 ? 106 GLU A C     1 
ATOM   783  O O     . GLU A 1 126 ? 5.015   -12.895 -3.265  1.00 14.45 ? 106 GLU A O     1 
ATOM   784  C CB    . GLU A 1 126 ? 7.933   -12.684 -2.608  1.00 15.99 ? 106 GLU A CB    1 
ATOM   785  C CG    . GLU A 1 126 ? 9.207   -13.371 -2.166  1.00 18.14 ? 106 GLU A CG    1 
ATOM   786  C CD    . GLU A 1 126 ? 9.882   -12.613 -1.039  1.00 18.13 ? 106 GLU A CD    1 
ATOM   787  O OE1   . GLU A 1 126 ? 9.410   -12.710 0.118   1.00 25.75 ? 106 GLU A OE1   1 
ATOM   788  O OE2   . GLU A 1 126 ? 10.832  -11.864 -1.324  1.00 17.86 ? 106 GLU A OE2   1 
ATOM   789  N N     A ILE A 1 127 ? 5.746   -11.681 -5.001  0.50 13.74 ? 107 ILE A N     1 
ATOM   790  N N     B ILE A 1 127 ? 5.754   -11.669 -4.984  0.50 14.50 ? 107 ILE A N     1 
ATOM   791  C CA    A ILE A 1 127 ? 4.516   -10.893 -5.094  0.50 12.97 ? 107 ILE A CA    1 
ATOM   792  C CA    B ILE A 1 127 ? 4.596   -10.789 -4.970  0.50 14.54 ? 107 ILE A CA    1 
ATOM   793  C C     A ILE A 1 127 ? 3.286   -11.773 -5.297  0.50 13.15 ? 107 ILE A C     1 
ATOM   794  C C     B ILE A 1 127 ? 3.308   -11.541 -5.316  0.50 14.57 ? 107 ILE A C     1 
ATOM   795  O O     A ILE A 1 127 ? 2.314   -11.690 -4.539  0.50 10.47 ? 107 ILE A O     1 
ATOM   796  O O     B ILE A 1 127 ? 2.262   -11.319 -4.700  0.50 15.36 ? 107 ILE A O     1 
ATOM   797  C CB    A ILE A 1 127 ? 4.590   -9.861  -6.238  0.50 14.29 ? 107 ILE A CB    1 
ATOM   798  C CB    B ILE A 1 127 ? 4.804   -9.587  -5.905  0.50 14.74 ? 107 ILE A CB    1 
ATOM   799  C CG1   A ILE A 1 127 ? 5.602   -8.768  -5.901  0.50 13.94 ? 107 ILE A CG1   1 
ATOM   800  C CG1   B ILE A 1 127 ? 5.844   -8.637  -5.311  0.50 16.54 ? 107 ILE A CG1   1 
ATOM   801  C CG2   A ILE A 1 127 ? 3.220   -9.261  -6.507  0.50 13.64 ? 107 ILE A CG2   1 
ATOM   802  C CG2   B ILE A 1 127 ? 3.492   -8.861  -6.141  0.50 15.54 ? 107 ILE A CG2   1 
ATOM   803  C CD1   A ILE A 1 127 ? 5.225   -7.919  -4.703  0.50 13.68 ? 107 ILE A CD1   1 
ATOM   804  C CD1   B ILE A 1 127 ? 6.265   -7.548  -6.270  0.50 16.54 ? 107 ILE A CD1   1 
ATOM   805  N N     A ASP A 1 128 ? 3.310   -12.614 -6.325  0.50 14.40 ? 108 ASP A N     1 
ATOM   806  N N     B ASP A 1 128 ? 3.378   -12.476 -6.260  0.50 16.42 ? 108 ASP A N     1 
ATOM   807  C CA    A ASP A 1 128 ? 2.087   -13.276 -6.751  0.50 15.89 ? 108 ASP A CA    1 
ATOM   808  C CA    B ASP A 1 128 ? 2.172   -13.183 -6.681  0.50 16.90 ? 108 ASP A CA    1 
ATOM   809  C C     A ASP A 1 128 ? 1.705   -14.422 -5.827  0.50 16.09 ? 108 ASP A C     1 
ATOM   810  C C     B ASP A 1 128 ? 1.662   -14.155 -5.625  0.50 16.61 ? 108 ASP A C     1 
ATOM   811  O O     A ASP A 1 128 ? 0.607   -14.967 -5.930  0.50 20.83 ? 108 ASP A O     1 
ATOM   812  O O     B ASP A 1 128 ? 0.446   -14.308 -5.448  0.50 16.35 ? 108 ASP A O     1 
ATOM   813  C CB    A ASP A 1 128 ? 2.179   -13.751 -8.208  0.50 17.64 ? 108 ASP A CB    1 
ATOM   814  C CB    B ASP A 1 128 ? 2.406   -13.949 -7.975  0.50 19.36 ? 108 ASP A CB    1 
ATOM   815  C CG    A ASP A 1 128 ? 3.193   -14.868 -8.418  0.50 19.09 ? 108 ASP A CG    1 
ATOM   816  C CG    B ASP A 1 128 ? 1.139   -14.579 -8.499  0.50 22.66 ? 108 ASP A CG    1 
ATOM   817  O OD1   A ASP A 1 128 ? 3.608   -15.520 -7.438  0.50 22.13 ? 108 ASP A OD1   1 
ATOM   818  O OD1   B ASP A 1 128 ? 0.268   -13.831 -8.995  0.50 21.10 ? 108 ASP A OD1   1 
ATOM   819  O OD2   A ASP A 1 128 ? 3.554   -15.113 -9.586  0.50 21.18 ? 108 ASP A OD2   1 
ATOM   820  O OD2   B ASP A 1 128 ? 0.987   -15.808 -8.356  0.50 26.40 ? 108 ASP A OD2   1 
ATOM   821  N N     . GLY A 1 129 ? 2.597   -14.781 -4.914  1.00 14.69 ? 109 GLY A N     1 
ATOM   822  C CA    . GLY A 1 129 ? 2.284   -15.829 -3.938  1.00 16.20 ? 109 GLY A CA    1 
ATOM   823  C C     . GLY A 1 129 ? 1.731   -15.336 -2.610  1.00 15.91 ? 109 GLY A C     1 
ATOM   824  O O     . GLY A 1 129 ? 1.256   -16.128 -1.798  1.00 15.59 ? 109 GLY A O     1 
ATOM   825  N N     . LEU A 1 130 ? 1.800   -14.030 -2.386  1.00 12.68 ? 110 LEU A N     1 
ATOM   826  C CA    . LEU A 1 130 ? 1.283   -13.433 -1.154  1.00 12.90 ? 110 LEU A CA    1 
ATOM   827  C C     . LEU A 1 130 ? -0.240  -13.546 -1.118  1.00 11.65 ? 110 LEU A C     1 
ATOM   828  O O     . LEU A 1 130 ? -0.902  -13.500 -2.153  1.00 13.47 ? 110 LEU A O     1 
ATOM   829  C CB    . LEU A 1 130 ? 1.638   -11.946 -1.099  1.00 15.05 ? 110 LEU A CB    1 
ATOM   830  C CG    . LEU A 1 130 ? 3.017   -11.568 -0.597  1.00 20.55 ? 110 LEU A CG    1 
ATOM   831  C CD1   . LEU A 1 130 ? 3.198   -10.070 -0.799  1.00 21.93 ? 110 LEU A CD1   1 
ATOM   832  C CD2   . LEU A 1 130 ? 3.165   -11.938 0.873   1.00 19.57 ? 110 LEU A CD2   1 
ATOM   833  N N     . ALA A 1 131 ? -0.789  -13.673 0.086   1.00 12.35 ? 111 ALA A N     1 
ATOM   834  C CA    . ALA A 1 131 ? -2.224  -13.768 0.268   1.00 12.99 ? 111 ALA A CA    1 
ATOM   835  C C     . ALA A 1 131 ? -2.786  -12.358 0.345   1.00 11.39 ? 111 ALA A C     1 
ATOM   836  O O     . ALA A 1 131 ? -2.963  -11.813 1.425   1.00 11.11 ? 111 ALA A O     1 
ATOM   837  C CB    . ALA A 1 131 ? -2.534  -14.541 1.545   1.00 14.83 ? 111 ALA A CB    1 
ATOM   838  N N     . TRP A 1 132 ? -2.964  -11.742 -0.821  1.00 12.01 ? 112 TRP A N     1 
ATOM   839  C CA    . TRP A 1 132 ? -3.394  -10.348 -0.916  1.00 10.61 ? 112 TRP A CA    1 
ATOM   840  C C     . TRP A 1 132 ? -4.843  -10.205 -0.492  1.00 10.87 ? 112 TRP A C     1 
ATOM   841  O O     . TRP A 1 132 ? -5.682  -11.086 -0.766  1.00 12.58 ? 112 TRP A O     1 
ATOM   842  C CB    . TRP A 1 132 ? -3.262  -9.842  -2.352  1.00 10.40 ? 112 TRP A CB    1 
ATOM   843  C CG    . TRP A 1 132 ? -1.856  -9.619  -2.782  1.00 9.77  ? 112 TRP A CG    1 
ATOM   844  C CD1   . TRP A 1 132 ? -1.056  -10.481 -3.464  1.00 11.16 ? 112 TRP A CD1   1 
ATOM   845  C CD2   . TRP A 1 132 ? -1.074  -8.441  -2.553  1.00 9.12  ? 112 TRP A CD2   1 
ATOM   846  N NE1   . TRP A 1 132 ? 0.189   -9.925  -3.649  1.00 11.57 ? 112 TRP A NE1   1 
ATOM   847  C CE2   . TRP A 1 132 ? 0.198   -8.667  -3.116  1.00 10.78 ? 112 TRP A CE2   1 
ATOM   848  C CE3   . TRP A 1 132 ? -1.325  -7.225  -1.917  1.00 10.28 ? 112 TRP A CE3   1 
ATOM   849  C CZ2   . TRP A 1 132 ? 1.228   -7.709  -3.062  1.00 10.15 ? 112 TRP A CZ2   1 
ATOM   850  C CZ3   . TRP A 1 132 ? -0.306  -6.266  -1.875  1.00 11.00 ? 112 TRP A CZ3   1 
ATOM   851  C CH2   . TRP A 1 132 ? 0.948   -6.514  -2.458  1.00 10.93 ? 112 TRP A CH2   1 
ATOM   852  N N     A VAL A 1 133 ? -5.163  -9.063  0.107   0.50 10.12 ? 113 VAL A N     1 
ATOM   853  N N     B VAL A 1 133 ? -5.146  -9.084  0.150   0.50 9.98  ? 113 VAL A N     1 
ATOM   854  C CA    A VAL A 1 133 ? -6.549  -8.622  0.189   0.50 11.48 ? 113 VAL A CA    1 
ATOM   855  C CA    B VAL A 1 133 ? -6.492  -8.520  0.146   0.50 11.09 ? 113 VAL A CA    1 
ATOM   856  C C     A VAL A 1 133 ? -7.092  -8.482  -1.230  0.50 12.02 ? 113 VAL A C     1 
ATOM   857  C C     B VAL A 1 133 ? -7.050  -8.565  -1.284  0.50 11.41 ? 113 VAL A C     1 
ATOM   858  O O     A VAL A 1 133 ? -6.389  -8.036  -2.139  0.50 12.70 ? 113 VAL A O     1 
ATOM   859  O O     B VAL A 1 133 ? -6.320  -8.333  -2.248  0.50 10.46 ? 113 VAL A O     1 
ATOM   860  C CB    A VAL A 1 133 ? -6.698  -7.274  0.926   0.50 10.68 ? 113 VAL A CB    1 
ATOM   861  C CB    B VAL A 1 133 ? -6.452  -7.060  0.644   0.50 9.90  ? 113 VAL A CB    1 
ATOM   862  C CG1   A VAL A 1 133 ? -6.184  -7.370  2.358   0.50 11.26 ? 113 VAL A CG1   1 
ATOM   863  C CG1   B VAL A 1 133 ? -7.783  -6.374  0.407   0.50 10.61 ? 113 VAL A CG1   1 
ATOM   864  C CG2   A VAL A 1 133 ? -6.008  -6.155  0.170   0.50 10.69 ? 113 VAL A CG2   1 
ATOM   865  C CG2   B VAL A 1 133 ? -6.065  -7.004  2.119   0.50 10.42 ? 113 VAL A CG2   1 
ATOM   866  N N     . PRO A 1 134 ? -8.341  -8.895  -1.438  1.00 13.21 ? 114 PRO A N     1 
ATOM   867  C CA    . PRO A 1 134 ? -8.879  -9.002  -2.800  1.00 15.23 ? 114 PRO A CA    1 
ATOM   868  C C     . PRO A 1 134 ? -8.706  -7.759  -3.687  1.00 13.24 ? 114 PRO A C     1 
ATOM   869  O O     . PRO A 1 134 ? -8.354  -7.890  -4.864  1.00 14.72 ? 114 PRO A O     1 
ATOM   870  C CB    . PRO A 1 134 ? -10.366 -9.294  -2.556  1.00 16.31 ? 114 PRO A CB    1 
ATOM   871  C CG    . PRO A 1 134 ? -10.382 -10.004 -1.252  1.00 20.01 ? 114 PRO A CG    1 
ATOM   872  C CD    . PRO A 1 134 ? -9.294  -9.380  -0.420  1.00 15.97 ? 114 PRO A CD    1 
ATOM   873  N N     . ALA A 1 135 ? -8.953  -6.569  -3.142  1.00 11.61 ? 115 ALA A N     1 
ATOM   874  C CA    . ALA A 1 135 ? -8.823  -5.333  -3.910  1.00 12.75 ? 115 ALA A CA    1 
ATOM   875  C C     . ALA A 1 135 ? -7.403  -5.140  -4.469  1.00 13.90 ? 115 ALA A C     1 
ATOM   876  O O     . ALA A 1 135 ? -7.215  -4.950  -5.675  1.00 13.25 ? 115 ALA A O     1 
ATOM   877  C CB    . ALA A 1 135 ? -9.230  -4.139  -3.051  1.00 16.50 ? 115 ALA A CB    1 
ATOM   878  N N     . ASP A 1 136 ? -6.409  -5.227  -3.594  1.00 11.93 ? 116 ASP A N     1 
ATOM   879  C CA    . ASP A 1 136 ? -5.023  -4.946  -3.936  1.00 11.79 ? 116 ASP A CA    1 
ATOM   880  C C     . ASP A 1 136 ? -4.432  -5.970  -4.909  1.00 12.53 ? 116 ASP A C     1 
ATOM   881  O O     . ASP A 1 136 ? -3.470  -5.678  -5.610  1.00 11.54 ? 116 ASP A O     1 
ATOM   882  C CB    . ASP A 1 136 ? -4.159  -4.908  -2.664  1.00 12.29 ? 116 ASP A CB    1 
ATOM   883  C CG    . ASP A 1 136 ? -4.564  -3.813  -1.700  1.00 13.17 ? 116 ASP A CG    1 
ATOM   884  O OD1   . ASP A 1 136 ? -5.778  -3.605  -1.475  1.00 15.36 ? 116 ASP A OD1   1 
ATOM   885  O OD2   . ASP A 1 136 ? -3.652  -3.194  -1.106  1.00 12.34 ? 116 ASP A OD2   1 
ATOM   886  N N     A ARG A 1 137 ? -5.000  -7.172  -4.944  0.50 11.18 ? 117 ARG A N     1 
ATOM   887  N N     B ARG A 1 137 ? -5.004  -7.173  -4.925  0.50 12.15 ? 117 ARG A N     1 
ATOM   888  C CA    A ARG A 1 137 ? -4.457  -8.227  -5.784  0.50 12.80 ? 117 ARG A CA    1 
ATOM   889  C CA    B ARG A 1 137 ? -4.536  -8.249  -5.790  0.50 14.67 ? 117 ARG A CA    1 
ATOM   890  C C     A ARG A 1 137 ? -4.397  -7.786  -7.242  0.50 12.64 ? 117 ARG A C     1 
ATOM   891  C C     B ARG A 1 137 ? -4.385  -7.763  -7.223  0.50 13.60 ? 117 ARG A C     1 
ATOM   892  O O     A ARG A 1 137 ? -3.538  -8.247  -7.993  0.50 13.62 ? 117 ARG A O     1 
ATOM   893  O O     B ARG A 1 137 ? -3.476  -8.188  -7.937  0.50 14.09 ? 117 ARG A O     1 
ATOM   894  C CB    A ARG A 1 137 ? -5.257  -9.530  -5.639  0.50 14.91 ? 117 ARG A CB    1 
ATOM   895  C CB    B ARG A 1 137 ? -5.498  -9.445  -5.748  0.50 18.79 ? 117 ARG A CB    1 
ATOM   896  C CG    A ARG A 1 137 ? -4.630  -10.688 -6.407  0.50 15.56 ? 117 ARG A CG    1 
ATOM   897  C CG    B ARG A 1 137 ? -5.219  -10.477 -6.831  0.50 22.92 ? 117 ARG A CG    1 
ATOM   898  C CD    A ARG A 1 137 ? -5.271  -12.022 -6.068  0.50 17.48 ? 117 ARG A CD    1 
ATOM   899  C CD    B ARG A 1 137 ? -5.868  -11.819 -6.528  0.50 23.85 ? 117 ARG A CD    1 
ATOM   900  N NE    A ARG A 1 137 ? -4.590  -12.663 -4.952  0.50 20.50 ? 117 ARG A NE    1 
ATOM   901  N NE    B ARG A 1 137 ? -7.195  -11.928 -7.124  0.50 24.99 ? 117 ARG A NE    1 
ATOM   902  C CZ    A ARG A 1 137 ? -3.331  -13.095 -4.985  0.50 18.64 ? 117 ARG A CZ    1 
ATOM   903  C CZ    B ARG A 1 137 ? -7.424  -12.135 -8.416  0.50 25.97 ? 117 ARG A CZ    1 
ATOM   904  N NH1   A ARG A 1 137 ? -2.802  -13.638 -3.906  0.50 19.15 ? 117 ARG A NH1   1 
ATOM   905  N NH1   B ARG A 1 137 ? -8.667  -12.223 -8.859  0.50 27.86 ? 117 ARG A NH1   1 
ATOM   906  N NH2   A ARG A 1 137 ? -2.589  -12.952 -6.076  0.50 19.01 ? 117 ARG A NH2   1 
ATOM   907  N NH2   B ARG A 1 137 ? -6.413  -12.276 -9.264  0.50 26.15 ? 117 ARG A NH2   1 
ATOM   908  N N     . ALA A 1 138 ? -5.255  -6.838  -7.620  1.00 13.70 ? 118 ALA A N     1 
ATOM   909  C CA    . ALA A 1 138 ? -5.252  -6.298  -8.989  1.00 14.17 ? 118 ALA A CA    1 
ATOM   910  C C     . ALA A 1 138 ? -3.903  -5.720  -9.396  1.00 12.79 ? 118 ALA A C     1 
ATOM   911  O O     . ALA A 1 138 ? -3.525  -5.748  -10.566 1.00 13.01 ? 118 ALA A O     1 
ATOM   912  C CB    . ALA A 1 138 ? -6.324  -5.234  -9.138  1.00 15.57 ? 118 ALA A CB    1 
ATOM   913  N N     . TRP A 1 139 ? -3.160  -5.205  -8.427  1.00 9.51  ? 119 TRP A N     1 
ATOM   914  C CA    . TRP A 1 139 ? -1.881  -4.564  -8.720  1.00 9.84  ? 119 TRP A CA    1 
ATOM   915  C C     . TRP A 1 139 ? -0.694  -5.521  -8.849  1.00 9.27  ? 119 TRP A C     1 
ATOM   916  O O     . TRP A 1 139 ? 0.417   -5.083  -9.141  1.00 9.71  ? 119 TRP A O     1 
ATOM   917  C CB    . TRP A 1 139 ? -1.576  -3.533  -7.631  1.00 10.43 ? 119 TRP A CB    1 
ATOM   918  C CG    . TRP A 1 139 ? -2.575  -2.438  -7.563  1.00 10.55 ? 119 TRP A CG    1 
ATOM   919  C CD1   . TRP A 1 139 ? -3.199  -1.816  -8.608  1.00 10.16 ? 119 TRP A CD1   1 
ATOM   920  C CD2   . TRP A 1 139 ? -3.059  -1.804  -6.374  1.00 10.84 ? 119 TRP A CD2   1 
ATOM   921  N NE1   . TRP A 1 139 ? -4.040  -0.831  -8.138  1.00 11.43 ? 119 TRP A NE1   1 
ATOM   922  C CE2   . TRP A 1 139 ? -3.973  -0.808  -6.769  1.00 11.34 ? 119 TRP A CE2   1 
ATOM   923  C CE3   . TRP A 1 139 ? -2.823  -2.001  -5.010  1.00 12.20 ? 119 TRP A CE3   1 
ATOM   924  C CZ2   . TRP A 1 139 ? -4.652  -0.009  -5.844  1.00 11.35 ? 119 TRP A CZ2   1 
ATOM   925  C CZ3   . TRP A 1 139 ? -3.474  -1.187  -4.103  1.00 12.77 ? 119 TRP A CZ3   1 
ATOM   926  C CH2   . TRP A 1 139 ? -4.374  -0.210  -4.522  1.00 11.34 ? 119 TRP A CH2   1 
ATOM   927  N N     . VAL A 1 140 ? -0.910  -6.808  -8.625  1.00 9.80  ? 120 VAL A N     1 
ATOM   928  C CA    . VAL A 1 140 ? 0.195   -7.778  -8.681  1.00 10.67 ? 120 VAL A CA    1 
ATOM   929  C C     . VAL A 1 140 ? 1.095   -7.612  -9.934  1.00 10.86 ? 120 VAL A C     1 
ATOM   930  O O     . VAL A 1 140 ? 2.304   -7.497  -9.811  1.00 10.35 ? 120 VAL A O     1 
ATOM   931  C CB    . VAL A 1 140 ? -0.327  -9.232  -8.544  1.00 12.17 ? 120 VAL A CB    1 
ATOM   932  C CG1   . VAL A 1 140 ? 0.694   -10.227 -9.061  1.00 12.70 ? 120 VAL A CG1   1 
ATOM   933  C CG2   . VAL A 1 140 ? -0.626  -9.519  -7.079  1.00 13.48 ? 120 VAL A CG2   1 
ATOM   934  N N     . PRO A 1 141 ? 0.505   -7.564  -11.145 1.00 10.64 ? 121 PRO A N     1 
ATOM   935  C CA    . PRO A 1 141 ? 1.390   -7.411  -12.317 1.00 10.57 ? 121 PRO A CA    1 
ATOM   936  C C     . PRO A 1 141 ? 2.181   -6.101  -12.325 1.00 9.37  ? 121 PRO A C     1 
ATOM   937  O O     . PRO A 1 141 ? 3.347   -6.063  -12.754 1.00 9.21  ? 121 PRO A O     1 
ATOM   938  C CB    . PRO A 1 141 ? 0.440   -7.466  -13.518 1.00 12.65 ? 121 PRO A CB    1 
ATOM   939  C CG    . PRO A 1 141 ? -0.899  -7.844  -12.998 1.00 12.47 ? 121 PRO A CG    1 
ATOM   940  C CD    . PRO A 1 141 ? -0.911  -7.796  -11.508 1.00 11.99 ? 121 PRO A CD    1 
ATOM   941  N N     . ASP A 1 142 ? 1.555   -5.043  -11.841 1.00 8.75  ? 122 ASP A N     1 
ATOM   942  C CA    . ASP A 1 142 ? 2.193   -3.720  -11.784 1.00 8.59  ? 122 ASP A CA    1 
ATOM   943  C C     . ASP A 1 142 ? 3.358   -3.719  -10.800 1.00 10.81 ? 122 ASP A C     1 
ATOM   944  O O     . ASP A 1 142 ? 4.403   -3.102  -11.051 1.00 9.70  ? 122 ASP A O     1 
ATOM   945  C CB    . ASP A 1 142 ? 1.159   -2.675  -11.401 1.00 10.78 ? 122 ASP A CB    1 
ATOM   946  C CG    . ASP A 1 142 ? -0.056  -2.711  -12.310 1.00 12.50 ? 122 ASP A CG    1 
ATOM   947  O OD1   . ASP A 1 142 ? 0.139   -2.612  -13.536 1.00 18.27 ? 122 ASP A OD1   1 
ATOM   948  O OD2   . ASP A 1 142 ? -1.172  -2.906  -11.813 1.00 15.42 ? 122 ASP A OD2   1 
ATOM   949  N N     . LEU A 1 143 ? 3.157   -4.386  -9.672  1.00 9.43  ? 123 LEU A N     1 
ATOM   950  C CA    . LEU A 1 143 ? 4.197   -4.475  -8.649  1.00 8.80  ? 123 LEU A CA    1 
ATOM   951  C C     . LEU A 1 143 ? 5.372   -5.347  -9.100  1.00 9.41  ? 123 LEU A C     1 
ATOM   952  O O     . LEU A 1 143 ? 6.537   -5.006  -8.898  1.00 9.80  ? 123 LEU A O     1 
ATOM   953  C CB    . LEU A 1 143 ? 3.596   -4.987  -7.324  1.00 9.59  ? 123 LEU A CB    1 
ATOM   954  C CG    . LEU A 1 143 ? 2.541   -4.067  -6.690  1.00 10.17 ? 123 LEU A CG    1 
ATOM   955  C CD1   . LEU A 1 143 ? 1.780   -4.786  -5.588  1.00 9.86  ? 123 LEU A CD1   1 
ATOM   956  C CD2   . LEU A 1 143 ? 3.199   -2.795  -6.158  1.00 10.17 ? 123 LEU A CD2   1 
ATOM   957  N N     . VAL A 1 144 ? 5.063   -6.468  -9.749  1.00 9.99  ? 124 VAL A N     1 
ATOM   958  C CA    . VAL A 1 144 ? 6.115   -7.310  -10.325 1.00 10.39 ? 124 VAL A CA    1 
ATOM   959  C C     . VAL A 1 144 ? 6.949   -6.489  -11.310 1.00 10.42 ? 124 VAL A C     1 
ATOM   960  O O     . VAL A 1 144 ? 8.185   -6.483  -11.230 1.00 10.71 ? 124 VAL A O     1 
ATOM   961  C CB    . VAL A 1 144 ? 5.503   -8.562  -10.977 1.00 11.35 ? 124 VAL A CB    1 
ATOM   962  C CG1   . VAL A 1 144 ? 6.553   -9.303  -11.783 1.00 11.92 ? 124 VAL A CG1   1 
ATOM   963  C CG2   . VAL A 1 144 ? 4.947   -9.460  -9.885  1.00 11.06 ? 124 VAL A CG2   1 
ATOM   964  N N     . ALA A 1 145 ? 6.288   -5.728  -12.183 1.00 9.15  ? 125 ALA A N     1 
ATOM   965  C CA    . ALA A 1 145 ? 7.006   -4.908  -13.165 1.00 10.83 ? 125 ALA A CA    1 
ATOM   966  C C     . ALA A 1 145 ? 7.885   -3.851  -12.489 1.00 10.62 ? 125 ALA A C     1 
ATOM   967  O O     . ALA A 1 145 ? 9.025   -3.599  -12.905 1.00 11.81 ? 125 ALA A O     1 
ATOM   968  C CB    . ALA A 1 145 ? 6.003   -4.238  -14.092 1.00 10.84 ? 125 ALA A CB    1 
ATOM   969  N N     . ALA A 1 146 ? 7.358   -3.234  -11.443 1.00 10.16 ? 126 ALA A N     1 
ATOM   970  C CA    . ALA A 1 146 ? 8.083   -2.179  -10.753 1.00 10.08 ? 126 ALA A CA    1 
ATOM   971  C C     . ALA A 1 146 ? 9.357   -2.718  -10.091 1.00 12.23 ? 126 ALA A C     1 
ATOM   972  O O     . ALA A 1 146 ? 10.337  -1.982  -9.897  1.00 12.87 ? 126 ALA A O     1 
ATOM   973  C CB    . ALA A 1 146 ? 7.177   -1.530  -9.726  1.00 9.51  ? 126 ALA A CB    1 
ATOM   974  N N     . LEU A 1 147 ? 9.353   -4.009  -9.762  1.00 12.10 ? 127 LEU A N     1 
ATOM   975  C CA    . LEU A 1 147 ? 10.501  -4.656  -9.122  1.00 14.11 ? 127 LEU A CA    1 
ATOM   976  C C     . LEU A 1 147 ? 11.354  -5.457  -10.088 1.00 16.71 ? 127 LEU A C     1 
ATOM   977  O O     . LEU A 1 147 ? 12.236  -6.198  -9.660  1.00 21.26 ? 127 LEU A O     1 
ATOM   978  C CB    . LEU A 1 147 ? 10.020  -5.582  -8.014  1.00 16.21 ? 127 LEU A CB    1 
ATOM   979  C CG    . LEU A 1 147 ? 9.331   -4.922  -6.830  1.00 16.50 ? 127 LEU A CG    1 
ATOM   980  C CD1   . LEU A 1 147 ? 8.653   -5.965  -5.948  1.00 21.69 ? 127 LEU A CD1   1 
ATOM   981  C CD2   . LEU A 1 147 ? 10.338  -4.102  -6.040  1.00 19.39 ? 127 LEU A CD2   1 
ATOM   982  N N     . SER A 1 148 ? 11.085  -5.331  -11.382 1.00 14.57 ? 128 SER A N     1 
ATOM   983  C CA    . SER A 1 148 ? 11.723  -6.203  -12.360 1.00 22.08 ? 128 SER A CA    1 
ATOM   984  C C     . SER A 1 148 ? 12.622  -5.433  -13.316 1.00 35.16 ? 128 SER A C     1 
ATOM   985  O O     . SER A 1 148 ? 12.166  -4.557  -14.066 1.00 32.96 ? 128 SER A O     1 
ATOM   986  C CB    . SER A 1 148 ? 10.671  -7.003  -13.129 1.00 27.72 ? 128 SER A CB    1 
ATOM   987  O OG    . SER A 1 148 ? 10.144  -8.051  -12.325 1.00 26.92 ? 128 SER A OG    1 
ATOM   988  N N     . GLY A 1 149 ? 13.900  -5.799  -13.308 1.00 43.39 ? 129 GLY A N     1 
ATOM   989  C CA    . GLY A 1 149 ? 14.939  -4.993  -13.945 1.00 56.73 ? 129 GLY A CA    1 
ATOM   990  C C     . GLY A 1 149 ? 15.608  -4.038  -12.970 1.00 51.63 ? 129 GLY A C     1 
ATOM   991  O O     . GLY A 1 149 ? 15.573  -4.249  -11.756 1.00 49.19 ? 129 GLY A O     1 
HETATM 992  C C1    . EDO B 2 .   ? 10.682  5.240   12.374  1.00 20.01 ? 201 EDO A C1    1 
HETATM 993  O O1    . EDO B 2 .   ? 9.484   4.618   12.880  1.00 25.40 ? 201 EDO A O1    1 
HETATM 994  C C2    . EDO B 2 .   ? 11.875  4.755   13.182  1.00 27.89 ? 201 EDO A C2    1 
HETATM 995  O O2    . EDO B 2 .   ? 13.125  4.984   12.532  1.00 35.16 ? 201 EDO A O2    1 
HETATM 996  O O3P   A C5P C 3 .   ? -9.186  0.165   6.692   0.50 22.02 ? 202 C5P A O3P   1 
HETATM 997  O O3P   B C5P C 3 .   ? -8.493  0.619   6.667   0.50 24.20 ? 202 C5P A O3P   1 
HETATM 998  P P     A C5P C 3 .   ? -8.180  1.203   6.245   0.50 22.14 ? 202 C5P A P     1 
HETATM 999  P P     B C5P C 3 .   ? -9.854  1.129   6.248   0.50 19.55 ? 202 C5P A P     1 
HETATM 1000 O O1P   A C5P C 3 .   ? -8.313  2.526   6.955   0.50 19.56 ? 202 C5P A O1P   1 
HETATM 1001 O O1P   B C5P C 3 .   ? -10.094 2.563   6.631   0.50 17.18 ? 202 C5P A O1P   1 
HETATM 1002 O O2P   A C5P C 3 .   ? -6.763  0.706   6.098   0.50 17.75 ? 202 C5P A O2P   1 
HETATM 1003 O O2P   B C5P C 3 .   ? -10.994 0.184   6.568   0.50 21.75 ? 202 C5P A O2P   1 
HETATM 1004 O "O5'" A C5P C 3 .   ? -8.617  1.521   4.725   0.50 19.86 ? 202 C5P A "O5'" 1 
HETATM 1005 O "O5'" B C5P C 3 .   ? -9.789  1.145   4.635   0.50 19.04 ? 202 C5P A "O5'" 1 
HETATM 1006 C "C5'" A C5P C 3 .   ? -9.942  1.979   4.462   0.50 20.32 ? 202 C5P A "C5'" 1 
HETATM 1007 C "C5'" B C5P C 3 .   ? -10.819 1.764   3.867   0.50 18.45 ? 202 C5P A "C5'" 1 
HETATM 1008 C "C4'" A C5P C 3 .   ? -10.668 1.075   3.468   0.50 18.76 ? 202 C5P A "C4'" 1 
HETATM 1009 C "C4'" B C5P C 3 .   ? -11.347 0.774   2.840   0.50 17.41 ? 202 C5P A "C4'" 1 
HETATM 1010 O "O4'" A C5P C 3 .   ? -9.844  0.853   2.323   0.50 16.07 ? 202 C5P A "O4'" 1 
HETATM 1011 O "O4'" B C5P C 3 .   ? -10.367 0.542   1.826   0.50 16.47 ? 202 C5P A "O4'" 1 
HETATM 1012 C "C3'" A C5P C 3 .   ? -11.031 -0.301  4.012   0.50 19.96 ? 202 C5P A "C3'" 1 
HETATM 1013 C "C3'" B C5P C 3 .   ? -11.618 -0.589  3.448   0.50 17.58 ? 202 C5P A "C3'" 1 
HETATM 1014 O "O3'" A C5P C 3 .   ? -12.381 -0.596  3.626   0.50 23.44 ? 202 C5P A "O3'" 1 
HETATM 1015 O "O3'" B C5P C 3 .   ? -12.711 -1.140  2.710   0.50 17.87 ? 202 C5P A "O3'" 1 
HETATM 1016 C "C2'" A C5P C 3 .   ? -10.100 -1.286  3.326   0.50 19.72 ? 202 C5P A "C2'" 1 
HETATM 1017 C "C2'" B C5P C 3 .   ? -10.324 -1.352  3.208   0.50 18.68 ? 202 C5P A "C2'" 1 
HETATM 1018 O "O2'" A C5P C 3 .   ? -10.788 -2.503  2.984   0.50 22.78 ? 202 C5P A "O2'" 1 
HETATM 1019 O "O2'" B C5P C 3 .   ? -10.474 -2.779  3.215   0.50 19.78 ? 202 C5P A "O2'" 1 
HETATM 1020 C "C1'" A C5P C 3 .   ? -9.693  -0.542  2.065   0.50 18.53 ? 202 C5P A "C1'" 1 
HETATM 1021 C "C1'" B C5P C 3 .   ? -9.957  -0.831  1.832   0.50 16.72 ? 202 C5P A "C1'" 1 
HETATM 1022 N N1    A C5P C 3 .   ? -8.305  -0.758  1.670   0.50 16.35 ? 202 C5P A N1    1 
HETATM 1023 N N1    B C5P C 3 .   ? -8.527  -0.913  1.539   0.50 15.20 ? 202 C5P A N1    1 
HETATM 1024 C C2    A C5P C 3 .   ? -7.985  -1.679  0.659   0.50 15.44 ? 202 C5P A C2    1 
HETATM 1025 C C2    B C5P C 3 .   ? -8.065  -1.811  0.562   0.50 14.91 ? 202 C5P A C2    1 
HETATM 1026 N N3    A C5P C 3 .   ? -6.698  -1.845  0.284   0.50 13.96 ? 202 C5P A N3    1 
HETATM 1027 N N3    B C5P C 3 .   ? -6.747  -1.874  0.270   0.50 13.71 ? 202 C5P A N3    1 
HETATM 1028 C C4    A C5P C 3 .   ? -5.724  -1.108  0.857   0.50 14.47 ? 202 C5P A C4    1 
HETATM 1029 C C4    B C5P C 3 .   ? -5.874  -1.065  0.901   0.50 14.15 ? 202 C5P A C4    1 
HETATM 1030 C C5    A C5P C 3 .   ? -6.030  -0.184  1.847   0.50 13.92 ? 202 C5P A C5    1 
HETATM 1031 C C5    B C5P C 3 .   ? -6.315  -0.165  1.863   0.50 13.54 ? 202 C5P A C5    1 
HETATM 1032 C C6    A C5P C 3 .   ? -7.345  -0.018  2.237   0.50 15.09 ? 202 C5P A C6    1 
HETATM 1033 C C6    B C5P C 3 .   ? -7.664  -0.103  2.166   0.50 15.52 ? 202 C5P A C6    1 
HETATM 1034 O O2    A C5P C 3 .   ? -8.876  -2.371  0.137   0.50 16.97 ? 202 C5P A O2    1 
HETATM 1035 O O2    B C5P C 3 .   ? -8.865  -2.575  -0.012  0.50 18.12 ? 202 C5P A O2    1 
HETATM 1036 N N4    A C5P C 3 .   ? -4.446  -1.268  0.468   0.50 13.62 ? 202 C5P A N4    1 
HETATM 1037 N N4    B C5P C 3 .   ? -4.564  -1.124  0.591   0.50 12.14 ? 202 C5P A N4    1 
HETATM 1038 O O     . HOH D 4 .   ? -6.445  1.357   4.655   0.50 17.10 ? 301 HOH A O     1 
HETATM 1039 O O     . HOH D 4 .   ? -6.043  -10.749 -10.146 0.50 16.09 ? 302 HOH A O     1 
HETATM 1040 O O     . HOH D 4 .   ? -12.198 -3.478  2.125   0.50 28.96 ? 303 HOH A O     1 
HETATM 1041 O O     . HOH D 4 .   ? -5.715  -2.422  13.071  1.00 34.47 ? 304 HOH A O     1 
HETATM 1042 O O     . HOH D 4 .   ? 8.199   2.729   13.339  1.00 29.59 ? 305 HOH A O     1 
HETATM 1043 O O     . HOH D 4 .   ? -8.056  -14.092 -6.519  1.00 40.73 ? 306 HOH A O     1 
HETATM 1044 O O     . HOH D 4 .   ? 6.703   13.605  3.435   1.00 36.44 ? 307 HOH A O     1 
HETATM 1045 O O     . HOH D 4 .   ? -7.854  8.656   6.779   1.00 35.93 ? 308 HOH A O     1 
HETATM 1046 O O     . HOH D 4 .   ? 1.381   -4.598  15.516  1.00 35.20 ? 309 HOH A O     1 
HETATM 1047 O O     . HOH D 4 .   ? -7.491  6.342   8.242   1.00 39.48 ? 310 HOH A O     1 
HETATM 1048 O O     . HOH D 4 .   ? -5.991  0.139   8.388   1.00 31.68 ? 311 HOH A O     1 
HETATM 1049 O O     . HOH D 4 .   ? -1.340  -16.177 -7.491  1.00 37.53 ? 312 HOH A O     1 
HETATM 1050 O O     . HOH D 4 .   ? 5.233   -15.603 -5.500  1.00 21.96 ? 313 HOH A O     1 
HETATM 1051 O O     . HOH D 4 .   ? 1.082   -8.622  15.234  1.00 38.96 ? 314 HOH A O     1 
HETATM 1052 O O     . HOH D 4 .   ? -3.872  6.310   9.941   1.00 29.23 ? 315 HOH A O     1 
HETATM 1053 O O     . HOH D 4 .   ? 5.200   14.258  -3.397  1.00 31.07 ? 316 HOH A O     1 
HETATM 1054 O O     . HOH D 4 .   ? -5.314  6.317   -12.390 1.00 41.63 ? 317 HOH A O     1 
HETATM 1055 O O     . HOH D 4 .   ? 2.953   1.765   18.312  1.00 41.88 ? 318 HOH A O     1 
HETATM 1056 O O     . HOH D 4 .   ? -8.980  2.652   9.449   1.00 36.22 ? 319 HOH A O     1 
HETATM 1057 O O     . HOH D 4 .   ? -18.930 -8.935  8.656   1.00 20.52 ? 320 HOH A O     1 
HETATM 1058 O O     . HOH D 4 .   ? -3.183  16.392  5.890   1.00 27.86 ? 321 HOH A O     1 
HETATM 1059 O O     . HOH D 4 .   ? -9.021  -10.035 -6.212  1.00 31.35 ? 322 HOH A O     1 
HETATM 1060 O O     . HOH D 4 .   ? -3.434  -1.690  -12.335 1.00 22.61 ? 323 HOH A O     1 
HETATM 1061 O O     . HOH D 4 .   ? 10.563  -11.508 2.146   1.00 20.41 ? 324 HOH A O     1 
HETATM 1062 O O     . HOH D 4 .   ? 3.073   11.561  -14.959 1.00 29.53 ? 325 HOH A O     1 
HETATM 1063 O O     . HOH D 4 .   ? 3.615   7.829   -14.372 1.00 16.68 ? 326 HOH A O     1 
HETATM 1064 O O     . HOH D 4 .   ? -0.207  18.259  -1.340  1.00 25.94 ? 327 HOH A O     1 
HETATM 1065 O O     . HOH D 4 .   ? 2.501   -12.706 9.874   1.00 29.79 ? 328 HOH A O     1 
HETATM 1066 O O     . HOH D 4 .   ? 15.059  -0.017  3.712   1.00 19.28 ? 329 HOH A O     1 
HETATM 1067 O O     . HOH D 4 .   ? 15.368  4.784   11.152  1.00 28.41 ? 330 HOH A O     1 
HETATM 1068 O O     . HOH D 4 .   ? 2.211   5.789   -13.244 1.00 29.76 ? 331 HOH A O     1 
HETATM 1069 O O     . HOH D 4 .   ? 4.462   3.687   -11.608 1.00 16.14 ? 332 HOH A O     1 
HETATM 1070 O O     . HOH D 4 .   ? -4.942  20.742  0.822   1.00 50.38 ? 333 HOH A O     1 
HETATM 1071 O O     . HOH D 4 .   ? -14.287 3.138   -8.463  1.00 31.24 ? 334 HOH A O     1 
HETATM 1072 O O     . HOH D 4 .   ? -3.599  -10.113 -9.882  1.00 22.71 ? 335 HOH A O     1 
HETATM 1073 O O     . HOH D 4 .   ? -16.568 2.585   -6.891  1.00 38.86 ? 336 HOH A O     1 
HETATM 1074 O O     . HOH D 4 .   ? 16.916  -5.283  -0.050  1.00 34.65 ? 337 HOH A O     1 
HETATM 1075 O O     . HOH D 4 .   ? 14.866  -4.658  1.987   1.00 30.06 ? 338 HOH A O     1 
HETATM 1076 O O     . HOH D 4 .   ? 14.207  -7.609  -4.559  1.00 36.69 ? 339 HOH A O     1 
HETATM 1077 O O     . HOH D 4 .   ? -2.188  -7.570  15.397  1.00 35.52 ? 340 HOH A O     1 
HETATM 1078 O O     . HOH D 4 .   ? 10.051  -10.734 -12.375 1.00 35.15 ? 341 HOH A O     1 
HETATM 1079 O O     . HOH D 4 .   ? -3.969  0.518   5.423   1.00 15.05 ? 342 HOH A O     1 
HETATM 1080 O O     . HOH D 4 .   ? -3.501  2.553   -8.520  1.00 9.87  ? 343 HOH A O     1 
HETATM 1081 O O     . HOH D 4 .   ? 11.071  13.441  8.706   1.00 23.94 ? 344 HOH A O     1 
HETATM 1082 O O     . HOH D 4 .   ? -8.902  5.080   6.344   1.00 18.21 ? 345 HOH A O     1 
HETATM 1083 O O     . HOH D 4 .   ? 4.782   9.666   5.636   1.00 12.08 ? 346 HOH A O     1 
HETATM 1084 O O     . HOH D 4 .   ? 13.309  3.167   -4.116  1.00 11.86 ? 347 HOH A O     1 
HETATM 1085 O O     . HOH D 4 .   ? 4.363   -0.271  0.442   1.00 8.89  ? 348 HOH A O     1 
HETATM 1086 O O     . HOH D 4 .   ? -6.543  -12.032 -3.150  1.00 38.43 ? 349 HOH A O     1 
HETATM 1087 O O     . HOH D 4 .   ? 5.628   -12.918 -8.127  1.00 16.13 ? 350 HOH A O     1 
HETATM 1088 O O     . HOH D 4 .   ? 1.040   -0.767  10.688  1.00 17.30 ? 351 HOH A O     1 
HETATM 1089 O O     . HOH D 4 .   ? 8.325   3.225   -4.592  1.00 11.43 ? 352 HOH A O     1 
HETATM 1090 O O     . HOH D 4 .   ? -7.602  13.743  -2.384  1.00 18.10 ? 353 HOH A O     1 
HETATM 1091 O O     . HOH D 4 .   ? 10.623  0.630   -10.587 1.00 13.47 ? 354 HOH A O     1 
HETATM 1092 O O     . HOH D 4 .   ? 9.088   16.014  5.929   1.00 39.49 ? 355 HOH A O     1 
HETATM 1093 O O     . HOH D 4 .   ? -5.644  -13.779 -0.378  1.00 29.32 ? 356 HOH A O     1 
HETATM 1094 O O     . HOH D 4 .   ? 5.265   -14.652 -1.200  1.00 21.25 ? 357 HOH A O     1 
HETATM 1095 O O     . HOH D 4 .   ? 12.911  -10.290 -0.499  1.00 36.36 ? 358 HOH A O     1 
HETATM 1096 O O     . HOH D 4 .   ? 15.056  3.639   0.588   1.00 24.61 ? 359 HOH A O     1 
HETATM 1097 O O     . HOH D 4 .   ? 4.354   -1.014  -12.819 1.00 17.26 ? 360 HOH A O     1 
HETATM 1098 O O     . HOH D 4 .   ? -5.874  3.608   7.603   1.00 26.70 ? 361 HOH A O     1 
HETATM 1099 O O     . HOH D 4 .   ? 13.346  -9.153  1.776   1.00 29.02 ? 362 HOH A O     1 
HETATM 1100 O O     . HOH D 4 .   ? -13.306 7.469   -8.223  1.00 28.05 ? 363 HOH A O     1 
HETATM 1101 O O     . HOH D 4 .   ? 0.554   14.701  5.273   1.00 17.52 ? 364 HOH A O     1 
HETATM 1102 O O     . HOH D 4 .   ? -8.334  -1.944  -11.384 1.00 24.22 ? 365 HOH A O     1 
HETATM 1103 O O     . HOH D 4 .   ? -2.387  11.545  -9.202  1.00 16.92 ? 366 HOH A O     1 
HETATM 1104 O O     . HOH D 4 .   ? 1.819   11.831  -8.573  1.00 13.08 ? 367 HOH A O     1 
HETATM 1105 O O     . HOH D 4 .   ? -11.683 -2.977  5.709   1.00 32.35 ? 368 HOH A O     1 
HETATM 1106 O O     . HOH D 4 .   ? 1.989   12.266  -11.342 1.00 25.79 ? 369 HOH A O     1 
HETATM 1107 O O     . HOH D 4 .   ? 5.161   -12.429 8.266   1.00 32.92 ? 370 HOH A O     1 
HETATM 1108 O O     . HOH D 4 .   ? 5.083   13.663  -0.899  1.00 16.42 ? 371 HOH A O     1 
HETATM 1109 O O     . HOH D 4 .   ? -16.350 -8.549  10.418  1.00 20.54 ? 372 HOH A O     1 
HETATM 1110 O O     . HOH D 4 .   ? 19.432  -4.452  1.154   1.00 57.70 ? 373 HOH A O     1 
HETATM 1111 O O     . HOH D 4 .   ? 8.707   9.225   -4.075  1.00 10.13 ? 374 HOH A O     1 
HETATM 1112 O O     . HOH D 4 .   ? 16.665  10.122  8.958   1.00 22.69 ? 375 HOH A O     1 
HETATM 1113 O O     . HOH D 4 .   ? 5.835   12.572  -9.122  1.00 14.73 ? 376 HOH A O     1 
HETATM 1114 O O     . HOH D 4 .   ? -9.349  -5.461  -7.446  1.00 17.78 ? 377 HOH A O     1 
HETATM 1115 O O     . HOH D 4 .   ? 11.050  -1.835  -13.777 1.00 29.46 ? 378 HOH A O     1 
HETATM 1116 O O     . HOH D 4 .   ? 12.514  4.201   -0.407  1.00 14.00 ? 379 HOH A O     1 
HETATM 1117 O O     . HOH D 4 .   ? -9.767  16.639  -1.305  1.00 29.90 ? 380 HOH A O     1 
HETATM 1118 O O     . HOH D 4 .   ? 9.626   3.754   -6.904  1.00 15.18 ? 381 HOH A O     1 
HETATM 1119 O O     . HOH D 4 .   ? -2.352  -12.389 -8.851  1.00 32.07 ? 382 HOH A O     1 
HETATM 1120 O O     . HOH D 4 .   ? 12.880  -8.242  -6.931  1.00 23.85 ? 383 HOH A O     1 
HETATM 1121 O O     . HOH D 4 .   ? -2.372  -14.509 10.397  1.00 36.67 ? 384 HOH A O     1 
HETATM 1122 O O     . HOH D 4 .   ? 6.779   -13.554 1.064   1.00 25.45 ? 385 HOH A O     1 
HETATM 1123 O O     . HOH D 4 .   ? -11.900 -2.324  -9.962  1.00 29.52 ? 386 HOH A O     1 
HETATM 1124 O O     . HOH D 4 .   ? 13.849  -8.548  -9.638  1.00 43.13 ? 387 HOH A O     1 
HETATM 1125 O O     . HOH D 4 .   ? -4.843  -3.719  10.096  1.00 14.97 ? 388 HOH A O     1 
HETATM 1126 O O     . HOH D 4 .   ? 14.686  6.609   -0.211  1.00 25.45 ? 389 HOH A O     1 
HETATM 1127 O O     . HOH D 4 .   ? 4.676   12.445  6.585   1.00 18.99 ? 390 HOH A O     1 
HETATM 1128 O O     . HOH D 4 .   ? 0.379   11.204  10.441  1.00 23.69 ? 391 HOH A O     1 
HETATM 1129 O O     . HOH D 4 .   ? 12.518  -11.660 -7.014  1.00 33.44 ? 392 HOH A O     1 
HETATM 1130 O O     . HOH D 4 .   ? 1.948   16.705  0.735   1.00 38.24 ? 393 HOH A O     1 
HETATM 1131 O O     . HOH D 4 .   ? -11.796 5.451   -11.215 1.00 32.29 ? 394 HOH A O     1 
HETATM 1132 O O     . HOH D 4 .   ? -9.615  1.339   -13.294 1.00 32.07 ? 395 HOH A O     1 
HETATM 1133 O O     . HOH D 4 .   ? -6.706  -4.370  14.666  1.00 30.93 ? 396 HOH A O     1 
HETATM 1134 O O     . HOH D 4 .   ? 15.846  7.229   8.793   1.00 21.01 ? 397 HOH A O     1 
HETATM 1135 O O     . HOH D 4 .   ? 0.890   -14.928 2.079   1.00 18.53 ? 398 HOH A O     1 
HETATM 1136 O O     . HOH D 4 .   ? -7.218  4.290   -13.191 1.00 20.41 ? 399 HOH A O     1 
HETATM 1137 O O     . HOH D 4 .   ? -12.519 12.816  1.021   1.00 33.91 ? 400 HOH A O     1 
HETATM 1138 O O     . HOH D 4 .   ? 19.052  2.256   2.267   1.00 47.75 ? 401 HOH A O     1 
HETATM 1139 O O     . HOH D 4 .   ? 12.035  -1.571  9.934   1.00 22.95 ? 402 HOH A O     1 
HETATM 1140 O O     . HOH D 4 .   ? -12.730 -4.123  -4.578  1.00 40.33 ? 403 HOH A O     1 
HETATM 1141 O O     . HOH D 4 .   ? 1.064   9.211   -12.053 1.00 14.48 ? 404 HOH A O     1 
HETATM 1142 O O     . HOH D 4 .   ? -11.171 -11.330 2.088   1.00 28.90 ? 405 HOH A O     1 
HETATM 1143 O O     . HOH D 4 .   ? 14.668  6.235   6.235   1.00 29.50 ? 406 HOH A O     1 
HETATM 1144 O O     . HOH D 4 .   ? 10.930  -8.568  5.707   1.00 15.39 ? 407 HOH A O     1 
HETATM 1145 O O     . HOH D 4 .   ? 13.114  -1.915  7.441   1.00 25.39 ? 408 HOH A O     1 
HETATM 1146 O O     . HOH D 4 .   ? -7.697  -3.715  2.494   1.00 30.83 ? 409 HOH A O     1 
HETATM 1147 O O     . HOH D 4 .   ? -0.367  3.963   -13.582 1.00 35.28 ? 410 HOH A O     1 
HETATM 1148 O O     . HOH D 4 .   ? 0.507   -14.883 5.067   1.00 18.78 ? 411 HOH A O     1 
HETATM 1149 O O     . HOH D 4 .   ? 12.780  10.079  -0.932  0.50 10.09 ? 412 HOH A O     1 
HETATM 1150 O O     . HOH D 4 .   ? 14.055  10.781  0.167   0.50 13.00 ? 413 HOH A O     1 
HETATM 1151 O O     . HOH D 4 .   ? -13.848 0.867   7.216   1.00 38.02 ? 414 HOH A O     1 
HETATM 1152 O O     . HOH D 4 .   ? -15.885 7.001   4.624   1.00 44.78 ? 415 HOH A O     1 
HETATM 1153 O O     . HOH D 4 .   ? 2.409   1.401   -12.662 1.00 25.62 ? 416 HOH A O     1 
HETATM 1154 O O     . HOH D 4 .   ? 6.449   -7.309  11.318  1.00 20.12 ? 417 HOH A O     1 
HETATM 1155 O O     . HOH D 4 .   ? -11.027 -4.587  0.586   1.00 33.69 ? 418 HOH A O     1 
HETATM 1156 O O     . HOH D 4 .   ? 12.102  -15.391 -2.972  1.00 47.86 ? 419 HOH A O     1 
HETATM 1157 O O     . HOH D 4 .   ? -10.539 7.956   -8.295  1.00 28.06 ? 420 HOH A O     1 
HETATM 1158 O O     . HOH D 4 .   ? 3.016   14.321  0.847   1.00 23.31 ? 421 HOH A O     1 
HETATM 1159 O O     . HOH D 4 .   ? 24.129  -1.111  3.438   1.00 33.02 ? 422 HOH A O     1 
HETATM 1160 O O     . HOH D 4 .   ? 8.765   -9.385  -14.693 1.00 36.17 ? 423 HOH A O     1 
HETATM 1161 O O     . HOH D 4 .   ? -12.147 11.540  -1.399  1.00 28.57 ? 424 HOH A O     1 
HETATM 1162 O O     . HOH D 4 .   ? 7.772   8.565   -8.671  1.00 9.31  ? 425 HOH A O     1 
HETATM 1163 O O     . HOH D 4 .   ? -4.207  18.810  4.019   1.00 29.34 ? 426 HOH A O     1 
HETATM 1164 O O     . HOH D 4 .   ? -11.546 0.999   -11.888 1.00 42.16 ? 427 HOH A O     1 
HETATM 1165 O O     . HOH D 4 .   ? 0.838   -15.127 8.369   1.00 29.99 ? 428 HOH A O     1 
HETATM 1166 O O     . HOH D 4 .   ? -10.961 -14.326 -8.860  1.00 41.75 ? 429 HOH A O     1 
HETATM 1167 O O     . HOH D 4 .   ? -11.023 -6.626  -0.814  1.00 26.80 ? 430 HOH A O     1 
HETATM 1168 O O     . HOH D 4 .   ? 16.550  11.887  6.777   1.00 34.22 ? 431 HOH A O     1 
HETATM 1169 O O     . HOH D 4 .   ? -22.075 2.128   -6.118  1.00 47.46 ? 432 HOH A O     1 
HETATM 1170 O O     . HOH D 4 .   ? 9.227   0.287   -13.631 1.00 30.54 ? 433 HOH A O     1 
HETATM 1171 O O     . HOH D 4 .   ? -12.556 10.495  5.246   1.00 40.85 ? 434 HOH A O     1 
HETATM 1172 O O     . HOH D 4 .   ? -0.251  -17.198 0.881   1.00 30.85 ? 435 HOH A O     1 
HETATM 1173 O O     . HOH D 4 .   ? -5.349  2.142   10.022  1.00 35.79 ? 436 HOH A O     1 
HETATM 1174 O O     . HOH D 4 .   ? -9.534  -0.569  10.096  1.00 42.31 ? 437 HOH A O     1 
HETATM 1175 O O     . HOH D 4 .   ? 10.557  -15.633 1.066   1.00 41.54 ? 438 HOH A O     1 
HETATM 1176 O O     . HOH D 4 .   ? 3.436   14.826  11.356  1.00 21.35 ? 439 HOH A O     1 
HETATM 1177 O O     . HOH D 4 .   ? 15.724  7.364   3.805   1.00 40.21 ? 440 HOH A O     1 
HETATM 1178 O O     . HOH D 4 .   ? 15.167  17.086  3.696   1.00 38.26 ? 441 HOH A O     1 
HETATM 1179 O O     . HOH D 4 .   ? -20.406 0.809   -0.006  1.00 47.99 ? 442 HOH A O     1 
HETATM 1180 O O     . HOH D 4 .   ? -18.938 1.991   1.790   1.00 32.41 ? 443 HOH A O     1 
HETATM 1181 O O     . HOH D 4 .   ? 2.091   13.641  7.143   1.00 18.09 ? 444 HOH A O     1 
HETATM 1182 O O     . HOH D 4 .   ? 12.817  -1.293  -15.260 1.00 36.67 ? 445 HOH A O     1 
HETATM 1183 O O     . HOH D 4 .   ? -4.031  -0.346  15.616  1.00 39.82 ? 446 HOH A O     1 
HETATM 1184 O O     . HOH D 4 .   ? -7.156  13.320  9.283   1.00 32.81 ? 447 HOH A O     1 
HETATM 1185 O O     . HOH D 4 .   ? -2.739  -0.093  -15.075 1.00 31.75 ? 448 HOH A O     1 
HETATM 1186 O O     . HOH D 4 .   ? 3.623   -15.776 0.944   1.00 27.35 ? 449 HOH A O     1 
HETATM 1187 O O     . HOH D 4 .   ? 9.892   -13.017 4.535   1.00 36.07 ? 450 HOH A O     1 
HETATM 1188 O O     . HOH D 4 .   ? -8.968  -12.555 -3.931  1.00 39.99 ? 451 HOH A O     1 
HETATM 1189 O O     . HOH D 4 .   ? 8.662   11.628  -5.345  1.00 13.82 ? 452 HOH A O     1 
HETATM 1190 O O     . HOH D 4 .   ? 1.972   16.384  4.246   1.00 33.59 ? 453 HOH A O     1 
HETATM 1191 O O     . HOH D 4 .   ? 2.952   15.625  8.677   1.00 26.28 ? 454 HOH A O     1 
HETATM 1192 O O     . HOH D 4 .   ? 8.258   7.426   -6.099  1.00 11.71 ? 455 HOH A O     1 
HETATM 1193 O O     . HOH D 4 .   ? 15.244  -2.849  3.561   1.00 33.20 ? 456 HOH A O     1 
HETATM 1194 O O     . HOH D 4 .   ? 10.665  -7.047  8.228   1.00 35.28 ? 457 HOH A O     1 
HETATM 1195 O O     . HOH D 4 .   ? 19.463  -4.780  -11.053 1.00 32.50 ? 458 HOH A O     1 
HETATM 1196 O O     . HOH D 4 .   ? 3.606   -2.207  -15.466 1.00 41.46 ? 459 HOH A O     1 
HETATM 1197 O O     . HOH D 4 .   ? 8.665   17.726  1.677   1.00 43.47 ? 460 HOH A O     1 
HETATM 1198 O O     . HOH D 4 .   ? -17.078 6.293   1.755   1.00 37.28 ? 461 HOH A O     1 
HETATM 1199 O O     . HOH D 4 .   ? 14.576  -9.513  -2.952  1.00 37.95 ? 462 HOH A O     1 
HETATM 1200 O O     . HOH D 4 .   ? 7.720   14.923  0.356   1.00 37.20 ? 463 HOH A O     1 
HETATM 1201 O O     . HOH D 4 .   ? 6.329   -16.800 -2.459  1.00 38.27 ? 464 HOH A O     1 
HETATM 1202 O O     . HOH D 4 .   ? -11.730 -5.712  -6.268  1.00 35.67 ? 465 HOH A O     1 
HETATM 1203 O O     . HOH D 4 .   ? 16.248  5.174   2.049   1.00 36.75 ? 466 HOH A O     1 
HETATM 1204 O O     . HOH D 4 .   ? -1.040  16.219  6.879   1.00 29.51 ? 467 HOH A O     1 
HETATM 1205 O O     . HOH D 4 .   ? 13.632  0.510   6.064   1.00 21.80 ? 468 HOH A O     1 
HETATM 1206 O O     . HOH D 4 .   ? -20.519 -12.658 7.016   1.00 30.73 ? 469 HOH A O     1 
HETATM 1207 O O     . HOH D 4 .   ? -11.644 -6.327  13.914  1.00 32.79 ? 470 HOH A O     1 
HETATM 1208 O O     . HOH D 4 .   ? 14.882  -7.268  2.907   1.00 28.61 ? 471 HOH A O     1 
HETATM 1209 O O     . HOH D 4 .   ? 10.207  6.315   -7.391  0.50 14.25 ? 472 HOH A O     1 
HETATM 1210 O O     . HOH D 4 .   ? 4.427   15.005  3.424   1.00 45.72 ? 473 HOH A O     1 
HETATM 1211 O O     . HOH D 4 .   ? -4.464  12.698  11.545  1.00 45.43 ? 474 HOH A O     1 
HETATM 1212 O O     . HOH D 4 .   ? -10.396 -13.214 0.691   1.00 32.20 ? 475 HOH A O     1 
HETATM 1213 O O     . HOH D 4 .   ? -9.663  -4.060  -9.997  1.00 23.01 ? 476 HOH A O     1 
HETATM 1214 O O     . HOH D 4 .   ? -8.471  -0.042  -15.525 1.00 31.36 ? 477 HOH A O     1 
HETATM 1215 O O     . HOH D 4 .   ? 6.176   16.990  2.516   1.00 45.34 ? 478 HOH A O     1 
HETATM 1216 O O     . HOH D 4 .   ? -12.340 -13.166 -1.311  1.00 38.67 ? 479 HOH A O     1 
# 
loop_
_pdbx_poly_seq_scheme.asym_id 
_pdbx_poly_seq_scheme.entity_id 
_pdbx_poly_seq_scheme.seq_id 
_pdbx_poly_seq_scheme.mon_id 
_pdbx_poly_seq_scheme.ndb_seq_num 
_pdbx_poly_seq_scheme.pdb_seq_num 
_pdbx_poly_seq_scheme.auth_seq_num 
_pdbx_poly_seq_scheme.pdb_mon_id 
_pdbx_poly_seq_scheme.auth_mon_id 
_pdbx_poly_seq_scheme.pdb_strand_id 
_pdbx_poly_seq_scheme.pdb_ins_code 
_pdbx_poly_seq_scheme.hetero 
A 1 1   MET 1   -19 ?   ?   ?   A . n 
A 1 2   GLY 2   -18 ?   ?   ?   A . n 
A 1 3   SER 3   -17 ?   ?   ?   A . n 
A 1 4   SER 4   -16 ?   ?   ?   A . n 
A 1 5   HIS 5   -15 ?   ?   ?   A . n 
A 1 6   HIS 6   -14 ?   ?   ?   A . n 
A 1 7   HIS 7   -13 ?   ?   ?   A . n 
A 1 8   HIS 8   -12 ?   ?   ?   A . n 
A 1 9   HIS 9   -11 ?   ?   ?   A . n 
A 1 10  HIS 10  -10 ?   ?   ?   A . n 
A 1 11  SER 11  -9  ?   ?   ?   A . n 
A 1 12  SER 12  -8  ?   ?   ?   A . n 
A 1 13  GLY 13  -7  ?   ?   ?   A . n 
A 1 14  LEU 14  -6  ?   ?   ?   A . n 
A 1 15  VAL 15  -5  ?   ?   ?   A . n 
A 1 16  PRO 16  -4  ?   ?   ?   A . n 
A 1 17  ARG 17  -3  ?   ?   ?   A . n 
A 1 18  GLY 18  -2  ?   ?   ?   A . n 
A 1 19  SER 19  -1  ?   ?   ?   A . n 
A 1 20  HIS 20  0   ?   ?   ?   A . n 
A 1 21  MET 21  1   ?   ?   ?   A . n 
A 1 22  THR 22  2   ?   ?   ?   A . n 
A 1 23  LYS 23  3   3   LYS LYS A . n 
A 1 24  GLN 24  4   4   GLN GLN A . n 
A 1 25  ILE 25  5   5   ILE ILE A . n 
A 1 26  VAL 26  6   6   VAL VAL A . n 
A 1 27  VAL 27  7   7   VAL VAL A . n 
A 1 28  ALA 28  8   8   ALA ALA A . n 
A 1 29  GLY 29  9   9   GLY GLY A . n 
A 1 30  ALA 30  10  10  ALA ALA A . n 
A 1 31  LEU 31  11  11  LEU LEU A . n 
A 1 32  ILE 32  12  12  ILE ILE A . n 
A 1 33  SER 33  13  13  SER SER A . n 
A 1 34  ARG 34  14  14  ARG ARG A . n 
A 1 35  GLY 35  15  15  GLY GLY A . n 
A 1 36  THR 36  16  16  THR THR A . n 
A 1 37  LEU 37  17  17  LEU LEU A . n 
A 1 38  LEU 38  18  18  LEU LEU A . n 
A 1 39  VAL 39  19  19  VAL VAL A . n 
A 1 40  ALA 40  20  20  ALA ALA A . n 
A 1 41  GLN 41  21  21  GLN GLN A . n 
A 1 42  ARG 42  22  22  ARG ARG A . n 
A 1 43  ASP 43  23  23  ASP ASP A . n 
A 1 44  ARG 44  24  24  ARG ARG A . n 
A 1 45  PRO 45  25  25  PRO PRO A . n 
A 1 46  ALA 46  26  26  ALA ALA A . n 
A 1 47  GLU 47  27  27  GLU GLU A . n 
A 1 48  LEU 48  28  28  LEU LEU A . n 
A 1 49  ALA 49  29  29  ALA ALA A . n 
A 1 50  GLY 50  30  30  GLY GLY A . n 
A 1 51  LEU 51  31  31  LEU LEU A . n 
A 1 52  TRP 52  32  32  TRP TRP A . n 
A 1 53  GLU 53  33  33  GLU GLU A . n 
A 1 54  LEU 54  34  34  LEU LEU A . n 
A 1 55  PRO 55  35  35  PRO PRO A . n 
A 1 56  GLY 56  36  36  GLY GLY A . n 
A 1 57  GLY 57  37  37  GLY GLY A . n 
A 1 58  LYS 58  38  38  LYS LYS A . n 
A 1 59  VAL 59  39  39  VAL VAL A . n 
A 1 60  THR 60  40  40  THR THR A . n 
A 1 61  PRO 61  41  41  PRO PRO A . n 
A 1 62  GLY 62  42  42  GLY GLY A . n 
A 1 63  GLU 63  43  43  GLU GLU A . n 
A 1 64  SER 64  44  44  SER SER A . n 
A 1 65  ASP 65  45  45  ASP ASP A . n 
A 1 66  ALA 66  46  46  ALA ALA A . n 
A 1 67  ASP 67  47  47  ASP ASP A . n 
A 1 68  ALA 68  48  48  ALA ALA A . n 
A 1 69  LEU 69  49  49  LEU LEU A . n 
A 1 70  ALA 70  50  50  ALA ALA A . n 
A 1 71  ARG 71  51  51  ARG ARG A . n 
A 1 72  GLU 72  52  52  GLU GLU A . n 
A 1 73  LEU 73  53  53  LEU LEU A . n 
A 1 74  ARG 74  54  54  ARG ARG A . n 
A 1 75  GLU 75  55  55  GLU GLU A . n 
A 1 76  GLU 76  56  56  GLU GLU A . n 
A 1 77  LEU 77  57  57  LEU LEU A . n 
A 1 78  GLY 78  58  58  GLY GLY A . n 
A 1 79  VAL 79  59  59  VAL VAL A . n 
A 1 80  ASP 80  60  60  ASP ASP A . n 
A 1 81  VAL 81  61  61  VAL VAL A . n 
A 1 82  ALA 82  62  62  ALA ALA A . n 
A 1 83  VAL 83  63  63  VAL VAL A . n 
A 1 84  GLY 84  64  64  GLY GLY A . n 
A 1 85  GLU 85  65  65  GLU GLU A . n 
A 1 86  ARG 86  66  66  ARG ARG A . n 
A 1 87  LEU 87  67  67  LEU LEU A . n 
A 1 88  GLY 88  68  68  GLY GLY A . n 
A 1 89  ALA 89  69  69  ALA ALA A . n 
A 1 90  ASP 90  70  70  ASP ASP A . n 
A 1 91  VAL 91  71  71  VAL VAL A . n 
A 1 92  ALA 92  72  72  ALA ALA A . n 
A 1 93  LEU 93  73  73  LEU LEU A . n 
A 1 94  ASN 94  74  74  ASN ASN A . n 
A 1 95  ASP 95  75  75  ASP ASP A . n 
A 1 96  ALA 96  76  76  ALA ALA A . n 
A 1 97  MET 97  77  77  MET MET A . n 
A 1 98  THR 98  78  78  THR THR A . n 
A 1 99  LEU 99  79  79  LEU LEU A . n 
A 1 100 ARG 100 80  80  ARG ARG A . n 
A 1 101 ALA 101 81  81  ALA ALA A . n 
A 1 102 TYR 102 82  82  TYR TYR A . n 
A 1 103 ARG 103 83  83  ARG ARG A . n 
A 1 104 VAL 104 84  84  VAL VAL A . n 
A 1 105 THR 105 85  85  THR THR A . n 
A 1 106 LEU 106 86  86  LEU LEU A . n 
A 1 107 ARG 107 87  87  ARG ARG A . n 
A 1 108 SER 108 88  88  SER SER A . n 
A 1 109 GLY 109 89  89  GLY GLY A . n 
A 1 110 SER 110 90  90  SER SER A . n 
A 1 111 PRO 111 91  91  PRO PRO A . n 
A 1 112 HIS 112 92  92  HIS HIS A . n 
A 1 113 PRO 113 93  93  PRO PRO A . n 
A 1 114 HIS 114 94  94  HIS HIS A . n 
A 1 115 ASP 115 95  95  ASP ASP A . n 
A 1 116 HIS 116 96  96  HIS HIS A . n 
A 1 117 ARG 117 97  97  ARG ARG A . n 
A 1 118 ALA 118 98  98  ALA ALA A . n 
A 1 119 LEU 119 99  99  LEU LEU A . n 
A 1 120 ARG 120 100 100 ARG ARG A . n 
A 1 121 TRP 121 101 101 TRP TRP A . n 
A 1 122 VAL 122 102 102 VAL VAL A . n 
A 1 123 GLY 123 103 103 GLY GLY A . n 
A 1 124 ALA 124 104 104 ALA ALA A . n 
A 1 125 ASP 125 105 105 ASP ASP A . n 
A 1 126 GLU 126 106 106 GLU GLU A . n 
A 1 127 ILE 127 107 107 ILE ILE A . n 
A 1 128 ASP 128 108 108 ASP ASP A . n 
A 1 129 GLY 129 109 109 GLY GLY A . n 
A 1 130 LEU 130 110 110 LEU LEU A . n 
A 1 131 ALA 131 111 111 ALA ALA A . n 
A 1 132 TRP 132 112 112 TRP TRP A . n 
A 1 133 VAL 133 113 113 VAL VAL A . n 
A 1 134 PRO 134 114 114 PRO PRO A . n 
A 1 135 ALA 135 115 115 ALA ALA A . n 
A 1 136 ASP 136 116 116 ASP ASP A . n 
A 1 137 ARG 137 117 117 ARG ARG A . n 
A 1 138 ALA 138 118 118 ALA ALA A . n 
A 1 139 TRP 139 119 119 TRP TRP A . n 
A 1 140 VAL 140 120 120 VAL VAL A . n 
A 1 141 PRO 141 121 121 PRO PRO A . n 
A 1 142 ASP 142 122 122 ASP ASP A . n 
A 1 143 LEU 143 123 123 LEU LEU A . n 
A 1 144 VAL 144 124 124 VAL VAL A . n 
A 1 145 ALA 145 125 125 ALA ALA A . n 
A 1 146 ALA 146 126 126 ALA ALA A . n 
A 1 147 LEU 147 127 127 LEU LEU A . n 
A 1 148 SER 148 128 128 SER SER A . n 
A 1 149 GLY 149 129 129 GLY GLY A . n 
A 1 150 ARG 150 130 ?   ?   ?   A . n 
# 
loop_
_pdbx_nonpoly_scheme.asym_id 
_pdbx_nonpoly_scheme.entity_id 
_pdbx_nonpoly_scheme.mon_id 
_pdbx_nonpoly_scheme.ndb_seq_num 
_pdbx_nonpoly_scheme.pdb_seq_num 
_pdbx_nonpoly_scheme.auth_seq_num 
_pdbx_nonpoly_scheme.pdb_mon_id 
_pdbx_nonpoly_scheme.auth_mon_id 
_pdbx_nonpoly_scheme.pdb_strand_id 
_pdbx_nonpoly_scheme.pdb_ins_code 
B 2 EDO 1   201 1   EDO EDO A . 
C 3 C5P 1   202 1   C5P C5P A . 
D 4 HOH 1   301 147 HOH HOH A . 
D 4 HOH 2   302 177 HOH HOH A . 
D 4 HOH 3   303 142 HOH HOH A . 
D 4 HOH 4   304 112 HOH HOH A . 
D 4 HOH 5   305 183 HOH HOH A . 
D 4 HOH 6   306 178 HOH HOH A . 
D 4 HOH 7   307 143 HOH HOH A . 
D 4 HOH 8   308 125 HOH HOH A . 
D 4 HOH 9   309 118 HOH HOH A . 
D 4 HOH 10  310 160 HOH HOH A . 
D 4 HOH 11  311 119 HOH HOH A . 
D 4 HOH 12  312 98  HOH HOH A . 
D 4 HOH 13  313 26  HOH HOH A . 
D 4 HOH 14  314 157 HOH HOH A . 
D 4 HOH 15  315 7   HOH HOH A . 
D 4 HOH 16  316 148 HOH HOH A . 
D 4 HOH 17  317 126 HOH HOH A . 
D 4 HOH 18  318 154 HOH HOH A . 
D 4 HOH 19  319 156 HOH HOH A . 
D 4 HOH 20  320 36  HOH HOH A . 
D 4 HOH 21  321 53  HOH HOH A . 
D 4 HOH 22  322 121 HOH HOH A . 
D 4 HOH 23  323 16  HOH HOH A . 
D 4 HOH 24  324 47  HOH HOH A . 
D 4 HOH 25  325 85  HOH HOH A . 
D 4 HOH 26  326 51  HOH HOH A . 
D 4 HOH 27  327 41  HOH HOH A . 
D 4 HOH 28  328 123 HOH HOH A . 
D 4 HOH 29  329 81  HOH HOH A . 
D 4 HOH 30  330 65  HOH HOH A . 
D 4 HOH 31  331 106 HOH HOH A . 
D 4 HOH 32  332 95  HOH HOH A . 
D 4 HOH 33  333 170 HOH HOH A . 
D 4 HOH 34  334 139 HOH HOH A . 
D 4 HOH 35  335 30  HOH HOH A . 
D 4 HOH 36  336 141 HOH HOH A . 
D 4 HOH 37  337 117 HOH HOH A . 
D 4 HOH 38  338 69  HOH HOH A . 
D 4 HOH 39  339 138 HOH HOH A . 
D 4 HOH 40  340 115 HOH HOH A . 
D 4 HOH 41  341 171 HOH HOH A . 
D 4 HOH 42  342 38  HOH HOH A . 
D 4 HOH 43  343 15  HOH HOH A . 
D 4 HOH 44  344 74  HOH HOH A . 
D 4 HOH 45  345 1   HOH HOH A . 
D 4 HOH 46  346 6   HOH HOH A . 
D 4 HOH 47  347 86  HOH HOH A . 
D 4 HOH 48  348 80  HOH HOH A . 
D 4 HOH 49  349 114 HOH HOH A . 
D 4 HOH 50  350 29  HOH HOH A . 
D 4 HOH 51  351 24  HOH HOH A . 
D 4 HOH 52  352 32  HOH HOH A . 
D 4 HOH 53  353 3   HOH HOH A . 
D 4 HOH 54  354 31  HOH HOH A . 
D 4 HOH 55  355 128 HOH HOH A . 
D 4 HOH 56  356 78  HOH HOH A . 
D 4 HOH 57  357 27  HOH HOH A . 
D 4 HOH 58  358 150 HOH HOH A . 
D 4 HOH 59  359 35  HOH HOH A . 
D 4 HOH 60  360 50  HOH HOH A . 
D 4 HOH 61  361 2   HOH HOH A . 
D 4 HOH 62  362 102 HOH HOH A . 
D 4 HOH 63  363 37  HOH HOH A . 
D 4 HOH 64  364 4   HOH HOH A . 
D 4 HOH 65  365 76  HOH HOH A . 
D 4 HOH 66  366 14  HOH HOH A . 
D 4 HOH 67  367 13  HOH HOH A . 
D 4 HOH 68  368 191 HOH HOH A . 
D 4 HOH 69  369 43  HOH HOH A . 
D 4 HOH 70  370 110 HOH HOH A . 
D 4 HOH 71  371 8   HOH HOH A . 
D 4 HOH 72  372 93  HOH HOH A . 
D 4 HOH 73  373 193 HOH HOH A . 
D 4 HOH 74  374 40  HOH HOH A . 
D 4 HOH 75  375 21  HOH HOH A . 
D 4 HOH 76  376 42  HOH HOH A . 
D 4 HOH 77  377 19  HOH HOH A . 
D 4 HOH 78  378 113 HOH HOH A . 
D 4 HOH 79  379 33  HOH HOH A . 
D 4 HOH 80  380 192 HOH HOH A . 
D 4 HOH 81  381 12  HOH HOH A . 
D 4 HOH 82  382 127 HOH HOH A . 
D 4 HOH 83  383 49  HOH HOH A . 
D 4 HOH 84  384 111 HOH HOH A . 
D 4 HOH 85  385 67  HOH HOH A . 
D 4 HOH 86  386 96  HOH HOH A . 
D 4 HOH 87  387 200 HOH HOH A . 
D 4 HOH 88  388 25  HOH HOH A . 
D 4 HOH 89  389 104 HOH HOH A . 
D 4 HOH 90  390 5   HOH HOH A . 
D 4 HOH 91  391 103 HOH HOH A . 
D 4 HOH 92  392 66  HOH HOH A . 
D 4 HOH 93  393 151 HOH HOH A . 
D 4 HOH 94  394 116 HOH HOH A . 
D 4 HOH 95  395 130 HOH HOH A . 
D 4 HOH 96  396 107 HOH HOH A . 
D 4 HOH 97  397 20  HOH HOH A . 
D 4 HOH 98  398 28  HOH HOH A . 
D 4 HOH 99  399 44  HOH HOH A . 
D 4 HOH 100 400 135 HOH HOH A . 
D 4 HOH 101 401 155 HOH HOH A . 
D 4 HOH 102 402 22  HOH HOH A . 
D 4 HOH 103 403 164 HOH HOH A . 
D 4 HOH 104 404 94  HOH HOH A . 
D 4 HOH 105 405 188 HOH HOH A . 
D 4 HOH 106 406 77  HOH HOH A . 
D 4 HOH 107 407 48  HOH HOH A . 
D 4 HOH 108 408 23  HOH HOH A . 
D 4 HOH 109 409 91  HOH HOH A . 
D 4 HOH 110 410 134 HOH HOH A . 
D 4 HOH 111 411 89  HOH HOH A . 
D 4 HOH 112 412 75  HOH HOH A . 
D 4 HOH 113 413 83  HOH HOH A . 
D 4 HOH 114 414 144 HOH HOH A . 
D 4 HOH 115 415 124 HOH HOH A . 
D 4 HOH 116 416 100 HOH HOH A . 
D 4 HOH 117 417 46  HOH HOH A . 
D 4 HOH 118 418 133 HOH HOH A . 
D 4 HOH 119 419 165 HOH HOH A . 
D 4 HOH 120 420 146 HOH HOH A . 
D 4 HOH 121 421 62  HOH HOH A . 
D 4 HOH 122 422 84  HOH HOH A . 
D 4 HOH 123 423 140 HOH HOH A . 
D 4 HOH 124 424 60  HOH HOH A . 
D 4 HOH 125 425 10  HOH HOH A . 
D 4 HOH 126 426 63  HOH HOH A . 
D 4 HOH 127 427 187 HOH HOH A . 
D 4 HOH 128 428 90  HOH HOH A . 
D 4 HOH 129 429 131 HOH HOH A . 
D 4 HOH 130 430 99  HOH HOH A . 
D 4 HOH 131 431 97  HOH HOH A . 
D 4 HOH 132 432 184 HOH HOH A . 
D 4 HOH 133 433 105 HOH HOH A . 
D 4 HOH 134 434 201 HOH HOH A . 
D 4 HOH 135 435 109 HOH HOH A . 
D 4 HOH 136 436 159 HOH HOH A . 
D 4 HOH 137 437 145 HOH HOH A . 
D 4 HOH 138 438 169 HOH HOH A . 
D 4 HOH 139 439 73  HOH HOH A . 
D 4 HOH 140 440 137 HOH HOH A . 
D 4 HOH 141 441 132 HOH HOH A . 
D 4 HOH 142 442 161 HOH HOH A . 
D 4 HOH 143 443 45  HOH HOH A . 
D 4 HOH 144 444 92  HOH HOH A . 
D 4 HOH 145 445 108 HOH HOH A . 
D 4 HOH 146 446 167 HOH HOH A . 
D 4 HOH 147 447 64  HOH HOH A . 
D 4 HOH 148 448 204 HOH HOH A . 
D 4 HOH 149 449 79  HOH HOH A . 
D 4 HOH 150 450 196 HOH HOH A . 
D 4 HOH 151 451 198 HOH HOH A . 
D 4 HOH 152 452 9   HOH HOH A . 
D 4 HOH 153 453 181 HOH HOH A . 
D 4 HOH 154 454 203 HOH HOH A . 
D 4 HOH 155 455 11  HOH HOH A . 
D 4 HOH 156 456 87  HOH HOH A . 
D 4 HOH 157 457 190 HOH HOH A . 
D 4 HOH 158 458 194 HOH HOH A . 
D 4 HOH 159 459 173 HOH HOH A . 
D 4 HOH 160 460 180 HOH HOH A . 
D 4 HOH 161 461 136 HOH HOH A . 
D 4 HOH 162 462 152 HOH HOH A . 
D 4 HOH 163 463 175 HOH HOH A . 
D 4 HOH 164 464 197 HOH HOH A . 
D 4 HOH 165 465 179 HOH HOH A . 
D 4 HOH 166 466 149 HOH HOH A . 
D 4 HOH 167 467 72  HOH HOH A . 
D 4 HOH 168 468 82  HOH HOH A . 
D 4 HOH 169 469 176 HOH HOH A . 
D 4 HOH 170 470 195 HOH HOH A . 
D 4 HOH 171 471 70  HOH HOH A . 
D 4 HOH 172 472 34  HOH HOH A . 
D 4 HOH 173 473 158 HOH HOH A . 
D 4 HOH 174 474 162 HOH HOH A . 
D 4 HOH 175 475 189 HOH HOH A . 
D 4 HOH 176 476 18  HOH HOH A . 
D 4 HOH 177 477 202 HOH HOH A . 
D 4 HOH 178 478 163 HOH HOH A . 
D 4 HOH 179 479 199 HOH HOH A . 
# 
_pdbx_struct_assembly.id                   1 
_pdbx_struct_assembly.details              author_and_software_defined_assembly 
_pdbx_struct_assembly.method_details       PISA 
_pdbx_struct_assembly.oligomeric_details   monomeric 
_pdbx_struct_assembly.oligomeric_count     1 
# 
_pdbx_struct_assembly_gen.assembly_id       1 
_pdbx_struct_assembly_gen.oper_expression   1 
_pdbx_struct_assembly_gen.asym_id_list      A,B,C,D 
# 
loop_
_pdbx_struct_assembly_prop.biol_id 
_pdbx_struct_assembly_prop.type 
_pdbx_struct_assembly_prop.value 
_pdbx_struct_assembly_prop.details 
1 'ABSA (A^2)' 570  ? 
1 MORE         -1   ? 
1 'SSA (A^2)'  6260 ? 
# 
_pdbx_struct_oper_list.id                   1 
_pdbx_struct_oper_list.type                 'identity operation' 
_pdbx_struct_oper_list.name                 1_555 
_pdbx_struct_oper_list.symmetry_operation   x,y,z 
_pdbx_struct_oper_list.matrix[1][1]         1.0000000000 
_pdbx_struct_oper_list.matrix[1][2]         0.0000000000 
_pdbx_struct_oper_list.matrix[1][3]         0.0000000000 
_pdbx_struct_oper_list.vector[1]            0.0000000000 
_pdbx_struct_oper_list.matrix[2][1]         0.0000000000 
_pdbx_struct_oper_list.matrix[2][2]         1.0000000000 
_pdbx_struct_oper_list.matrix[2][3]         0.0000000000 
_pdbx_struct_oper_list.vector[2]            0.0000000000 
_pdbx_struct_oper_list.matrix[3][1]         0.0000000000 
_pdbx_struct_oper_list.matrix[3][2]         0.0000000000 
_pdbx_struct_oper_list.matrix[3][3]         1.0000000000 
_pdbx_struct_oper_list.vector[3]            0.0000000000 
# 
_pdbx_struct_special_symmetry.id              1 
_pdbx_struct_special_symmetry.PDB_model_num   1 
_pdbx_struct_special_symmetry.auth_asym_id    A 
_pdbx_struct_special_symmetry.auth_comp_id    HOH 
_pdbx_struct_special_symmetry.auth_seq_id     472 
_pdbx_struct_special_symmetry.PDB_ins_code    ? 
_pdbx_struct_special_symmetry.label_asym_id   D 
_pdbx_struct_special_symmetry.label_comp_id   HOH 
_pdbx_struct_special_symmetry.label_seq_id    . 
# 
loop_
_pdbx_audit_revision_history.ordinal 
_pdbx_audit_revision_history.data_content_type 
_pdbx_audit_revision_history.major_revision 
_pdbx_audit_revision_history.minor_revision 
_pdbx_audit_revision_history.revision_date 
1 'Structure model' 1 0 2019-04-24 
2 'Structure model' 1 1 2019-11-06 
3 'Structure model' 1 2 2023-11-22 
# 
_pdbx_audit_revision_details.ordinal             1 
_pdbx_audit_revision_details.revision_ordinal    1 
_pdbx_audit_revision_details.data_content_type   'Structure model' 
_pdbx_audit_revision_details.provider            repository 
_pdbx_audit_revision_details.type                'Initial release' 
_pdbx_audit_revision_details.description         ? 
_pdbx_audit_revision_details.details             ? 
# 
loop_
_pdbx_audit_revision_group.ordinal 
_pdbx_audit_revision_group.revision_ordinal 
_pdbx_audit_revision_group.data_content_type 
_pdbx_audit_revision_group.group 
1 2 'Structure model' 'Data collection'        
2 2 'Structure model' 'Database references'    
3 3 'Structure model' 'Data collection'        
4 3 'Structure model' 'Database references'    
5 3 'Structure model' 'Refinement description' 
# 
loop_
_pdbx_audit_revision_category.ordinal 
_pdbx_audit_revision_category.revision_ordinal 
_pdbx_audit_revision_category.data_content_type 
_pdbx_audit_revision_category.category 
1 2 'Structure model' citation                      
2 2 'Structure model' citation_author               
3 3 'Structure model' chem_comp_atom                
4 3 'Structure model' chem_comp_bond                
5 3 'Structure model' database_2                    
6 3 'Structure model' pdbx_initial_refinement_model 
# 
loop_
_pdbx_audit_revision_item.ordinal 
_pdbx_audit_revision_item.revision_ordinal 
_pdbx_audit_revision_item.data_content_type 
_pdbx_audit_revision_item.item 
1  2 'Structure model' '_citation.country'                   
2  2 'Structure model' '_citation.journal_abbrev'            
3  2 'Structure model' '_citation.journal_id_ASTM'           
4  2 'Structure model' '_citation.journal_id_CSD'            
5  2 'Structure model' '_citation.journal_id_ISSN'           
6  2 'Structure model' '_citation.journal_volume'            
7  2 'Structure model' '_citation.page_first'                
8  2 'Structure model' '_citation.page_last'                 
9  2 'Structure model' '_citation.pdbx_database_id_DOI'      
10 2 'Structure model' '_citation.pdbx_database_id_PubMed'   
11 2 'Structure model' '_citation.title'                     
12 2 'Structure model' '_citation.year'                      
13 2 'Structure model' '_citation_author.name'               
14 3 'Structure model' '_database_2.pdbx_DOI'                
15 3 'Structure model' '_database_2.pdbx_database_accession' 
# 
loop_
_software.citation_id 
_software.classification 
_software.compiler_name 
_software.compiler_version 
_software.contact_author 
_software.contact_author_email 
_software.date 
_software.description 
_software.dependencies 
_software.hardware 
_software.language 
_software.location 
_software.mods 
_software.name 
_software.os 
_software.os_version 
_software.type 
_software.version 
_software.pdbx_ordinal 
? refinement       ? ? ? ? ? ? ? ? ? ? ? REFMAC  ? ? ? 5.8.0049 1 
? 'data reduction' ? ? ? ? ? ? ? ? ? ? ? iMOSFLM ? ? ? .        2 
? 'data scaling'   ? ? ? ? ? ? ? ? ? ? ? SCALA   ? ? ? .        3 
? phasing          ? ? ? ? ? ? ? ? ? ? ? PHASER  ? ? ? .        4 
# 
_pdbx_validate_torsion.id              1 
_pdbx_validate_torsion.PDB_model_num   1 
_pdbx_validate_torsion.auth_comp_id    PRO 
_pdbx_validate_torsion.auth_asym_id    A 
_pdbx_validate_torsion.auth_seq_id     25 
_pdbx_validate_torsion.PDB_ins_code    ? 
_pdbx_validate_torsion.label_alt_id    ? 
_pdbx_validate_torsion.phi             -67.90 
_pdbx_validate_torsion.psi             -174.70 
# 
_pdbx_distant_solvent_atoms.id                                1 
_pdbx_distant_solvent_atoms.PDB_model_num                     1 
_pdbx_distant_solvent_atoms.auth_atom_id                      O 
_pdbx_distant_solvent_atoms.label_alt_id                      ? 
_pdbx_distant_solvent_atoms.auth_asym_id                      A 
_pdbx_distant_solvent_atoms.auth_comp_id                      HOH 
_pdbx_distant_solvent_atoms.auth_seq_id                       479 
_pdbx_distant_solvent_atoms.PDB_ins_code                      ? 
_pdbx_distant_solvent_atoms.neighbor_macromolecule_distance   5.85 
_pdbx_distant_solvent_atoms.neighbor_ligand_distance          . 
# 
loop_
_pdbx_unobs_or_zero_occ_atoms.id 
_pdbx_unobs_or_zero_occ_atoms.PDB_model_num 
_pdbx_unobs_or_zero_occ_atoms.polymer_flag 
_pdbx_unobs_or_zero_occ_atoms.occupancy_flag 
_pdbx_unobs_or_zero_occ_atoms.auth_asym_id 
_pdbx_unobs_or_zero_occ_atoms.auth_comp_id 
_pdbx_unobs_or_zero_occ_atoms.auth_seq_id 
_pdbx_unobs_or_zero_occ_atoms.PDB_ins_code 
_pdbx_unobs_or_zero_occ_atoms.auth_atom_id 
_pdbx_unobs_or_zero_occ_atoms.label_alt_id 
_pdbx_unobs_or_zero_occ_atoms.label_asym_id 
_pdbx_unobs_or_zero_occ_atoms.label_comp_id 
_pdbx_unobs_or_zero_occ_atoms.label_seq_id 
_pdbx_unobs_or_zero_occ_atoms.label_atom_id 
1  1 Y 1 A LYS 3  ? CE  ? A LYS 23  CE  
2  1 Y 1 A LYS 3  ? NZ  ? A LYS 23  NZ  
3  1 Y 1 A ARG 24 ? CZ  ? A ARG 44  CZ  
4  1 Y 1 A ARG 24 ? NH1 ? A ARG 44  NH1 
5  1 Y 1 A ARG 24 ? NH2 ? A ARG 44  NH2 
6  1 Y 1 A GLU 55 ? OE1 ? A GLU 75  OE1 
7  1 Y 1 A GLU 55 ? OE2 ? A GLU 75  OE2 
8  1 Y 1 A ASP 75 ? CG  ? A ASP 95  CG  
9  1 Y 1 A ASP 75 ? OD1 ? A ASP 95  OD1 
10 1 Y 1 A ASP 75 ? OD2 ? A ASP 95  OD2 
11 1 Y 1 A ASP 95 ? OD1 ? A ASP 115 OD1 
12 1 Y 1 A ASP 95 ? OD2 ? A ASP 115 OD2 
# 
loop_
_pdbx_unobs_or_zero_occ_residues.id 
_pdbx_unobs_or_zero_occ_residues.PDB_model_num 
_pdbx_unobs_or_zero_occ_residues.polymer_flag 
_pdbx_unobs_or_zero_occ_residues.occupancy_flag 
_pdbx_unobs_or_zero_occ_residues.auth_asym_id 
_pdbx_unobs_or_zero_occ_residues.auth_comp_id 
_pdbx_unobs_or_zero_occ_residues.auth_seq_id 
_pdbx_unobs_or_zero_occ_residues.PDB_ins_code 
_pdbx_unobs_or_zero_occ_residues.label_asym_id 
_pdbx_unobs_or_zero_occ_residues.label_comp_id 
_pdbx_unobs_or_zero_occ_residues.label_seq_id 
1  1 Y 1 A MET -19 ? A MET 1   
2  1 Y 1 A GLY -18 ? A GLY 2   
3  1 Y 1 A SER -17 ? A SER 3   
4  1 Y 1 A SER -16 ? A SER 4   
5  1 Y 1 A HIS -15 ? A HIS 5   
6  1 Y 1 A HIS -14 ? A HIS 6   
7  1 Y 1 A HIS -13 ? A HIS 7   
8  1 Y 1 A HIS -12 ? A HIS 8   
9  1 Y 1 A HIS -11 ? A HIS 9   
10 1 Y 1 A HIS -10 ? A HIS 10  
11 1 Y 1 A SER -9  ? A SER 11  
12 1 Y 1 A SER -8  ? A SER 12  
13 1 Y 1 A GLY -7  ? A GLY 13  
14 1 Y 1 A LEU -6  ? A LEU 14  
15 1 Y 1 A VAL -5  ? A VAL 15  
16 1 Y 1 A PRO -4  ? A PRO 16  
17 1 Y 1 A ARG -3  ? A ARG 17  
18 1 Y 1 A GLY -2  ? A GLY 18  
19 1 Y 1 A SER -1  ? A SER 19  
20 1 Y 1 A HIS 0   ? A HIS 20  
21 1 Y 1 A MET 1   ? A MET 21  
22 1 Y 1 A THR 2   ? A THR 22  
23 1 Y 1 A ARG 130 ? A ARG 150 
# 
loop_
_chem_comp_atom.comp_id 
_chem_comp_atom.atom_id 
_chem_comp_atom.type_symbol 
_chem_comp_atom.pdbx_aromatic_flag 
_chem_comp_atom.pdbx_stereo_config 
_chem_comp_atom.pdbx_ordinal 
ALA N      N N N 1   
ALA CA     C N S 2   
ALA C      C N N 3   
ALA O      O N N 4   
ALA CB     C N N 5   
ALA OXT    O N N 6   
ALA H      H N N 7   
ALA H2     H N N 8   
ALA HA     H N N 9   
ALA HB1    H N N 10  
ALA HB2    H N N 11  
ALA HB3    H N N 12  
ALA HXT    H N N 13  
ARG N      N N N 14  
ARG CA     C N S 15  
ARG C      C N N 16  
ARG O      O N N 17  
ARG CB     C N N 18  
ARG CG     C N N 19  
ARG CD     C N N 20  
ARG NE     N N N 21  
ARG CZ     C N N 22  
ARG NH1    N N N 23  
ARG NH2    N N N 24  
ARG OXT    O N N 25  
ARG H      H N N 26  
ARG H2     H N N 27  
ARG HA     H N N 28  
ARG HB2    H N N 29  
ARG HB3    H N N 30  
ARG HG2    H N N 31  
ARG HG3    H N N 32  
ARG HD2    H N N 33  
ARG HD3    H N N 34  
ARG HE     H N N 35  
ARG HH11   H N N 36  
ARG HH12   H N N 37  
ARG HH21   H N N 38  
ARG HH22   H N N 39  
ARG HXT    H N N 40  
ASN N      N N N 41  
ASN CA     C N S 42  
ASN C      C N N 43  
ASN O      O N N 44  
ASN CB     C N N 45  
ASN CG     C N N 46  
ASN OD1    O N N 47  
ASN ND2    N N N 48  
ASN OXT    O N N 49  
ASN H      H N N 50  
ASN H2     H N N 51  
ASN HA     H N N 52  
ASN HB2    H N N 53  
ASN HB3    H N N 54  
ASN HD21   H N N 55  
ASN HD22   H N N 56  
ASN HXT    H N N 57  
ASP N      N N N 58  
ASP CA     C N S 59  
ASP C      C N N 60  
ASP O      O N N 61  
ASP CB     C N N 62  
ASP CG     C N N 63  
ASP OD1    O N N 64  
ASP OD2    O N N 65  
ASP OXT    O N N 66  
ASP H      H N N 67  
ASP H2     H N N 68  
ASP HA     H N N 69  
ASP HB2    H N N 70  
ASP HB3    H N N 71  
ASP HD2    H N N 72  
ASP HXT    H N N 73  
C5P O3P    O N N 74  
C5P P      P N N 75  
C5P O1P    O N N 76  
C5P O2P    O N N 77  
C5P "O5'"  O N N 78  
C5P "C5'"  C N N 79  
C5P "C4'"  C N R 80  
C5P "O4'"  O N N 81  
C5P "C3'"  C N S 82  
C5P "O3'"  O N N 83  
C5P "C2'"  C N R 84  
C5P "O2'"  O N N 85  
C5P "C1'"  C N R 86  
C5P N1     N N N 87  
C5P C2     C N N 88  
C5P N3     N N N 89  
C5P C4     C N N 90  
C5P C5     C N N 91  
C5P C6     C N N 92  
C5P O2     O N N 93  
C5P N4     N N N 94  
C5P HOP3   H N N 95  
C5P HOP2   H N N 96  
C5P "H5'1" H N N 97  
C5P "H5'2" H N N 98  
C5P "H4'"  H N N 99  
C5P "H3'"  H N N 100 
C5P "HO3'" H N N 101 
C5P "H2'1" H N N 102 
C5P "HO2'" H N N 103 
C5P "H1'"  H N N 104 
C5P H5     H N N 105 
C5P H6     H N N 106 
C5P HN41   H N N 107 
C5P HN42   H N N 108 
EDO C1     C N N 109 
EDO O1     O N N 110 
EDO C2     C N N 111 
EDO O2     O N N 112 
EDO H11    H N N 113 
EDO H12    H N N 114 
EDO HO1    H N N 115 
EDO H21    H N N 116 
EDO H22    H N N 117 
EDO HO2    H N N 118 
GLN N      N N N 119 
GLN CA     C N S 120 
GLN C      C N N 121 
GLN O      O N N 122 
GLN CB     C N N 123 
GLN CG     C N N 124 
GLN CD     C N N 125 
GLN OE1    O N N 126 
GLN NE2    N N N 127 
GLN OXT    O N N 128 
GLN H      H N N 129 
GLN H2     H N N 130 
GLN HA     H N N 131 
GLN HB2    H N N 132 
GLN HB3    H N N 133 
GLN HG2    H N N 134 
GLN HG3    H N N 135 
GLN HE21   H N N 136 
GLN HE22   H N N 137 
GLN HXT    H N N 138 
GLU N      N N N 139 
GLU CA     C N S 140 
GLU C      C N N 141 
GLU O      O N N 142 
GLU CB     C N N 143 
GLU CG     C N N 144 
GLU CD     C N N 145 
GLU OE1    O N N 146 
GLU OE2    O N N 147 
GLU OXT    O N N 148 
GLU H      H N N 149 
GLU H2     H N N 150 
GLU HA     H N N 151 
GLU HB2    H N N 152 
GLU HB3    H N N 153 
GLU HG2    H N N 154 
GLU HG3    H N N 155 
GLU HE2    H N N 156 
GLU HXT    H N N 157 
GLY N      N N N 158 
GLY CA     C N N 159 
GLY C      C N N 160 
GLY O      O N N 161 
GLY OXT    O N N 162 
GLY H      H N N 163 
GLY H2     H N N 164 
GLY HA2    H N N 165 
GLY HA3    H N N 166 
GLY HXT    H N N 167 
HIS N      N N N 168 
HIS CA     C N S 169 
HIS C      C N N 170 
HIS O      O N N 171 
HIS CB     C N N 172 
HIS CG     C Y N 173 
HIS ND1    N Y N 174 
HIS CD2    C Y N 175 
HIS CE1    C Y N 176 
HIS NE2    N Y N 177 
HIS OXT    O N N 178 
HIS H      H N N 179 
HIS H2     H N N 180 
HIS HA     H N N 181 
HIS HB2    H N N 182 
HIS HB3    H N N 183 
HIS HD1    H N N 184 
HIS HD2    H N N 185 
HIS HE1    H N N 186 
HIS HE2    H N N 187 
HIS HXT    H N N 188 
HOH O      O N N 189 
HOH H1     H N N 190 
HOH H2     H N N 191 
ILE N      N N N 192 
ILE CA     C N S 193 
ILE C      C N N 194 
ILE O      O N N 195 
ILE CB     C N S 196 
ILE CG1    C N N 197 
ILE CG2    C N N 198 
ILE CD1    C N N 199 
ILE OXT    O N N 200 
ILE H      H N N 201 
ILE H2     H N N 202 
ILE HA     H N N 203 
ILE HB     H N N 204 
ILE HG12   H N N 205 
ILE HG13   H N N 206 
ILE HG21   H N N 207 
ILE HG22   H N N 208 
ILE HG23   H N N 209 
ILE HD11   H N N 210 
ILE HD12   H N N 211 
ILE HD13   H N N 212 
ILE HXT    H N N 213 
LEU N      N N N 214 
LEU CA     C N S 215 
LEU C      C N N 216 
LEU O      O N N 217 
LEU CB     C N N 218 
LEU CG     C N N 219 
LEU CD1    C N N 220 
LEU CD2    C N N 221 
LEU OXT    O N N 222 
LEU H      H N N 223 
LEU H2     H N N 224 
LEU HA     H N N 225 
LEU HB2    H N N 226 
LEU HB3    H N N 227 
LEU HG     H N N 228 
LEU HD11   H N N 229 
LEU HD12   H N N 230 
LEU HD13   H N N 231 
LEU HD21   H N N 232 
LEU HD22   H N N 233 
LEU HD23   H N N 234 
LEU HXT    H N N 235 
LYS N      N N N 236 
LYS CA     C N S 237 
LYS C      C N N 238 
LYS O      O N N 239 
LYS CB     C N N 240 
LYS CG     C N N 241 
LYS CD     C N N 242 
LYS CE     C N N 243 
LYS NZ     N N N 244 
LYS OXT    O N N 245 
LYS H      H N N 246 
LYS H2     H N N 247 
LYS HA     H N N 248 
LYS HB2    H N N 249 
LYS HB3    H N N 250 
LYS HG2    H N N 251 
LYS HG3    H N N 252 
LYS HD2    H N N 253 
LYS HD3    H N N 254 
LYS HE2    H N N 255 
LYS HE3    H N N 256 
LYS HZ1    H N N 257 
LYS HZ2    H N N 258 
LYS HZ3    H N N 259 
LYS HXT    H N N 260 
MET N      N N N 261 
MET CA     C N S 262 
MET C      C N N 263 
MET O      O N N 264 
MET CB     C N N 265 
MET CG     C N N 266 
MET SD     S N N 267 
MET CE     C N N 268 
MET OXT    O N N 269 
MET H      H N N 270 
MET H2     H N N 271 
MET HA     H N N 272 
MET HB2    H N N 273 
MET HB3    H N N 274 
MET HG2    H N N 275 
MET HG3    H N N 276 
MET HE1    H N N 277 
MET HE2    H N N 278 
MET HE3    H N N 279 
MET HXT    H N N 280 
PRO N      N N N 281 
PRO CA     C N S 282 
PRO C      C N N 283 
PRO O      O N N 284 
PRO CB     C N N 285 
PRO CG     C N N 286 
PRO CD     C N N 287 
PRO OXT    O N N 288 
PRO H      H N N 289 
PRO HA     H N N 290 
PRO HB2    H N N 291 
PRO HB3    H N N 292 
PRO HG2    H N N 293 
PRO HG3    H N N 294 
PRO HD2    H N N 295 
PRO HD3    H N N 296 
PRO HXT    H N N 297 
SER N      N N N 298 
SER CA     C N S 299 
SER C      C N N 300 
SER O      O N N 301 
SER CB     C N N 302 
SER OG     O N N 303 
SER OXT    O N N 304 
SER H      H N N 305 
SER H2     H N N 306 
SER HA     H N N 307 
SER HB2    H N N 308 
SER HB3    H N N 309 
SER HG     H N N 310 
SER HXT    H N N 311 
THR N      N N N 312 
THR CA     C N S 313 
THR C      C N N 314 
THR O      O N N 315 
THR CB     C N R 316 
THR OG1    O N N 317 
THR CG2    C N N 318 
THR OXT    O N N 319 
THR H      H N N 320 
THR H2     H N N 321 
THR HA     H N N 322 
THR HB     H N N 323 
THR HG1    H N N 324 
THR HG21   H N N 325 
THR HG22   H N N 326 
THR HG23   H N N 327 
THR HXT    H N N 328 
TRP N      N N N 329 
TRP CA     C N S 330 
TRP C      C N N 331 
TRP O      O N N 332 
TRP CB     C N N 333 
TRP CG     C Y N 334 
TRP CD1    C Y N 335 
TRP CD2    C Y N 336 
TRP NE1    N Y N 337 
TRP CE2    C Y N 338 
TRP CE3    C Y N 339 
TRP CZ2    C Y N 340 
TRP CZ3    C Y N 341 
TRP CH2    C Y N 342 
TRP OXT    O N N 343 
TRP H      H N N 344 
TRP H2     H N N 345 
TRP HA     H N N 346 
TRP HB2    H N N 347 
TRP HB3    H N N 348 
TRP HD1    H N N 349 
TRP HE1    H N N 350 
TRP HE3    H N N 351 
TRP HZ2    H N N 352 
TRP HZ3    H N N 353 
TRP HH2    H N N 354 
TRP HXT    H N N 355 
TYR N      N N N 356 
TYR CA     C N S 357 
TYR C      C N N 358 
TYR O      O N N 359 
TYR CB     C N N 360 
TYR CG     C Y N 361 
TYR CD1    C Y N 362 
TYR CD2    C Y N 363 
TYR CE1    C Y N 364 
TYR CE2    C Y N 365 
TYR CZ     C Y N 366 
TYR OH     O N N 367 
TYR OXT    O N N 368 
TYR H      H N N 369 
TYR H2     H N N 370 
TYR HA     H N N 371 
TYR HB2    H N N 372 
TYR HB3    H N N 373 
TYR HD1    H N N 374 
TYR HD2    H N N 375 
TYR HE1    H N N 376 
TYR HE2    H N N 377 
TYR HH     H N N 378 
TYR HXT    H N N 379 
VAL N      N N N 380 
VAL CA     C N S 381 
VAL C      C N N 382 
VAL O      O N N 383 
VAL CB     C N N 384 
VAL CG1    C N N 385 
VAL CG2    C N N 386 
VAL OXT    O N N 387 
VAL H      H N N 388 
VAL H2     H N N 389 
VAL HA     H N N 390 
VAL HB     H N N 391 
VAL HG11   H N N 392 
VAL HG12   H N N 393 
VAL HG13   H N N 394 
VAL HG21   H N N 395 
VAL HG22   H N N 396 
VAL HG23   H N N 397 
VAL HXT    H N N 398 
# 
loop_
_chem_comp_bond.comp_id 
_chem_comp_bond.atom_id_1 
_chem_comp_bond.atom_id_2 
_chem_comp_bond.value_order 
_chem_comp_bond.pdbx_aromatic_flag 
_chem_comp_bond.pdbx_stereo_config 
_chem_comp_bond.pdbx_ordinal 
ALA N     CA     sing N N 1   
ALA N     H      sing N N 2   
ALA N     H2     sing N N 3   
ALA CA    C      sing N N 4   
ALA CA    CB     sing N N 5   
ALA CA    HA     sing N N 6   
ALA C     O      doub N N 7   
ALA C     OXT    sing N N 8   
ALA CB    HB1    sing N N 9   
ALA CB    HB2    sing N N 10  
ALA CB    HB3    sing N N 11  
ALA OXT   HXT    sing N N 12  
ARG N     CA     sing N N 13  
ARG N     H      sing N N 14  
ARG N     H2     sing N N 15  
ARG CA    C      sing N N 16  
ARG CA    CB     sing N N 17  
ARG CA    HA     sing N N 18  
ARG C     O      doub N N 19  
ARG C     OXT    sing N N 20  
ARG CB    CG     sing N N 21  
ARG CB    HB2    sing N N 22  
ARG CB    HB3    sing N N 23  
ARG CG    CD     sing N N 24  
ARG CG    HG2    sing N N 25  
ARG CG    HG3    sing N N 26  
ARG CD    NE     sing N N 27  
ARG CD    HD2    sing N N 28  
ARG CD    HD3    sing N N 29  
ARG NE    CZ     sing N N 30  
ARG NE    HE     sing N N 31  
ARG CZ    NH1    sing N N 32  
ARG CZ    NH2    doub N N 33  
ARG NH1   HH11   sing N N 34  
ARG NH1   HH12   sing N N 35  
ARG NH2   HH21   sing N N 36  
ARG NH2   HH22   sing N N 37  
ARG OXT   HXT    sing N N 38  
ASN N     CA     sing N N 39  
ASN N     H      sing N N 40  
ASN N     H2     sing N N 41  
ASN CA    C      sing N N 42  
ASN CA    CB     sing N N 43  
ASN CA    HA     sing N N 44  
ASN C     O      doub N N 45  
ASN C     OXT    sing N N 46  
ASN CB    CG     sing N N 47  
ASN CB    HB2    sing N N 48  
ASN CB    HB3    sing N N 49  
ASN CG    OD1    doub N N 50  
ASN CG    ND2    sing N N 51  
ASN ND2   HD21   sing N N 52  
ASN ND2   HD22   sing N N 53  
ASN OXT   HXT    sing N N 54  
ASP N     CA     sing N N 55  
ASP N     H      sing N N 56  
ASP N     H2     sing N N 57  
ASP CA    C      sing N N 58  
ASP CA    CB     sing N N 59  
ASP CA    HA     sing N N 60  
ASP C     O      doub N N 61  
ASP C     OXT    sing N N 62  
ASP CB    CG     sing N N 63  
ASP CB    HB2    sing N N 64  
ASP CB    HB3    sing N N 65  
ASP CG    OD1    doub N N 66  
ASP CG    OD2    sing N N 67  
ASP OD2   HD2    sing N N 68  
ASP OXT   HXT    sing N N 69  
C5P O3P   P      sing N N 70  
C5P O3P   HOP3   sing N N 71  
C5P P     O1P    doub N N 72  
C5P P     O2P    sing N N 73  
C5P P     "O5'"  sing N N 74  
C5P O2P   HOP2   sing N N 75  
C5P "O5'" "C5'"  sing N N 76  
C5P "C5'" "C4'"  sing N N 77  
C5P "C5'" "H5'1" sing N N 78  
C5P "C5'" "H5'2" sing N N 79  
C5P "C4'" "O4'"  sing N N 80  
C5P "C4'" "C3'"  sing N N 81  
C5P "C4'" "H4'"  sing N N 82  
C5P "O4'" "C1'"  sing N N 83  
C5P "C3'" "O3'"  sing N N 84  
C5P "C3'" "C2'"  sing N N 85  
C5P "C3'" "H3'"  sing N N 86  
C5P "O3'" "HO3'" sing N N 87  
C5P "C2'" "O2'"  sing N N 88  
C5P "C2'" "C1'"  sing N N 89  
C5P "C2'" "H2'1" sing N N 90  
C5P "O2'" "HO2'" sing N N 91  
C5P "C1'" N1     sing N N 92  
C5P "C1'" "H1'"  sing N N 93  
C5P N1    C2     sing N N 94  
C5P N1    C6     sing N N 95  
C5P C2    N3     sing N N 96  
C5P C2    O2     doub N N 97  
C5P N3    C4     doub N N 98  
C5P C4    C5     sing N N 99  
C5P C4    N4     sing N N 100 
C5P C5    C6     doub N N 101 
C5P C5    H5     sing N N 102 
C5P C6    H6     sing N N 103 
C5P N4    HN41   sing N N 104 
C5P N4    HN42   sing N N 105 
EDO C1    O1     sing N N 106 
EDO C1    C2     sing N N 107 
EDO C1    H11    sing N N 108 
EDO C1    H12    sing N N 109 
EDO O1    HO1    sing N N 110 
EDO C2    O2     sing N N 111 
EDO C2    H21    sing N N 112 
EDO C2    H22    sing N N 113 
EDO O2    HO2    sing N N 114 
GLN N     CA     sing N N 115 
GLN N     H      sing N N 116 
GLN N     H2     sing N N 117 
GLN CA    C      sing N N 118 
GLN CA    CB     sing N N 119 
GLN CA    HA     sing N N 120 
GLN C     O      doub N N 121 
GLN C     OXT    sing N N 122 
GLN CB    CG     sing N N 123 
GLN CB    HB2    sing N N 124 
GLN CB    HB3    sing N N 125 
GLN CG    CD     sing N N 126 
GLN CG    HG2    sing N N 127 
GLN CG    HG3    sing N N 128 
GLN CD    OE1    doub N N 129 
GLN CD    NE2    sing N N 130 
GLN NE2   HE21   sing N N 131 
GLN NE2   HE22   sing N N 132 
GLN OXT   HXT    sing N N 133 
GLU N     CA     sing N N 134 
GLU N     H      sing N N 135 
GLU N     H2     sing N N 136 
GLU CA    C      sing N N 137 
GLU CA    CB     sing N N 138 
GLU CA    HA     sing N N 139 
GLU C     O      doub N N 140 
GLU C     OXT    sing N N 141 
GLU CB    CG     sing N N 142 
GLU CB    HB2    sing N N 143 
GLU CB    HB3    sing N N 144 
GLU CG    CD     sing N N 145 
GLU CG    HG2    sing N N 146 
GLU CG    HG3    sing N N 147 
GLU CD    OE1    doub N N 148 
GLU CD    OE2    sing N N 149 
GLU OE2   HE2    sing N N 150 
GLU OXT   HXT    sing N N 151 
GLY N     CA     sing N N 152 
GLY N     H      sing N N 153 
GLY N     H2     sing N N 154 
GLY CA    C      sing N N 155 
GLY CA    HA2    sing N N 156 
GLY CA    HA3    sing N N 157 
GLY C     O      doub N N 158 
GLY C     OXT    sing N N 159 
GLY OXT   HXT    sing N N 160 
HIS N     CA     sing N N 161 
HIS N     H      sing N N 162 
HIS N     H2     sing N N 163 
HIS CA    C      sing N N 164 
HIS CA    CB     sing N N 165 
HIS CA    HA     sing N N 166 
HIS C     O      doub N N 167 
HIS C     OXT    sing N N 168 
HIS CB    CG     sing N N 169 
HIS CB    HB2    sing N N 170 
HIS CB    HB3    sing N N 171 
HIS CG    ND1    sing Y N 172 
HIS CG    CD2    doub Y N 173 
HIS ND1   CE1    doub Y N 174 
HIS ND1   HD1    sing N N 175 
HIS CD2   NE2    sing Y N 176 
HIS CD2   HD2    sing N N 177 
HIS CE1   NE2    sing Y N 178 
HIS CE1   HE1    sing N N 179 
HIS NE2   HE2    sing N N 180 
HIS OXT   HXT    sing N N 181 
HOH O     H1     sing N N 182 
HOH O     H2     sing N N 183 
ILE N     CA     sing N N 184 
ILE N     H      sing N N 185 
ILE N     H2     sing N N 186 
ILE CA    C      sing N N 187 
ILE CA    CB     sing N N 188 
ILE CA    HA     sing N N 189 
ILE C     O      doub N N 190 
ILE C     OXT    sing N N 191 
ILE CB    CG1    sing N N 192 
ILE CB    CG2    sing N N 193 
ILE CB    HB     sing N N 194 
ILE CG1   CD1    sing N N 195 
ILE CG1   HG12   sing N N 196 
ILE CG1   HG13   sing N N 197 
ILE CG2   HG21   sing N N 198 
ILE CG2   HG22   sing N N 199 
ILE CG2   HG23   sing N N 200 
ILE CD1   HD11   sing N N 201 
ILE CD1   HD12   sing N N 202 
ILE CD1   HD13   sing N N 203 
ILE OXT   HXT    sing N N 204 
LEU N     CA     sing N N 205 
LEU N     H      sing N N 206 
LEU N     H2     sing N N 207 
LEU CA    C      sing N N 208 
LEU CA    CB     sing N N 209 
LEU CA    HA     sing N N 210 
LEU C     O      doub N N 211 
LEU C     OXT    sing N N 212 
LEU CB    CG     sing N N 213 
LEU CB    HB2    sing N N 214 
LEU CB    HB3    sing N N 215 
LEU CG    CD1    sing N N 216 
LEU CG    CD2    sing N N 217 
LEU CG    HG     sing N N 218 
LEU CD1   HD11   sing N N 219 
LEU CD1   HD12   sing N N 220 
LEU CD1   HD13   sing N N 221 
LEU CD2   HD21   sing N N 222 
LEU CD2   HD22   sing N N 223 
LEU CD2   HD23   sing N N 224 
LEU OXT   HXT    sing N N 225 
LYS N     CA     sing N N 226 
LYS N     H      sing N N 227 
LYS N     H2     sing N N 228 
LYS CA    C      sing N N 229 
LYS CA    CB     sing N N 230 
LYS CA    HA     sing N N 231 
LYS C     O      doub N N 232 
LYS C     OXT    sing N N 233 
LYS CB    CG     sing N N 234 
LYS CB    HB2    sing N N 235 
LYS CB    HB3    sing N N 236 
LYS CG    CD     sing N N 237 
LYS CG    HG2    sing N N 238 
LYS CG    HG3    sing N N 239 
LYS CD    CE     sing N N 240 
LYS CD    HD2    sing N N 241 
LYS CD    HD3    sing N N 242 
LYS CE    NZ     sing N N 243 
LYS CE    HE2    sing N N 244 
LYS CE    HE3    sing N N 245 
LYS NZ    HZ1    sing N N 246 
LYS NZ    HZ2    sing N N 247 
LYS NZ    HZ3    sing N N 248 
LYS OXT   HXT    sing N N 249 
MET N     CA     sing N N 250 
MET N     H      sing N N 251 
MET N     H2     sing N N 252 
MET CA    C      sing N N 253 
MET CA    CB     sing N N 254 
MET CA    HA     sing N N 255 
MET C     O      doub N N 256 
MET C     OXT    sing N N 257 
MET CB    CG     sing N N 258 
MET CB    HB2    sing N N 259 
MET CB    HB3    sing N N 260 
MET CG    SD     sing N N 261 
MET CG    HG2    sing N N 262 
MET CG    HG3    sing N N 263 
MET SD    CE     sing N N 264 
MET CE    HE1    sing N N 265 
MET CE    HE2    sing N N 266 
MET CE    HE3    sing N N 267 
MET OXT   HXT    sing N N 268 
PRO N     CA     sing N N 269 
PRO N     CD     sing N N 270 
PRO N     H      sing N N 271 
PRO CA    C      sing N N 272 
PRO CA    CB     sing N N 273 
PRO CA    HA     sing N N 274 
PRO C     O      doub N N 275 
PRO C     OXT    sing N N 276 
PRO CB    CG     sing N N 277 
PRO CB    HB2    sing N N 278 
PRO CB    HB3    sing N N 279 
PRO CG    CD     sing N N 280 
PRO CG    HG2    sing N N 281 
PRO CG    HG3    sing N N 282 
PRO CD    HD2    sing N N 283 
PRO CD    HD3    sing N N 284 
PRO OXT   HXT    sing N N 285 
SER N     CA     sing N N 286 
SER N     H      sing N N 287 
SER N     H2     sing N N 288 
SER CA    C      sing N N 289 
SER CA    CB     sing N N 290 
SER CA    HA     sing N N 291 
SER C     O      doub N N 292 
SER C     OXT    sing N N 293 
SER CB    OG     sing N N 294 
SER CB    HB2    sing N N 295 
SER CB    HB3    sing N N 296 
SER OG    HG     sing N N 297 
SER OXT   HXT    sing N N 298 
THR N     CA     sing N N 299 
THR N     H      sing N N 300 
THR N     H2     sing N N 301 
THR CA    C      sing N N 302 
THR CA    CB     sing N N 303 
THR CA    HA     sing N N 304 
THR C     O      doub N N 305 
THR C     OXT    sing N N 306 
THR CB    OG1    sing N N 307 
THR CB    CG2    sing N N 308 
THR CB    HB     sing N N 309 
THR OG1   HG1    sing N N 310 
THR CG2   HG21   sing N N 311 
THR CG2   HG22   sing N N 312 
THR CG2   HG23   sing N N 313 
THR OXT   HXT    sing N N 314 
TRP N     CA     sing N N 315 
TRP N     H      sing N N 316 
TRP N     H2     sing N N 317 
TRP CA    C      sing N N 318 
TRP CA    CB     sing N N 319 
TRP CA    HA     sing N N 320 
TRP C     O      doub N N 321 
TRP C     OXT    sing N N 322 
TRP CB    CG     sing N N 323 
TRP CB    HB2    sing N N 324 
TRP CB    HB3    sing N N 325 
TRP CG    CD1    doub Y N 326 
TRP CG    CD2    sing Y N 327 
TRP CD1   NE1    sing Y N 328 
TRP CD1   HD1    sing N N 329 
TRP CD2   CE2    doub Y N 330 
TRP CD2   CE3    sing Y N 331 
TRP NE1   CE2    sing Y N 332 
TRP NE1   HE1    sing N N 333 
TRP CE2   CZ2    sing Y N 334 
TRP CE3   CZ3    doub Y N 335 
TRP CE3   HE3    sing N N 336 
TRP CZ2   CH2    doub Y N 337 
TRP CZ2   HZ2    sing N N 338 
TRP CZ3   CH2    sing Y N 339 
TRP CZ3   HZ3    sing N N 340 
TRP CH2   HH2    sing N N 341 
TRP OXT   HXT    sing N N 342 
TYR N     CA     sing N N 343 
TYR N     H      sing N N 344 
TYR N     H2     sing N N 345 
TYR CA    C      sing N N 346 
TYR CA    CB     sing N N 347 
TYR CA    HA     sing N N 348 
TYR C     O      doub N N 349 
TYR C     OXT    sing N N 350 
TYR CB    CG     sing N N 351 
TYR CB    HB2    sing N N 352 
TYR CB    HB3    sing N N 353 
TYR CG    CD1    doub Y N 354 
TYR CG    CD2    sing Y N 355 
TYR CD1   CE1    sing Y N 356 
TYR CD1   HD1    sing N N 357 
TYR CD2   CE2    doub Y N 358 
TYR CD2   HD2    sing N N 359 
TYR CE1   CZ     doub Y N 360 
TYR CE1   HE1    sing N N 361 
TYR CE2   CZ     sing Y N 362 
TYR CE2   HE2    sing N N 363 
TYR CZ    OH     sing N N 364 
TYR OH    HH     sing N N 365 
TYR OXT   HXT    sing N N 366 
VAL N     CA     sing N N 367 
VAL N     H      sing N N 368 
VAL N     H2     sing N N 369 
VAL CA    C      sing N N 370 
VAL CA    CB     sing N N 371 
VAL CA    HA     sing N N 372 
VAL C     O      doub N N 373 
VAL C     OXT    sing N N 374 
VAL CB    CG1    sing N N 375 
VAL CB    CG2    sing N N 376 
VAL CB    HB     sing N N 377 
VAL CG1   HG11   sing N N 378 
VAL CG1   HG12   sing N N 379 
VAL CG1   HG13   sing N N 380 
VAL CG2   HG21   sing N N 381 
VAL CG2   HG22   sing N N 382 
VAL CG2   HG23   sing N N 383 
VAL OXT   HXT    sing N N 384 
# 
_pdbx_entity_instance_feature.ordinal        1 
_pdbx_entity_instance_feature.comp_id        C5P 
_pdbx_entity_instance_feature.asym_id        ? 
_pdbx_entity_instance_feature.seq_num        ? 
_pdbx_entity_instance_feature.auth_comp_id   C5P 
_pdbx_entity_instance_feature.auth_asym_id   ? 
_pdbx_entity_instance_feature.auth_seq_num   ? 
_pdbx_entity_instance_feature.feature_type   'SUBJECT OF INVESTIGATION' 
_pdbx_entity_instance_feature.details        ? 
# 
loop_
_pdbx_entity_nonpoly.entity_id 
_pdbx_entity_nonpoly.name 
_pdbx_entity_nonpoly.comp_id 
2 1,2-ETHANEDIOL              EDO 
3 "CYTIDINE-5'-MONOPHOSPHATE" C5P 
4 water                       HOH 
# 
_pdbx_initial_refinement_model.id               1 
_pdbx_initial_refinement_model.entity_id_list   ? 
_pdbx_initial_refinement_model.type             'experimental model' 
_pdbx_initial_refinement_model.source_name      PDB 
_pdbx_initial_refinement_model.accession_code   5ZRC 
_pdbx_initial_refinement_model.details          ? 
# 
_pdbx_struct_assembly_auth_evidence.id                     1 
_pdbx_struct_assembly_auth_evidence.assembly_id            1 
_pdbx_struct_assembly_auth_evidence.experimental_support   'gel filtration' 
_pdbx_struct_assembly_auth_evidence.details                ? 
# 
